data_3EXQ
# 
_entry.id   3EXQ 
# 
_audit_conform.dict_name       mmcif_pdbx.dic 
_audit_conform.dict_version    5.397 
_audit_conform.dict_location   http://mmcif.pdb.org/dictionaries/ascii/mmcif_pdbx.dic 
# 
loop_
_database_2.database_id 
_database_2.database_code 
_database_2.pdbx_database_accession 
_database_2.pdbx_DOI 
PDB   3EXQ         pdb_00003exq 10.2210/pdb3exq/pdb 
RCSB  RCSB049898   ?            ?                   
WWPDB D_1000049898 ?            ?                   
# 
loop_
_pdbx_audit_revision_history.ordinal 
_pdbx_audit_revision_history.data_content_type 
_pdbx_audit_revision_history.major_revision 
_pdbx_audit_revision_history.minor_revision 
_pdbx_audit_revision_history.revision_date 
1 'Structure model' 1 0 2008-11-04 
2 'Structure model' 1 1 2011-07-13 
3 'Structure model' 1 2 2021-02-10 
4 'Structure model' 1 3 2023-12-27 
5 'Structure model' 1 4 2024-10-09 
# 
_pdbx_audit_revision_details.ordinal             1 
_pdbx_audit_revision_details.revision_ordinal    1 
_pdbx_audit_revision_details.data_content_type   'Structure model' 
_pdbx_audit_revision_details.provider            repository 
_pdbx_audit_revision_details.type                'Initial release' 
_pdbx_audit_revision_details.description         ? 
_pdbx_audit_revision_details.details             ? 
# 
loop_
_pdbx_audit_revision_group.ordinal 
_pdbx_audit_revision_group.revision_ordinal 
_pdbx_audit_revision_group.data_content_type 
_pdbx_audit_revision_group.group 
1 2 'Structure model' 'Version format compliance' 
2 3 'Structure model' 'Database references'       
3 3 'Structure model' 'Derived calculations'      
4 3 'Structure model' 'Structure summary'         
5 4 'Structure model' 'Data collection'           
6 4 'Structure model' 'Database references'       
7 5 'Structure model' 'Structure summary'         
# 
loop_
_pdbx_audit_revision_category.ordinal 
_pdbx_audit_revision_category.revision_ordinal 
_pdbx_audit_revision_category.data_content_type 
_pdbx_audit_revision_category.category 
1 3 'Structure model' audit_author              
2 3 'Structure model' citation_author           
3 3 'Structure model' struct_conn               
4 3 'Structure model' struct_site               
5 4 'Structure model' chem_comp_atom            
6 4 'Structure model' chem_comp_bond            
7 4 'Structure model' database_2                
8 5 'Structure model' pdbx_entry_details        
9 5 'Structure model' pdbx_modification_feature 
# 
loop_
_pdbx_audit_revision_item.ordinal 
_pdbx_audit_revision_item.revision_ordinal 
_pdbx_audit_revision_item.data_content_type 
_pdbx_audit_revision_item.item 
1 3 'Structure model' '_audit_author.identifier_ORCID'      
2 3 'Structure model' '_citation_author.identifier_ORCID'   
3 3 'Structure model' '_struct_conn.pdbx_leaving_atom_flag' 
4 3 'Structure model' '_struct_site.pdbx_auth_asym_id'      
5 3 'Structure model' '_struct_site.pdbx_auth_comp_id'      
6 3 'Structure model' '_struct_site.pdbx_auth_seq_id'       
7 4 'Structure model' '_database_2.pdbx_DOI'                
8 4 'Structure model' '_database_2.pdbx_database_accession' 
# 
_pdbx_database_status.status_code                     REL 
_pdbx_database_status.entry_id                        3EXQ 
_pdbx_database_status.recvd_initial_deposition_date   2008-10-16 
_pdbx_database_status.deposit_site                    RCSB 
_pdbx_database_status.process_site                    RCSB 
_pdbx_database_status.status_code_sf                  REL 
_pdbx_database_status.status_code_mr                  ? 
_pdbx_database_status.SG_entry                        Y 
_pdbx_database_status.pdb_format_compatible           Y 
_pdbx_database_status.status_code_cs                  ? 
_pdbx_database_status.status_code_nmr_data            ? 
_pdbx_database_status.methods_development_category    ? 
# 
_pdbx_database_related.db_name        TargetDB 
_pdbx_database_related.db_id          NYSGXRC-11180k 
_pdbx_database_related.details        . 
_pdbx_database_related.content_type   unspecified 
# 
loop_
_audit_author.name 
_audit_author.pdbx_ordinal 
_audit_author.identifier_ORCID 
'Palani, K.'                                                     1 ?                   
'Burley, S.K.'                                                   2 0000-0002-2487-9713 
'Swaminathan, S.'                                                3 ?                   
'New York SGX Research Center for Structural Genomics (NYSGXRC)' 4 ?                   
# 
_citation.id                        primary 
_citation.title                     'Crystal structure of a NUDIX family hydrolase from Lactobacillus brevis' 
_citation.journal_abbrev            'To be Published' 
_citation.journal_volume            ? 
_citation.page_first                ? 
_citation.page_last                 ? 
_citation.year                      ? 
_citation.journal_id_ASTM           ? 
_citation.country                   ? 
_citation.journal_id_ISSN           ? 
_citation.journal_id_CSD            0353 
_citation.book_publisher            ? 
_citation.pdbx_database_id_PubMed   ? 
_citation.pdbx_database_id_DOI      ? 
# 
loop_
_citation_author.citation_id 
_citation_author.name 
_citation_author.ordinal 
_citation_author.identifier_ORCID 
primary 'Palani, K.'      1 ?                   
primary 'Burley, S.K.'    2 0000-0002-2487-9713 
primary 'Swaminathan, S.' 3 ?                   
# 
loop_
_entity.id 
_entity.type 
_entity.src_method 
_entity.pdbx_description 
_entity.formula_weight 
_entity.pdbx_number_of_molecules 
_entity.pdbx_ec 
_entity.pdbx_mutation 
_entity.pdbx_fragment 
_entity.details 
1 polymer     man 'NUDIX family hydrolase' 17986.666 1   ? ? ? ? 
2 non-polymer syn 'SULFATE ION'            96.063    2   ? ? ? ? 
3 water       nat water                    18.015    143 ? ? ? ? 
# 
_entity_poly.entity_id                      1 
_entity_poly.type                           'polypeptide(L)' 
_entity_poly.nstd_linkage                   no 
_entity_poly.nstd_monomer                   yes 
_entity_poly.pdbx_seq_one_letter_code       
;(MSE)SLTRTQPVELVT(MSE)V(MSE)VTDPETQRVLVEDKVNVPWKAGHSFPGGHVEVGEPCATAAIREVFEETGLRL
SGVTFCGTCEWFDDDRQHRKLGLLYRASNFTGTLKASAEGQLSWLPITALTRENSAASLPEFLQVFTGTASTLVSDSWNG
NLRIDEGHHHHHH
;
_entity_poly.pdbx_seq_one_letter_code_can   
;MSLTRTQPVELVTMVMVTDPETQRVLVEDKVNVPWKAGHSFPGGHVEVGEPCATAAIREVFEETGLRLSGVTFCGTCEWF
DDDRQHRKLGLLYRASNFTGTLKASAEGQLSWLPITALTRENSAASLPEFLQVFTGTASTLVSDSWNGNLRIDEGHHHHH
H
;
_entity_poly.pdbx_strand_id                 A 
_entity_poly.pdbx_target_identifier         NYSGXRC-11180k 
# 
loop_
_pdbx_entity_nonpoly.entity_id 
_pdbx_entity_nonpoly.name 
_pdbx_entity_nonpoly.comp_id 
2 'SULFATE ION' SO4 
3 water         HOH 
# 
loop_
_entity_poly_seq.entity_id 
_entity_poly_seq.num 
_entity_poly_seq.mon_id 
_entity_poly_seq.hetero 
1 1   MSE n 
1 2   SER n 
1 3   LEU n 
1 4   THR n 
1 5   ARG n 
1 6   THR n 
1 7   GLN n 
1 8   PRO n 
1 9   VAL n 
1 10  GLU n 
1 11  LEU n 
1 12  VAL n 
1 13  THR n 
1 14  MSE n 
1 15  VAL n 
1 16  MSE n 
1 17  VAL n 
1 18  THR n 
1 19  ASP n 
1 20  PRO n 
1 21  GLU n 
1 22  THR n 
1 23  GLN n 
1 24  ARG n 
1 25  VAL n 
1 26  LEU n 
1 27  VAL n 
1 28  GLU n 
1 29  ASP n 
1 30  LYS n 
1 31  VAL n 
1 32  ASN n 
1 33  VAL n 
1 34  PRO n 
1 35  TRP n 
1 36  LYS n 
1 37  ALA n 
1 38  GLY n 
1 39  HIS n 
1 40  SER n 
1 41  PHE n 
1 42  PRO n 
1 43  GLY n 
1 44  GLY n 
1 45  HIS n 
1 46  VAL n 
1 47  GLU n 
1 48  VAL n 
1 49  GLY n 
1 50  GLU n 
1 51  PRO n 
1 52  CYS n 
1 53  ALA n 
1 54  THR n 
1 55  ALA n 
1 56  ALA n 
1 57  ILE n 
1 58  ARG n 
1 59  GLU n 
1 60  VAL n 
1 61  PHE n 
1 62  GLU n 
1 63  GLU n 
1 64  THR n 
1 65  GLY n 
1 66  LEU n 
1 67  ARG n 
1 68  LEU n 
1 69  SER n 
1 70  GLY n 
1 71  VAL n 
1 72  THR n 
1 73  PHE n 
1 74  CYS n 
1 75  GLY n 
1 76  THR n 
1 77  CYS n 
1 78  GLU n 
1 79  TRP n 
1 80  PHE n 
1 81  ASP n 
1 82  ASP n 
1 83  ASP n 
1 84  ARG n 
1 85  GLN n 
1 86  HIS n 
1 87  ARG n 
1 88  LYS n 
1 89  LEU n 
1 90  GLY n 
1 91  LEU n 
1 92  LEU n 
1 93  TYR n 
1 94  ARG n 
1 95  ALA n 
1 96  SER n 
1 97  ASN n 
1 98  PHE n 
1 99  THR n 
1 100 GLY n 
1 101 THR n 
1 102 LEU n 
1 103 LYS n 
1 104 ALA n 
1 105 SER n 
1 106 ALA n 
1 107 GLU n 
1 108 GLY n 
1 109 GLN n 
1 110 LEU n 
1 111 SER n 
1 112 TRP n 
1 113 LEU n 
1 114 PRO n 
1 115 ILE n 
1 116 THR n 
1 117 ALA n 
1 118 LEU n 
1 119 THR n 
1 120 ARG n 
1 121 GLU n 
1 122 ASN n 
1 123 SER n 
1 124 ALA n 
1 125 ALA n 
1 126 SER n 
1 127 LEU n 
1 128 PRO n 
1 129 GLU n 
1 130 PHE n 
1 131 LEU n 
1 132 GLN n 
1 133 VAL n 
1 134 PHE n 
1 135 THR n 
1 136 GLY n 
1 137 THR n 
1 138 ALA n 
1 139 SER n 
1 140 THR n 
1 141 LEU n 
1 142 VAL n 
1 143 SER n 
1 144 ASP n 
1 145 SER n 
1 146 TRP n 
1 147 ASN n 
1 148 GLY n 
1 149 ASN n 
1 150 LEU n 
1 151 ARG n 
1 152 ILE n 
1 153 ASP n 
1 154 GLU n 
1 155 GLY n 
1 156 HIS n 
1 157 HIS n 
1 158 HIS n 
1 159 HIS n 
1 160 HIS n 
1 161 HIS n 
# 
_entity_src_gen.entity_id                          1 
_entity_src_gen.pdbx_src_id                        1 
_entity_src_gen.pdbx_alt_source_flag               sample 
_entity_src_gen.pdbx_seq_type                      ? 
_entity_src_gen.pdbx_beg_seq_num                   ? 
_entity_src_gen.pdbx_end_seq_num                   ? 
_entity_src_gen.gene_src_common_name               ? 
_entity_src_gen.gene_src_genus                     ? 
_entity_src_gen.pdbx_gene_src_gene                 LVIS_0842 
_entity_src_gen.gene_src_species                   ? 
_entity_src_gen.gene_src_strain                    ? 
_entity_src_gen.gene_src_tissue                    ? 
_entity_src_gen.gene_src_tissue_fraction           ? 
_entity_src_gen.gene_src_details                   ? 
_entity_src_gen.pdbx_gene_src_fragment             ? 
_entity_src_gen.pdbx_gene_src_scientific_name      'Lactobacillus brevis ATCC 367' 
_entity_src_gen.pdbx_gene_src_ncbi_taxonomy_id     387344 
_entity_src_gen.pdbx_gene_src_variant              ? 
_entity_src_gen.pdbx_gene_src_cell_line            ? 
_entity_src_gen.pdbx_gene_src_atcc                 ? 
_entity_src_gen.pdbx_gene_src_organ                ? 
_entity_src_gen.pdbx_gene_src_organelle            ? 
_entity_src_gen.pdbx_gene_src_cell                 ? 
_entity_src_gen.pdbx_gene_src_cellular_location    ? 
_entity_src_gen.host_org_common_name               ? 
_entity_src_gen.pdbx_host_org_scientific_name      'Escherichia coli' 
_entity_src_gen.pdbx_host_org_ncbi_taxonomy_id     562 
_entity_src_gen.host_org_genus                     ? 
_entity_src_gen.pdbx_host_org_gene                 ? 
_entity_src_gen.pdbx_host_org_organ                ? 
_entity_src_gen.host_org_species                   ? 
_entity_src_gen.pdbx_host_org_tissue               ? 
_entity_src_gen.pdbx_host_org_tissue_fraction      ? 
_entity_src_gen.pdbx_host_org_strain               'BL21(DE3)' 
_entity_src_gen.pdbx_host_org_variant              ? 
_entity_src_gen.pdbx_host_org_cell_line            ? 
_entity_src_gen.pdbx_host_org_atcc                 ? 
_entity_src_gen.pdbx_host_org_culture_collection   ? 
_entity_src_gen.pdbx_host_org_cell                 ? 
_entity_src_gen.pdbx_host_org_organelle            ? 
_entity_src_gen.pdbx_host_org_cellular_location    ? 
_entity_src_gen.pdbx_host_org_vector_type          PLASMID 
_entity_src_gen.pdbx_host_org_vector               ? 
_entity_src_gen.host_org_details                   ? 
_entity_src_gen.expression_system_id               ? 
_entity_src_gen.plasmid_name                       'BC-pSGX3 (BC)' 
_entity_src_gen.plasmid_details                    ? 
_entity_src_gen.pdbx_description                   ? 
# 
loop_
_chem_comp.id 
_chem_comp.type 
_chem_comp.mon_nstd_flag 
_chem_comp.name 
_chem_comp.pdbx_synonyms 
_chem_comp.formula 
_chem_comp.formula_weight 
ALA 'L-peptide linking' y ALANINE          ? 'C3 H7 N O2'     89.093  
ARG 'L-peptide linking' y ARGININE         ? 'C6 H15 N4 O2 1' 175.209 
ASN 'L-peptide linking' y ASPARAGINE       ? 'C4 H8 N2 O3'    132.118 
ASP 'L-peptide linking' y 'ASPARTIC ACID'  ? 'C4 H7 N O4'     133.103 
CYS 'L-peptide linking' y CYSTEINE         ? 'C3 H7 N O2 S'   121.158 
GLN 'L-peptide linking' y GLUTAMINE        ? 'C5 H10 N2 O3'   146.144 
GLU 'L-peptide linking' y 'GLUTAMIC ACID'  ? 'C5 H9 N O4'     147.129 
GLY 'peptide linking'   y GLYCINE          ? 'C2 H5 N O2'     75.067  
HIS 'L-peptide linking' y HISTIDINE        ? 'C6 H10 N3 O2 1' 156.162 
HOH non-polymer         . WATER            ? 'H2 O'           18.015  
ILE 'L-peptide linking' y ISOLEUCINE       ? 'C6 H13 N O2'    131.173 
LEU 'L-peptide linking' y LEUCINE          ? 'C6 H13 N O2'    131.173 
LYS 'L-peptide linking' y LYSINE           ? 'C6 H15 N2 O2 1' 147.195 
MSE 'L-peptide linking' n SELENOMETHIONINE ? 'C5 H11 N O2 Se' 196.106 
PHE 'L-peptide linking' y PHENYLALANINE    ? 'C9 H11 N O2'    165.189 
PRO 'L-peptide linking' y PROLINE          ? 'C5 H9 N O2'     115.130 
SER 'L-peptide linking' y SERINE           ? 'C3 H7 N O3'     105.093 
SO4 non-polymer         . 'SULFATE ION'    ? 'O4 S -2'        96.063  
THR 'L-peptide linking' y THREONINE        ? 'C4 H9 N O3'     119.119 
TRP 'L-peptide linking' y TRYPTOPHAN       ? 'C11 H12 N2 O2'  204.225 
TYR 'L-peptide linking' y TYROSINE         ? 'C9 H11 N O3'    181.189 
VAL 'L-peptide linking' y VALINE           ? 'C5 H11 N O2'    117.146 
# 
loop_
_pdbx_poly_seq_scheme.asym_id 
_pdbx_poly_seq_scheme.entity_id 
_pdbx_poly_seq_scheme.seq_id 
_pdbx_poly_seq_scheme.mon_id 
_pdbx_poly_seq_scheme.ndb_seq_num 
_pdbx_poly_seq_scheme.pdb_seq_num 
_pdbx_poly_seq_scheme.auth_seq_num 
_pdbx_poly_seq_scheme.pdb_mon_id 
_pdbx_poly_seq_scheme.auth_mon_id 
_pdbx_poly_seq_scheme.pdb_strand_id 
_pdbx_poly_seq_scheme.pdb_ins_code 
_pdbx_poly_seq_scheme.hetero 
A 1 1   MSE 1   1   ?   ?   ?   A . n 
A 1 2   SER 2   2   ?   ?   ?   A . n 
A 1 3   LEU 3   3   3   LEU LEU A . n 
A 1 4   THR 4   4   4   THR THR A . n 
A 1 5   ARG 5   5   5   ARG ARG A . n 
A 1 6   THR 6   6   6   THR THR A . n 
A 1 7   GLN 7   7   7   GLN GLN A . n 
A 1 8   PRO 8   8   8   PRO PRO A . n 
A 1 9   VAL 9   9   9   VAL VAL A . n 
A 1 10  GLU 10  10  10  GLU GLU A . n 
A 1 11  LEU 11  11  11  LEU LEU A . n 
A 1 12  VAL 12  12  12  VAL VAL A . n 
A 1 13  THR 13  13  13  THR THR A . n 
A 1 14  MSE 14  14  14  MSE MSE A . n 
A 1 15  VAL 15  15  15  VAL VAL A . n 
A 1 16  MSE 16  16  16  MSE MSE A . n 
A 1 17  VAL 17  17  17  VAL VAL A . n 
A 1 18  THR 18  18  18  THR THR A . n 
A 1 19  ASP 19  19  19  ASP ASP A . n 
A 1 20  PRO 20  20  20  PRO PRO A . n 
A 1 21  GLU 21  21  21  GLU GLU A . n 
A 1 22  THR 22  22  22  THR THR A . n 
A 1 23  GLN 23  23  23  GLN GLN A . n 
A 1 24  ARG 24  24  24  ARG ARG A . n 
A 1 25  VAL 25  25  25  VAL VAL A . n 
A 1 26  LEU 26  26  26  LEU LEU A . n 
A 1 27  VAL 27  27  27  VAL VAL A . n 
A 1 28  GLU 28  28  28  GLU GLU A . n 
A 1 29  ASP 29  29  29  ASP ASP A . n 
A 1 30  LYS 30  30  30  LYS LYS A . n 
A 1 31  VAL 31  31  31  VAL VAL A . n 
A 1 32  ASN 32  32  32  ASN ASN A . n 
A 1 33  VAL 33  33  33  VAL VAL A . n 
A 1 34  PRO 34  34  34  PRO PRO A . n 
A 1 35  TRP 35  35  35  TRP TRP A . n 
A 1 36  LYS 36  36  36  LYS LYS A . n 
A 1 37  ALA 37  37  37  ALA ALA A . n 
A 1 38  GLY 38  38  38  GLY GLY A . n 
A 1 39  HIS 39  39  39  HIS HIS A . n 
A 1 40  SER 40  40  40  SER SER A . n 
A 1 41  PHE 41  41  41  PHE PHE A . n 
A 1 42  PRO 42  42  42  PRO PRO A . n 
A 1 43  GLY 43  43  43  GLY GLY A . n 
A 1 44  GLY 44  44  44  GLY GLY A . n 
A 1 45  HIS 45  45  45  HIS HIS A . n 
A 1 46  VAL 46  46  46  VAL VAL A . n 
A 1 47  GLU 47  47  47  GLU GLU A . n 
A 1 48  VAL 48  48  48  VAL VAL A . n 
A 1 49  GLY 49  49  49  GLY GLY A . n 
A 1 50  GLU 50  50  50  GLU GLU A . n 
A 1 51  PRO 51  51  51  PRO PRO A . n 
A 1 52  CYS 52  52  52  CYS CYS A . n 
A 1 53  ALA 53  53  53  ALA ALA A . n 
A 1 54  THR 54  54  54  THR THR A . n 
A 1 55  ALA 55  55  55  ALA ALA A . n 
A 1 56  ALA 56  56  56  ALA ALA A . n 
A 1 57  ILE 57  57  57  ILE ILE A . n 
A 1 58  ARG 58  58  58  ARG ARG A . n 
A 1 59  GLU 59  59  59  GLU GLU A . n 
A 1 60  VAL 60  60  60  VAL VAL A . n 
A 1 61  PHE 61  61  61  PHE PHE A . n 
A 1 62  GLU 62  62  62  GLU GLU A . n 
A 1 63  GLU 63  63  63  GLU GLU A . n 
A 1 64  THR 64  64  64  THR THR A . n 
A 1 65  GLY 65  65  65  GLY GLY A . n 
A 1 66  LEU 66  66  66  LEU LEU A . n 
A 1 67  ARG 67  67  67  ARG ARG A . n 
A 1 68  LEU 68  68  68  LEU LEU A . n 
A 1 69  SER 69  69  69  SER SER A . n 
A 1 70  GLY 70  70  70  GLY GLY A . n 
A 1 71  VAL 71  71  71  VAL VAL A . n 
A 1 72  THR 72  72  72  THR THR A . n 
A 1 73  PHE 73  73  73  PHE PHE A . n 
A 1 74  CYS 74  74  74  CYS CYS A . n 
A 1 75  GLY 75  75  75  GLY GLY A . n 
A 1 76  THR 76  76  76  THR THR A . n 
A 1 77  CYS 77  77  77  CYS CYS A . n 
A 1 78  GLU 78  78  78  GLU GLU A . n 
A 1 79  TRP 79  79  79  TRP TRP A . n 
A 1 80  PHE 80  80  80  PHE PHE A . n 
A 1 81  ASP 81  81  81  ASP ASP A . n 
A 1 82  ASP 82  82  82  ASP ASP A . n 
A 1 83  ASP 83  83  83  ASP ASP A . n 
A 1 84  ARG 84  84  84  ARG ARG A . n 
A 1 85  GLN 85  85  85  GLN GLN A . n 
A 1 86  HIS 86  86  86  HIS HIS A . n 
A 1 87  ARG 87  87  87  ARG ARG A . n 
A 1 88  LYS 88  88  88  LYS LYS A . n 
A 1 89  LEU 89  89  89  LEU LEU A . n 
A 1 90  GLY 90  90  90  GLY GLY A . n 
A 1 91  LEU 91  91  91  LEU LEU A . n 
A 1 92  LEU 92  92  92  LEU LEU A . n 
A 1 93  TYR 93  93  93  TYR TYR A . n 
A 1 94  ARG 94  94  94  ARG ARG A . n 
A 1 95  ALA 95  95  95  ALA ALA A . n 
A 1 96  SER 96  96  96  SER SER A . n 
A 1 97  ASN 97  97  97  ASN ASN A . n 
A 1 98  PHE 98  98  98  PHE PHE A . n 
A 1 99  THR 99  99  99  THR THR A . n 
A 1 100 GLY 100 100 100 GLY GLY A . n 
A 1 101 THR 101 101 101 THR THR A . n 
A 1 102 LEU 102 102 102 LEU LEU A . n 
A 1 103 LYS 103 103 103 LYS LYS A . n 
A 1 104 ALA 104 104 104 ALA ALA A . n 
A 1 105 SER 105 105 105 SER SER A . n 
A 1 106 ALA 106 106 106 ALA ALA A . n 
A 1 107 GLU 107 107 107 GLU GLU A . n 
A 1 108 GLY 108 108 108 GLY GLY A . n 
A 1 109 GLN 109 109 109 GLN GLN A . n 
A 1 110 LEU 110 110 110 LEU LEU A . n 
A 1 111 SER 111 111 111 SER SER A . n 
A 1 112 TRP 112 112 112 TRP TRP A . n 
A 1 113 LEU 113 113 113 LEU LEU A . n 
A 1 114 PRO 114 114 114 PRO PRO A . n 
A 1 115 ILE 115 115 115 ILE ILE A . n 
A 1 116 THR 116 116 116 THR THR A . n 
A 1 117 ALA 117 117 117 ALA ALA A . n 
A 1 118 LEU 118 118 118 LEU LEU A . n 
A 1 119 THR 119 119 119 THR THR A . n 
A 1 120 ARG 120 120 120 ARG ARG A . n 
A 1 121 GLU 121 121 121 GLU GLU A . n 
A 1 122 ASN 122 122 122 ASN ASN A . n 
A 1 123 SER 123 123 123 SER SER A . n 
A 1 124 ALA 124 124 124 ALA ALA A . n 
A 1 125 ALA 125 125 125 ALA ALA A . n 
A 1 126 SER 126 126 126 SER SER A . n 
A 1 127 LEU 127 127 127 LEU LEU A . n 
A 1 128 PRO 128 128 128 PRO PRO A . n 
A 1 129 GLU 129 129 129 GLU GLU A . n 
A 1 130 PHE 130 130 130 PHE PHE A . n 
A 1 131 LEU 131 131 131 LEU LEU A . n 
A 1 132 GLN 132 132 132 GLN GLN A . n 
A 1 133 VAL 133 133 133 VAL VAL A . n 
A 1 134 PHE 134 134 134 PHE PHE A . n 
A 1 135 THR 135 135 135 THR THR A . n 
A 1 136 GLY 136 136 136 GLY GLY A . n 
A 1 137 THR 137 137 137 THR THR A . n 
A 1 138 ALA 138 138 138 ALA ALA A . n 
A 1 139 SER 139 139 139 SER SER A . n 
A 1 140 THR 140 140 140 THR THR A . n 
A 1 141 LEU 141 141 141 LEU LEU A . n 
A 1 142 VAL 142 142 142 VAL VAL A . n 
A 1 143 SER 143 143 143 SER SER A . n 
A 1 144 ASP 144 144 144 ASP ASP A . n 
A 1 145 SER 145 145 145 SER SER A . n 
A 1 146 TRP 146 146 146 TRP TRP A . n 
A 1 147 ASN 147 147 147 ASN ASN A . n 
A 1 148 GLY 148 148 148 GLY GLY A . n 
A 1 149 ASN 149 149 149 ASN ASN A . n 
A 1 150 LEU 150 150 150 LEU LEU A . n 
A 1 151 ARG 151 151 151 ARG ARG A . n 
A 1 152 ILE 152 152 152 ILE ILE A . n 
A 1 153 ASP 153 153 153 ASP ASP A . n 
A 1 154 GLU 154 154 154 GLU GLU A . n 
A 1 155 GLY 155 155 155 GLY GLY A . n 
A 1 156 HIS 156 156 156 HIS HIS A . n 
A 1 157 HIS 157 157 157 HIS HIS A . n 
A 1 158 HIS 158 158 158 HIS HIS A . n 
A 1 159 HIS 159 159 159 HIS HIS A . n 
A 1 160 HIS 160 160 160 HIS HIS A . n 
A 1 161 HIS 161 161 161 HIS HIS A . n 
# 
loop_
_pdbx_nonpoly_scheme.asym_id 
_pdbx_nonpoly_scheme.entity_id 
_pdbx_nonpoly_scheme.mon_id 
_pdbx_nonpoly_scheme.ndb_seq_num 
_pdbx_nonpoly_scheme.pdb_seq_num 
_pdbx_nonpoly_scheme.auth_seq_num 
_pdbx_nonpoly_scheme.pdb_mon_id 
_pdbx_nonpoly_scheme.auth_mon_id 
_pdbx_nonpoly_scheme.pdb_strand_id 
_pdbx_nonpoly_scheme.pdb_ins_code 
B 2 SO4 1   200 200 SO4 SO4 A . 
C 2 SO4 1   201 201 SO4 SO4 A . 
D 3 HOH 1   202 1   HOH TIP A . 
D 3 HOH 2   203 2   HOH TIP A . 
D 3 HOH 3   204 3   HOH TIP A . 
D 3 HOH 4   205 4   HOH TIP A . 
D 3 HOH 5   206 5   HOH TIP A . 
D 3 HOH 6   207 6   HOH TIP A . 
D 3 HOH 7   208 7   HOH TIP A . 
D 3 HOH 8   209 8   HOH TIP A . 
D 3 HOH 9   210 9   HOH TIP A . 
D 3 HOH 10  211 10  HOH TIP A . 
D 3 HOH 11  212 11  HOH TIP A . 
D 3 HOH 12  213 12  HOH TIP A . 
D 3 HOH 13  214 13  HOH TIP A . 
D 3 HOH 14  215 14  HOH TIP A . 
D 3 HOH 15  216 15  HOH TIP A . 
D 3 HOH 16  217 16  HOH TIP A . 
D 3 HOH 17  218 17  HOH TIP A . 
D 3 HOH 18  219 18  HOH TIP A . 
D 3 HOH 19  220 19  HOH TIP A . 
D 3 HOH 20  221 20  HOH TIP A . 
D 3 HOH 21  222 21  HOH TIP A . 
D 3 HOH 22  223 22  HOH TIP A . 
D 3 HOH 23  224 23  HOH TIP A . 
D 3 HOH 24  225 24  HOH TIP A . 
D 3 HOH 25  226 25  HOH TIP A . 
D 3 HOH 26  227 26  HOH TIP A . 
D 3 HOH 27  228 27  HOH TIP A . 
D 3 HOH 28  229 28  HOH TIP A . 
D 3 HOH 29  230 29  HOH TIP A . 
D 3 HOH 30  231 30  HOH TIP A . 
D 3 HOH 31  232 31  HOH TIP A . 
D 3 HOH 32  233 32  HOH TIP A . 
D 3 HOH 33  234 33  HOH TIP A . 
D 3 HOH 34  235 34  HOH TIP A . 
D 3 HOH 35  236 35  HOH TIP A . 
D 3 HOH 36  237 36  HOH TIP A . 
D 3 HOH 37  238 37  HOH TIP A . 
D 3 HOH 38  239 38  HOH TIP A . 
D 3 HOH 39  240 39  HOH TIP A . 
D 3 HOH 40  241 40  HOH TIP A . 
D 3 HOH 41  242 41  HOH TIP A . 
D 3 HOH 42  243 42  HOH TIP A . 
D 3 HOH 43  244 43  HOH TIP A . 
D 3 HOH 44  245 44  HOH TIP A . 
D 3 HOH 45  246 45  HOH TIP A . 
D 3 HOH 46  247 46  HOH TIP A . 
D 3 HOH 47  248 47  HOH TIP A . 
D 3 HOH 48  249 48  HOH TIP A . 
D 3 HOH 49  250 49  HOH TIP A . 
D 3 HOH 50  251 50  HOH TIP A . 
D 3 HOH 51  252 51  HOH TIP A . 
D 3 HOH 52  253 52  HOH TIP A . 
D 3 HOH 53  254 53  HOH TIP A . 
D 3 HOH 54  255 54  HOH TIP A . 
D 3 HOH 55  256 55  HOH TIP A . 
D 3 HOH 56  257 56  HOH TIP A . 
D 3 HOH 57  258 57  HOH TIP A . 
D 3 HOH 58  259 58  HOH TIP A . 
D 3 HOH 59  260 59  HOH TIP A . 
D 3 HOH 60  261 60  HOH TIP A . 
D 3 HOH 61  262 61  HOH TIP A . 
D 3 HOH 62  263 62  HOH TIP A . 
D 3 HOH 63  264 63  HOH TIP A . 
D 3 HOH 64  265 64  HOH TIP A . 
D 3 HOH 65  266 65  HOH TIP A . 
D 3 HOH 66  267 66  HOH TIP A . 
D 3 HOH 67  268 67  HOH TIP A . 
D 3 HOH 68  269 68  HOH TIP A . 
D 3 HOH 69  270 69  HOH TIP A . 
D 3 HOH 70  271 70  HOH TIP A . 
D 3 HOH 71  272 71  HOH TIP A . 
D 3 HOH 72  273 72  HOH TIP A . 
D 3 HOH 73  274 73  HOH TIP A . 
D 3 HOH 74  275 74  HOH TIP A . 
D 3 HOH 75  276 75  HOH TIP A . 
D 3 HOH 76  277 76  HOH TIP A . 
D 3 HOH 77  278 77  HOH TIP A . 
D 3 HOH 78  279 78  HOH TIP A . 
D 3 HOH 79  280 79  HOH TIP A . 
D 3 HOH 80  281 80  HOH TIP A . 
D 3 HOH 81  282 81  HOH TIP A . 
D 3 HOH 82  283 82  HOH TIP A . 
D 3 HOH 83  284 83  HOH TIP A . 
D 3 HOH 84  285 84  HOH TIP A . 
D 3 HOH 85  286 85  HOH TIP A . 
D 3 HOH 86  287 86  HOH TIP A . 
D 3 HOH 87  288 87  HOH TIP A . 
D 3 HOH 88  289 88  HOH TIP A . 
D 3 HOH 89  290 89  HOH TIP A . 
D 3 HOH 90  291 90  HOH TIP A . 
D 3 HOH 91  292 91  HOH TIP A . 
D 3 HOH 92  293 92  HOH TIP A . 
D 3 HOH 93  294 93  HOH TIP A . 
D 3 HOH 94  295 94  HOH TIP A . 
D 3 HOH 95  296 95  HOH TIP A . 
D 3 HOH 96  297 96  HOH TIP A . 
D 3 HOH 97  298 97  HOH TIP A . 
D 3 HOH 98  299 98  HOH TIP A . 
D 3 HOH 99  300 99  HOH TIP A . 
D 3 HOH 100 301 100 HOH TIP A . 
D 3 HOH 101 302 101 HOH TIP A . 
D 3 HOH 102 303 102 HOH TIP A . 
D 3 HOH 103 304 103 HOH TIP A . 
D 3 HOH 104 305 104 HOH TIP A . 
D 3 HOH 105 306 105 HOH TIP A . 
D 3 HOH 106 307 106 HOH TIP A . 
D 3 HOH 107 308 107 HOH TIP A . 
D 3 HOH 108 309 108 HOH TIP A . 
D 3 HOH 109 310 109 HOH TIP A . 
D 3 HOH 110 311 110 HOH TIP A . 
D 3 HOH 111 312 111 HOH TIP A . 
D 3 HOH 112 313 112 HOH TIP A . 
D 3 HOH 113 314 113 HOH TIP A . 
D 3 HOH 114 315 114 HOH TIP A . 
D 3 HOH 115 316 115 HOH TIP A . 
D 3 HOH 116 317 116 HOH TIP A . 
D 3 HOH 117 318 117 HOH TIP A . 
D 3 HOH 118 319 118 HOH TIP A . 
D 3 HOH 119 320 119 HOH TIP A . 
D 3 HOH 120 321 120 HOH TIP A . 
D 3 HOH 121 322 121 HOH TIP A . 
D 3 HOH 122 323 122 HOH TIP A . 
D 3 HOH 123 324 123 HOH TIP A . 
D 3 HOH 124 325 124 HOH TIP A . 
D 3 HOH 125 326 125 HOH TIP A . 
D 3 HOH 126 327 126 HOH TIP A . 
D 3 HOH 127 328 127 HOH TIP A . 
D 3 HOH 128 329 128 HOH TIP A . 
D 3 HOH 129 330 129 HOH TIP A . 
D 3 HOH 130 331 130 HOH TIP A . 
D 3 HOH 131 332 131 HOH TIP A . 
D 3 HOH 132 333 132 HOH TIP A . 
D 3 HOH 133 334 133 HOH TIP A . 
D 3 HOH 134 335 134 HOH TIP A . 
D 3 HOH 135 336 135 HOH TIP A . 
D 3 HOH 136 337 136 HOH TIP A . 
D 3 HOH 137 338 137 HOH TIP A . 
D 3 HOH 138 339 138 HOH TIP A . 
D 3 HOH 139 340 139 HOH TIP A . 
D 3 HOH 140 341 140 HOH TIP A . 
D 3 HOH 141 342 141 HOH TIP A . 
D 3 HOH 142 343 142 HOH TIP A . 
D 3 HOH 143 344 143 HOH TIP A . 
# 
loop_
_software.name 
_software.classification 
_software.version 
_software.citation_id 
_software.pdbx_ordinal 
CNS      refinement        1.1 ? 1 
CBASS    'data collection' .   ? 2 
HKL-2000 'data reduction'  .   ? 3 
HKL-2000 'data scaling'    .   ? 4 
SHELXD   phasing           .   ? 5 
SHARP    phasing           .   ? 6 
ARP/wARP 'model building'  .   ? 7 
# 
_cell.entry_id           3EXQ 
_cell.length_a           66.762 
_cell.length_b           82.477 
_cell.length_c           36.101 
_cell.angle_alpha        90.00 
_cell.angle_beta         90.00 
_cell.angle_gamma        90.00 
_cell.Z_PDB              4 
_cell.pdbx_unique_axis   ? 
_cell.length_a_esd       ? 
_cell.length_b_esd       ? 
_cell.length_c_esd       ? 
_cell.angle_alpha_esd    ? 
_cell.angle_beta_esd     ? 
_cell.angle_gamma_esd    ? 
# 
_symmetry.entry_id                         3EXQ 
_symmetry.space_group_name_H-M             'P 21 21 2' 
_symmetry.pdbx_full_space_group_name_H-M   ? 
_symmetry.cell_setting                     ? 
_symmetry.Int_Tables_number                18 
_symmetry.space_group_name_Hall            ? 
# 
_exptl.entry_id          3EXQ 
_exptl.method            'X-RAY DIFFRACTION' 
_exptl.crystals_number   1 
# 
_exptl_crystal.id                    1 
_exptl_crystal.density_meas          ? 
_exptl_crystal.density_Matthews      2.76 
_exptl_crystal.density_percent_sol   55.48 
_exptl_crystal.description           ? 
_exptl_crystal.F_000                 ? 
_exptl_crystal.preparation           ? 
# 
_exptl_crystal_grow.crystal_id      1 
_exptl_crystal_grow.method          'VAPOR DIFFUSION, SITTING DROP' 
_exptl_crystal_grow.temp            298.0 
_exptl_crystal_grow.temp_details    ? 
_exptl_crystal_grow.pH              7.5 
_exptl_crystal_grow.pdbx_details    
'0.1M Sodium chloride, 0.1M HEPES, 1.6M Ammonium sulfate, pH 7.5, VAPOR DIFFUSION, SITTING DROP, temperature 298.0K' 
_exptl_crystal_grow.pdbx_pH_range   ? 
# 
_diffrn.id                     1 
_diffrn.ambient_temp           100 
_diffrn.ambient_temp_details   ? 
_diffrn.crystal_id             1 
# 
_diffrn_detector.diffrn_id              1 
_diffrn_detector.detector               CCD 
_diffrn_detector.type                   'ADSC QUANTUM 210' 
_diffrn_detector.pdbx_collection_date   2008-09-10 
_diffrn_detector.details                Mirrors 
# 
_diffrn_radiation.diffrn_id                        1 
_diffrn_radiation.wavelength_id                    1 
_diffrn_radiation.pdbx_monochromatic_or_laue_m_l   M 
_diffrn_radiation.monochromator                    'Si(III) CHANNEL' 
_diffrn_radiation.pdbx_diffrn_protocol             'SINGLE WAVELENGTH' 
_diffrn_radiation.pdbx_scattering_type             x-ray 
# 
_diffrn_radiation_wavelength.id           1 
_diffrn_radiation_wavelength.wavelength   0.979 
_diffrn_radiation_wavelength.wt           1.0 
# 
_diffrn_source.diffrn_id                   1 
_diffrn_source.source                      SYNCHROTRON 
_diffrn_source.type                        'NSLS BEAMLINE X12C' 
_diffrn_source.pdbx_synchrotron_site       NSLS 
_diffrn_source.pdbx_synchrotron_beamline   X12C 
_diffrn_source.pdbx_wavelength             ? 
_diffrn_source.pdbx_wavelength_list        0.979 
# 
_reflns.entry_id                     3EXQ 
_reflns.observed_criterion_sigma_I   ? 
_reflns.observed_criterion_sigma_F   0.0 
_reflns.d_resolution_low             35.1 
_reflns.d_resolution_high            2.00 
_reflns.number_obs                   14576 
_reflns.number_all                   14576 
_reflns.percent_possible_obs         100 
_reflns.pdbx_Rmerge_I_obs            0.079 
_reflns.pdbx_Rsym_value              ? 
_reflns.pdbx_netI_over_sigmaI        16.9 
_reflns.B_iso_Wilson_estimate        30.4 
_reflns.pdbx_redundancy              13.0 
_reflns.R_free_details               ? 
_reflns.limit_h_max                  ? 
_reflns.limit_h_min                  ? 
_reflns.limit_k_max                  ? 
_reflns.limit_k_min                  ? 
_reflns.limit_l_max                  ? 
_reflns.limit_l_min                  ? 
_reflns.observed_criterion_F_max     ? 
_reflns.observed_criterion_F_min     ? 
_reflns.pdbx_chi_squared             ? 
_reflns.pdbx_scaling_rejects         ? 
_reflns.pdbx_diffrn_id               1 
_reflns.pdbx_ordinal                 1 
# 
_reflns_shell.d_res_high             1.98 
_reflns_shell.d_res_low              2.05 
_reflns_shell.percent_possible_all   100.0 
_reflns_shell.Rmerge_I_obs           0.226 
_reflns_shell.pdbx_Rsym_value        ? 
_reflns_shell.meanI_over_sigI_obs    3 
_reflns_shell.pdbx_redundancy        12.1 
_reflns_shell.percent_possible_obs   ? 
_reflns_shell.number_unique_all      1418 
_reflns_shell.number_measured_all    ? 
_reflns_shell.number_measured_obs    ? 
_reflns_shell.number_unique_obs      ? 
_reflns_shell.pdbx_chi_squared       ? 
_reflns_shell.pdbx_diffrn_id         ? 
_reflns_shell.pdbx_ordinal           1 
# 
_refine.entry_id                                 3EXQ 
_refine.ls_number_reflns_obs                     13820 
_refine.ls_number_reflns_all                     14576 
_refine.pdbx_ls_sigma_I                          ? 
_refine.pdbx_ls_sigma_F                          0.0 
_refine.pdbx_data_cutoff_high_absF               145595.20 
_refine.pdbx_data_cutoff_low_absF                0.000000 
_refine.pdbx_data_cutoff_high_rms_absF           ? 
_refine.ls_d_res_low                             35.09 
_refine.ls_d_res_high                            2.00 
_refine.ls_percent_reflns_obs                    98.4 
_refine.ls_R_factor_obs                          0.218 
_refine.ls_R_factor_all                          0.234 
_refine.ls_R_factor_R_work                       0.218 
_refine.ls_R_factor_R_free                       0.250 
_refine.ls_R_factor_R_free_error                 0.009 
_refine.ls_R_factor_R_free_error_details         ? 
_refine.ls_percent_reflns_R_free                 5.1 
_refine.ls_number_reflns_R_free                  700 
_refine.ls_number_parameters                     ? 
_refine.ls_number_restraints                     ? 
_refine.occupancy_min                            ? 
_refine.occupancy_max                            ? 
_refine.correlation_coeff_Fo_to_Fc               ? 
_refine.correlation_coeff_Fo_to_Fc_free          ? 
_refine.B_iso_mean                               25.6 
_refine.aniso_B[1][1]                            6.30 
_refine.aniso_B[2][2]                            -4.08 
_refine.aniso_B[3][3]                            -2.22 
_refine.aniso_B[1][2]                            0.00 
_refine.aniso_B[1][3]                            0.00 
_refine.aniso_B[2][3]                            0.00 
_refine.solvent_model_details                    'FLAT MODEL' 
_refine.solvent_model_param_ksol                 0.366071 
_refine.solvent_model_param_bsol                 50.4253 
_refine.pdbx_solvent_vdw_probe_radii             ? 
_refine.pdbx_solvent_ion_probe_radii             ? 
_refine.pdbx_solvent_shrinkage_radii             ? 
_refine.pdbx_ls_cross_valid_method               THROUGHOUT 
_refine.details                                  ? 
_refine.pdbx_starting_model                      ? 
_refine.pdbx_method_to_determine_struct          SAD 
_refine.pdbx_isotropic_thermal_model             RESTRAINED 
_refine.pdbx_stereochemistry_target_values       'Engh & Huber' 
_refine.pdbx_stereochem_target_val_spec_case     ? 
_refine.pdbx_R_Free_selection_details            RANDOM 
_refine.pdbx_overall_ESU_R                       ? 
_refine.pdbx_overall_ESU_R_Free                  ? 
_refine.overall_SU_ML                            ? 
_refine.overall_SU_B                             ? 
_refine.ls_redundancy_reflns_obs                 ? 
_refine.B_iso_min                                ? 
_refine.B_iso_max                                ? 
_refine.overall_SU_R_Cruickshank_DPI             ? 
_refine.overall_SU_R_free                        ? 
_refine.ls_wR_factor_R_free                      ? 
_refine.ls_wR_factor_R_work                      ? 
_refine.overall_FOM_free_R_set                   ? 
_refine.overall_FOM_work_R_set                   ? 
_refine.pdbx_overall_phase_error                 ? 
_refine.pdbx_refine_id                           'X-RAY DIFFRACTION' 
_refine.pdbx_diffrn_id                           1 
_refine.pdbx_TLS_residual_ADP_flag               ? 
_refine.pdbx_overall_SU_R_free_Cruickshank_DPI   ? 
_refine.pdbx_overall_SU_R_Blow_DPI               ? 
_refine.pdbx_overall_SU_R_free_Blow_DPI          ? 
# 
_refine_analyze.entry_id                        3EXQ 
_refine_analyze.Luzzati_coordinate_error_obs    0.23 
_refine_analyze.Luzzati_sigma_a_obs             0.07 
_refine_analyze.Luzzati_d_res_low_obs           5.00 
_refine_analyze.Luzzati_coordinate_error_free   0.30 
_refine_analyze.Luzzati_sigma_a_free            0.16 
_refine_analyze.Luzzati_d_res_low_free          ? 
_refine_analyze.number_disordered_residues      ? 
_refine_analyze.occupancy_sum_hydrogen          ? 
_refine_analyze.occupancy_sum_non_hydrogen      ? 
_refine_analyze.pdbx_Luzzati_d_res_high_obs     ? 
_refine_analyze.pdbx_refine_id                  'X-RAY DIFFRACTION' 
# 
_refine_hist.pdbx_refine_id                   'X-RAY DIFFRACTION' 
_refine_hist.cycle_id                         LAST 
_refine_hist.pdbx_number_atoms_protein        1240 
_refine_hist.pdbx_number_atoms_nucleic_acid   0 
_refine_hist.pdbx_number_atoms_ligand         10 
_refine_hist.number_atoms_solvent             143 
_refine_hist.number_atoms_total               1393 
_refine_hist.d_res_high                       2.00 
_refine_hist.d_res_low                        35.09 
# 
loop_
_refine_ls_restr.type 
_refine_ls_restr.dev_ideal 
_refine_ls_restr.dev_ideal_target 
_refine_ls_restr.weight 
_refine_ls_restr.number 
_refine_ls_restr.pdbx_refine_id 
_refine_ls_restr.pdbx_restraint_function 
c_bond_d           0.006 ? ? ? 'X-RAY DIFFRACTION' ? 
c_angle_deg        1.4   ? ? ? 'X-RAY DIFFRACTION' ? 
c_dihedral_angle_d 24.3  ? ? ? 'X-RAY DIFFRACTION' ? 
c_improper_angle_d 0.74  ? ? ? 'X-RAY DIFFRACTION' ? 
# 
_refine_ls_shell.pdbx_total_number_of_bins_used   6 
_refine_ls_shell.d_res_high                       2.00 
_refine_ls_shell.d_res_low                        2.13 
_refine_ls_shell.number_reflns_R_work             2099 
_refine_ls_shell.R_factor_R_work                  0.210 
_refine_ls_shell.percent_reflns_obs               96.8 
_refine_ls_shell.R_factor_R_free                  0.291 
_refine_ls_shell.R_factor_R_free_error            0.029 
_refine_ls_shell.percent_reflns_R_free            4.6 
_refine_ls_shell.number_reflns_R_free             102 
_refine_ls_shell.number_reflns_all                ? 
_refine_ls_shell.R_factor_all                     ? 
_refine_ls_shell.number_reflns_obs                ? 
_refine_ls_shell.redundancy_reflns_obs            ? 
_refine_ls_shell.pdbx_refine_id                   'X-RAY DIFFRACTION' 
# 
loop_
_pdbx_xplor_file.serial_no 
_pdbx_xplor_file.param_file 
_pdbx_xplor_file.topol_file 
_pdbx_xplor_file.pdbx_refine_id 
1 protein_rep.param  protein.top      'X-RAY DIFFRACTION' 
2 dna-rna_rep.param  dna-rna.top      'X-RAY DIFFRACTION' 
3 water_rep.param    water.top        'X-RAY DIFFRACTION' 
4 ion.param          ion.top          'X-RAY DIFFRACTION' 
5 carbohydrate.param carbohydrate.top 'X-RAY DIFFRACTION' 
# 
_struct.entry_id                  3EXQ 
_struct.title                     'Crystal structure of a NUDIX family hydrolase from Lactobacillus brevis' 
_struct.pdbx_model_details        ? 
_struct.pdbx_CASP_flag            ? 
_struct.pdbx_model_type_details   ? 
# 
_struct_keywords.entry_id        3EXQ 
_struct_keywords.pdbx_keywords   HYDROLASE 
_struct_keywords.text            
;NUDIX, hydrolase, Protein Structure Initiative II(PSI II), NYSGXRC, 11180k, Structural Genomics, New York SGX Research Center for Structural Genomics
;
# 
loop_
_struct_asym.id 
_struct_asym.pdbx_blank_PDB_chainid_flag 
_struct_asym.pdbx_modified 
_struct_asym.entity_id 
_struct_asym.details 
A N N 1 ? 
B N N 2 ? 
C N N 2 ? 
D N N 3 ? 
# 
_struct_ref.id                         1 
_struct_ref.db_name                    UNP 
_struct_ref.db_code                    Q03S37_LACBA 
_struct_ref.pdbx_db_accession          Q03S37 
_struct_ref.entity_id                  1 
_struct_ref.pdbx_seq_one_letter_code   
;TRTQPVELVTMVMVTDPETQRVLVEDKVNVPWKAGHSFPGGHVEVGEPCATAAIREVFEETGLRLSGVTFCGTCEWFDDD
RQHRKLGLLYRASNFTGTLKASAEGQLSWLPITALTRENSAASLPEFLQVFTGTASTLVSDSWNGNLRID
;
_struct_ref.pdbx_align_begin           3 
_struct_ref.pdbx_db_isoform            ? 
# 
_struct_ref_seq.align_id                      1 
_struct_ref_seq.ref_id                        1 
_struct_ref_seq.pdbx_PDB_id_code              3EXQ 
_struct_ref_seq.pdbx_strand_id                A 
_struct_ref_seq.seq_align_beg                 4 
_struct_ref_seq.pdbx_seq_align_beg_ins_code   ? 
_struct_ref_seq.seq_align_end                 153 
_struct_ref_seq.pdbx_seq_align_end_ins_code   ? 
_struct_ref_seq.pdbx_db_accession             Q03S37 
_struct_ref_seq.db_align_beg                  3 
_struct_ref_seq.pdbx_db_align_beg_ins_code    ? 
_struct_ref_seq.db_align_end                  152 
_struct_ref_seq.pdbx_db_align_end_ins_code    ? 
_struct_ref_seq.pdbx_auth_seq_align_beg       4 
_struct_ref_seq.pdbx_auth_seq_align_end       153 
# 
loop_
_struct_ref_seq_dif.align_id 
_struct_ref_seq_dif.pdbx_pdb_id_code 
_struct_ref_seq_dif.mon_id 
_struct_ref_seq_dif.pdbx_pdb_strand_id 
_struct_ref_seq_dif.seq_num 
_struct_ref_seq_dif.pdbx_pdb_ins_code 
_struct_ref_seq_dif.pdbx_seq_db_name 
_struct_ref_seq_dif.pdbx_seq_db_accession_code 
_struct_ref_seq_dif.db_mon_id 
_struct_ref_seq_dif.pdbx_seq_db_seq_num 
_struct_ref_seq_dif.details 
_struct_ref_seq_dif.pdbx_auth_seq_num 
_struct_ref_seq_dif.pdbx_ordinal 
1 3EXQ MSE A 1   ? UNP Q03S37 ? ? 'expression tag' 1   1  
1 3EXQ SER A 2   ? UNP Q03S37 ? ? 'expression tag' 2   2  
1 3EXQ LEU A 3   ? UNP Q03S37 ? ? 'expression tag' 3   3  
1 3EXQ GLU A 154 ? UNP Q03S37 ? ? 'expression tag' 154 4  
1 3EXQ GLY A 155 ? UNP Q03S37 ? ? 'expression tag' 155 5  
1 3EXQ HIS A 156 ? UNP Q03S37 ? ? 'expression tag' 156 6  
1 3EXQ HIS A 157 ? UNP Q03S37 ? ? 'expression tag' 157 7  
1 3EXQ HIS A 158 ? UNP Q03S37 ? ? 'expression tag' 158 8  
1 3EXQ HIS A 159 ? UNP Q03S37 ? ? 'expression tag' 159 9  
1 3EXQ HIS A 160 ? UNP Q03S37 ? ? 'expression tag' 160 10 
1 3EXQ HIS A 161 ? UNP Q03S37 ? ? 'expression tag' 161 11 
# 
loop_
_pdbx_struct_assembly.id 
_pdbx_struct_assembly.details 
_pdbx_struct_assembly.method_details 
_pdbx_struct_assembly.oligomeric_details 
_pdbx_struct_assembly.oligomeric_count 
1 software_defined_assembly PISA dimeric   2 
2 author_defined_assembly   ?    monomeric 1 
# 
loop_
_pdbx_struct_assembly_prop.biol_id 
_pdbx_struct_assembly_prop.type 
_pdbx_struct_assembly_prop.value 
_pdbx_struct_assembly_prop.details 
1 'ABSA (A^2)' 4480  ? 
1 MORE         -71   ? 
1 'SSA (A^2)'  15620 ? 
# 
loop_
_pdbx_struct_assembly_gen.assembly_id 
_pdbx_struct_assembly_gen.oper_expression 
_pdbx_struct_assembly_gen.asym_id_list 
1 1,2 A,B,C,D 
2 1   A,B,C,D 
# 
loop_
_pdbx_struct_oper_list.id 
_pdbx_struct_oper_list.type 
_pdbx_struct_oper_list.name 
_pdbx_struct_oper_list.symmetry_operation 
_pdbx_struct_oper_list.matrix[1][1] 
_pdbx_struct_oper_list.matrix[1][2] 
_pdbx_struct_oper_list.matrix[1][3] 
_pdbx_struct_oper_list.vector[1] 
_pdbx_struct_oper_list.matrix[2][1] 
_pdbx_struct_oper_list.matrix[2][2] 
_pdbx_struct_oper_list.matrix[2][3] 
_pdbx_struct_oper_list.vector[2] 
_pdbx_struct_oper_list.matrix[3][1] 
_pdbx_struct_oper_list.matrix[3][2] 
_pdbx_struct_oper_list.matrix[3][3] 
_pdbx_struct_oper_list.vector[3] 
1 'identity operation'         1_555 x,y,z     1.0000000000  0.0000000000 0.0000000000 0.0000000000  0.0000000000 1.0000000000 0.0000000000 0.0000000000   0.0000000000 0.0000000000 1.0000000000  0.0000000000  
2 'crystal symmetry operation' 2_655 -x+1,-y,z -0.9646325556 0.2010007361 0.1705366144 -5.6569606581 0.2010007361 0.1423300874 0.9691959814 -14.1293913265 0.1705366144 0.9691959814 -0.1776975318 17.8266134167 
# 
loop_
_struct_conf.conf_type_id 
_struct_conf.id 
_struct_conf.pdbx_PDB_helix_id 
_struct_conf.beg_label_comp_id 
_struct_conf.beg_label_asym_id 
_struct_conf.beg_label_seq_id 
_struct_conf.pdbx_beg_PDB_ins_code 
_struct_conf.end_label_comp_id 
_struct_conf.end_label_asym_id 
_struct_conf.end_label_seq_id 
_struct_conf.pdbx_end_PDB_ins_code 
_struct_conf.beg_auth_comp_id 
_struct_conf.beg_auth_asym_id 
_struct_conf.beg_auth_seq_id 
_struct_conf.end_auth_comp_id 
_struct_conf.end_auth_asym_id 
_struct_conf.end_auth_seq_id 
_struct_conf.pdbx_PDB_helix_class 
_struct_conf.details 
_struct_conf.pdbx_PDB_helix_length 
HELX_P HELX_P1 1 PRO A 51  ? GLY A 65  ? PRO A 51  GLY A 65  1 ? 15 
HELX_P HELX_P2 2 LYS A 103 ? GLU A 107 ? LYS A 103 GLU A 107 5 ? 5  
HELX_P HELX_P3 3 PRO A 114 ? LEU A 118 ? PRO A 114 LEU A 118 5 ? 5  
HELX_P HELX_P4 4 SER A 126 ? THR A 135 ? SER A 126 THR A 135 1 ? 10 
# 
_struct_conf_type.id          HELX_P 
_struct_conf_type.criteria    ? 
_struct_conf_type.reference   ? 
# 
loop_
_struct_conn.id 
_struct_conn.conn_type_id 
_struct_conn.pdbx_leaving_atom_flag 
_struct_conn.pdbx_PDB_id 
_struct_conn.ptnr1_label_asym_id 
_struct_conn.ptnr1_label_comp_id 
_struct_conn.ptnr1_label_seq_id 
_struct_conn.ptnr1_label_atom_id 
_struct_conn.pdbx_ptnr1_label_alt_id 
_struct_conn.pdbx_ptnr1_PDB_ins_code 
_struct_conn.pdbx_ptnr1_standard_comp_id 
_struct_conn.ptnr1_symmetry 
_struct_conn.ptnr2_label_asym_id 
_struct_conn.ptnr2_label_comp_id 
_struct_conn.ptnr2_label_seq_id 
_struct_conn.ptnr2_label_atom_id 
_struct_conn.pdbx_ptnr2_label_alt_id 
_struct_conn.pdbx_ptnr2_PDB_ins_code 
_struct_conn.ptnr1_auth_asym_id 
_struct_conn.ptnr1_auth_comp_id 
_struct_conn.ptnr1_auth_seq_id 
_struct_conn.ptnr2_auth_asym_id 
_struct_conn.ptnr2_auth_comp_id 
_struct_conn.ptnr2_auth_seq_id 
_struct_conn.ptnr2_symmetry 
_struct_conn.pdbx_ptnr3_label_atom_id 
_struct_conn.pdbx_ptnr3_label_seq_id 
_struct_conn.pdbx_ptnr3_label_comp_id 
_struct_conn.pdbx_ptnr3_label_asym_id 
_struct_conn.pdbx_ptnr3_label_alt_id 
_struct_conn.pdbx_ptnr3_PDB_ins_code 
_struct_conn.details 
_struct_conn.pdbx_dist_value 
_struct_conn.pdbx_value_order 
_struct_conn.pdbx_role 
covale1 covale both ? A THR 13 C ? ? ? 1_555 A MSE 14 N ? ? A THR 13 A MSE 14 1_555 ? ? ? ? ? ? ? 1.328 ? ? 
covale2 covale both ? A MSE 14 C ? ? ? 1_555 A VAL 15 N ? ? A MSE 14 A VAL 15 1_555 ? ? ? ? ? ? ? 1.330 ? ? 
covale3 covale both ? A VAL 15 C ? ? ? 1_555 A MSE 16 N ? ? A VAL 15 A MSE 16 1_555 ? ? ? ? ? ? ? 1.329 ? ? 
covale4 covale both ? A MSE 16 C ? ? ? 1_555 A VAL 17 N ? ? A MSE 16 A VAL 17 1_555 ? ? ? ? ? ? ? 1.328 ? ? 
# 
_struct_conn_type.id          covale 
_struct_conn_type.criteria    ? 
_struct_conn_type.reference   ? 
# 
loop_
_pdbx_modification_feature.ordinal 
_pdbx_modification_feature.label_comp_id 
_pdbx_modification_feature.label_asym_id 
_pdbx_modification_feature.label_seq_id 
_pdbx_modification_feature.label_alt_id 
_pdbx_modification_feature.modified_residue_label_comp_id 
_pdbx_modification_feature.modified_residue_label_asym_id 
_pdbx_modification_feature.modified_residue_label_seq_id 
_pdbx_modification_feature.modified_residue_label_alt_id 
_pdbx_modification_feature.auth_comp_id 
_pdbx_modification_feature.auth_asym_id 
_pdbx_modification_feature.auth_seq_id 
_pdbx_modification_feature.PDB_ins_code 
_pdbx_modification_feature.symmetry 
_pdbx_modification_feature.modified_residue_auth_comp_id 
_pdbx_modification_feature.modified_residue_auth_asym_id 
_pdbx_modification_feature.modified_residue_auth_seq_id 
_pdbx_modification_feature.modified_residue_PDB_ins_code 
_pdbx_modification_feature.modified_residue_symmetry 
_pdbx_modification_feature.comp_id_linking_atom 
_pdbx_modification_feature.modified_residue_id_linking_atom 
_pdbx_modification_feature.modified_residue_id 
_pdbx_modification_feature.ref_pcm_id 
_pdbx_modification_feature.ref_comp_id 
_pdbx_modification_feature.type 
_pdbx_modification_feature.category 
1 MSE A 14 ? . . . . MSE A 14 ? 1_555 . . . . . . . MET 1 MSE Selenomethionine 'Named protein modification' 
2 MSE A 16 ? . . . . MSE A 16 ? 1_555 . . . . . . . MET 1 MSE Selenomethionine 'Named protein modification' 
# 
loop_
_struct_sheet.id 
_struct_sheet.type 
_struct_sheet.number_strands 
_struct_sheet.details 
A ? 5 ? 
B ? 2 ? 
C ? 2 ? 
# 
loop_
_struct_sheet_order.sheet_id 
_struct_sheet_order.range_id_1 
_struct_sheet_order.range_id_2 
_struct_sheet_order.offset 
_struct_sheet_order.sense 
A 1 2 ? parallel      
A 2 3 ? anti-parallel 
A 3 4 ? parallel      
A 4 5 ? anti-parallel 
B 1 2 ? anti-parallel 
C 1 2 ? anti-parallel 
# 
loop_
_struct_sheet_range.sheet_id 
_struct_sheet_range.id 
_struct_sheet_range.beg_label_comp_id 
_struct_sheet_range.beg_label_asym_id 
_struct_sheet_range.beg_label_seq_id 
_struct_sheet_range.pdbx_beg_PDB_ins_code 
_struct_sheet_range.end_label_comp_id 
_struct_sheet_range.end_label_asym_id 
_struct_sheet_range.end_label_seq_id 
_struct_sheet_range.pdbx_end_PDB_ins_code 
_struct_sheet_range.beg_auth_comp_id 
_struct_sheet_range.beg_auth_asym_id 
_struct_sheet_range.beg_auth_seq_id 
_struct_sheet_range.end_auth_comp_id 
_struct_sheet_range.end_auth_asym_id 
_struct_sheet_range.end_auth_seq_id 
A 1 VAL A 9   ? VAL A 17  ? VAL A 9   VAL A 17  
A 2 ARG A 87  ? ALA A 95  ? ARG A 87  ALA A 95  
A 3 THR A 72  ? PHE A 80  ? THR A 72  PHE A 80  
A 4 THR A 140 ? SER A 143 ? THR A 140 SER A 143 
A 5 ARG A 151 ? ILE A 152 ? ARG A 151 ILE A 152 
B 1 VAL A 25  ? GLU A 28  ? VAL A 25  GLU A 28  
B 2 LEU A 110 ? LEU A 113 ? LEU A 110 LEU A 113 
C 1 ARG A 67  ? LEU A 68  ? ARG A 67  LEU A 68  
C 2 PHE A 98  ? THR A 99  ? PHE A 98  THR A 99  
# 
loop_
_pdbx_struct_sheet_hbond.sheet_id 
_pdbx_struct_sheet_hbond.range_id_1 
_pdbx_struct_sheet_hbond.range_id_2 
_pdbx_struct_sheet_hbond.range_1_label_atom_id 
_pdbx_struct_sheet_hbond.range_1_label_comp_id 
_pdbx_struct_sheet_hbond.range_1_label_asym_id 
_pdbx_struct_sheet_hbond.range_1_label_seq_id 
_pdbx_struct_sheet_hbond.range_1_PDB_ins_code 
_pdbx_struct_sheet_hbond.range_1_auth_atom_id 
_pdbx_struct_sheet_hbond.range_1_auth_comp_id 
_pdbx_struct_sheet_hbond.range_1_auth_asym_id 
_pdbx_struct_sheet_hbond.range_1_auth_seq_id 
_pdbx_struct_sheet_hbond.range_2_label_atom_id 
_pdbx_struct_sheet_hbond.range_2_label_comp_id 
_pdbx_struct_sheet_hbond.range_2_label_asym_id 
_pdbx_struct_sheet_hbond.range_2_label_seq_id 
_pdbx_struct_sheet_hbond.range_2_PDB_ins_code 
_pdbx_struct_sheet_hbond.range_2_auth_atom_id 
_pdbx_struct_sheet_hbond.range_2_auth_comp_id 
_pdbx_struct_sheet_hbond.range_2_auth_asym_id 
_pdbx_struct_sheet_hbond.range_2_auth_seq_id 
A 1 2 N GLU A 10  ? N GLU A 10  O ARG A 87  ? O ARG A 87  
A 2 3 O GLY A 90  ? O GLY A 90  N CYS A 77  ? N CYS A 77  
A 3 4 N GLU A 78  ? N GLU A 78  O SER A 143 ? O SER A 143 
A 4 5 N VAL A 142 ? N VAL A 142 O ARG A 151 ? O ARG A 151 
B 1 2 N VAL A 25  ? N VAL A 25  O LEU A 113 ? O LEU A 113 
C 1 2 N ARG A 67  ? N ARG A 67  O THR A 99  ? O THR A 99  
# 
loop_
_struct_site.id 
_struct_site.pdbx_evidence_code 
_struct_site.pdbx_auth_asym_id 
_struct_site.pdbx_auth_comp_id 
_struct_site.pdbx_auth_seq_id 
_struct_site.pdbx_auth_ins_code 
_struct_site.pdbx_num_residues 
_struct_site.details 
AC1 Software A SO4 200 ? 2 'BINDING SITE FOR RESIDUE SO4 A 200' 
AC2 Software A SO4 201 ? 2 'BINDING SITE FOR RESIDUE SO4 A 201' 
# 
loop_
_struct_site_gen.id 
_struct_site_gen.site_id 
_struct_site_gen.pdbx_num_res 
_struct_site_gen.label_comp_id 
_struct_site_gen.label_asym_id 
_struct_site_gen.label_seq_id 
_struct_site_gen.pdbx_auth_ins_code 
_struct_site_gen.auth_comp_id 
_struct_site_gen.auth_asym_id 
_struct_site_gen.auth_seq_id 
_struct_site_gen.label_atom_id 
_struct_site_gen.label_alt_id 
_struct_site_gen.symmetry 
_struct_site_gen.details 
1 AC1 2 ARG A 24 ? ARG A 24  . ? 1_555 ? 
2 AC1 2 HOH D .  ? HOH A 267 . ? 1_555 ? 
3 AC2 2 GLY A 44 ? GLY A 44  . ? 1_555 ? 
4 AC2 2 HIS A 45 ? HIS A 45  . ? 1_555 ? 
# 
_pdbx_entry_details.entry_id                   3EXQ 
_pdbx_entry_details.compound_details           ? 
_pdbx_entry_details.source_details             ? 
_pdbx_entry_details.nonpolymer_details         ? 
_pdbx_entry_details.sequence_details           ? 
_pdbx_entry_details.has_ligand_of_interest     ? 
_pdbx_entry_details.has_protein_modification   Y 
# 
loop_
_pdbx_validate_torsion.id 
_pdbx_validate_torsion.PDB_model_num 
_pdbx_validate_torsion.auth_comp_id 
_pdbx_validate_torsion.auth_asym_id 
_pdbx_validate_torsion.auth_seq_id 
_pdbx_validate_torsion.PDB_ins_code 
_pdbx_validate_torsion.label_alt_id 
_pdbx_validate_torsion.phi 
_pdbx_validate_torsion.psi 
1 1 ARG A 5   ? ? 169.24  -155.05 
2 1 ARG A 84  ? ? 58.54   15.40   
3 1 GLU A 107 ? ? -72.90  -73.15  
4 1 SER A 139 ? ? -145.65 -9.40   
5 1 TRP A 146 ? ? -54.28  -9.52   
6 1 ASN A 147 ? ? -148.03 16.32   
# 
_pdbx_SG_project.id                    1 
_pdbx_SG_project.project_name          'PSI, Protein Structure Initiative' 
_pdbx_SG_project.full_name_of_center   'New York SGX Research Center for Structural Genomics' 
_pdbx_SG_project.initial_of_center     NYSGXRC 
# 
loop_
_pdbx_struct_mod_residue.id 
_pdbx_struct_mod_residue.label_asym_id 
_pdbx_struct_mod_residue.label_comp_id 
_pdbx_struct_mod_residue.label_seq_id 
_pdbx_struct_mod_residue.auth_asym_id 
_pdbx_struct_mod_residue.auth_comp_id 
_pdbx_struct_mod_residue.auth_seq_id 
_pdbx_struct_mod_residue.PDB_ins_code 
_pdbx_struct_mod_residue.parent_comp_id 
_pdbx_struct_mod_residue.details 
1 A MSE 14 A MSE 14 ? MET SELENOMETHIONINE 
2 A MSE 16 A MSE 16 ? MET SELENOMETHIONINE 
# 
loop_
_pdbx_unobs_or_zero_occ_residues.id 
_pdbx_unobs_or_zero_occ_residues.PDB_model_num 
_pdbx_unobs_or_zero_occ_residues.polymer_flag 
_pdbx_unobs_or_zero_occ_residues.occupancy_flag 
_pdbx_unobs_or_zero_occ_residues.auth_asym_id 
_pdbx_unobs_or_zero_occ_residues.auth_comp_id 
_pdbx_unobs_or_zero_occ_residues.auth_seq_id 
_pdbx_unobs_or_zero_occ_residues.PDB_ins_code 
_pdbx_unobs_or_zero_occ_residues.label_asym_id 
_pdbx_unobs_or_zero_occ_residues.label_comp_id 
_pdbx_unobs_or_zero_occ_residues.label_seq_id 
1 1 Y 1 A MSE 1 ? A MSE 1 
2 1 Y 1 A SER 2 ? A SER 2 
# 
loop_
_chem_comp_atom.comp_id 
_chem_comp_atom.atom_id 
_chem_comp_atom.type_symbol 
_chem_comp_atom.pdbx_aromatic_flag 
_chem_comp_atom.pdbx_stereo_config 
_chem_comp_atom.pdbx_ordinal 
ALA N    N  N N 1   
ALA CA   C  N S 2   
ALA C    C  N N 3   
ALA O    O  N N 4   
ALA CB   C  N N 5   
ALA OXT  O  N N 6   
ALA H    H  N N 7   
ALA H2   H  N N 8   
ALA HA   H  N N 9   
ALA HB1  H  N N 10  
ALA HB2  H  N N 11  
ALA HB3  H  N N 12  
ALA HXT  H  N N 13  
ARG N    N  N N 14  
ARG CA   C  N S 15  
ARG C    C  N N 16  
ARG O    O  N N 17  
ARG CB   C  N N 18  
ARG CG   C  N N 19  
ARG CD   C  N N 20  
ARG NE   N  N N 21  
ARG CZ   C  N N 22  
ARG NH1  N  N N 23  
ARG NH2  N  N N 24  
ARG OXT  O  N N 25  
ARG H    H  N N 26  
ARG H2   H  N N 27  
ARG HA   H  N N 28  
ARG HB2  H  N N 29  
ARG HB3  H  N N 30  
ARG HG2  H  N N 31  
ARG HG3  H  N N 32  
ARG HD2  H  N N 33  
ARG HD3  H  N N 34  
ARG HE   H  N N 35  
ARG HH11 H  N N 36  
ARG HH12 H  N N 37  
ARG HH21 H  N N 38  
ARG HH22 H  N N 39  
ARG HXT  H  N N 40  
ASN N    N  N N 41  
ASN CA   C  N S 42  
ASN C    C  N N 43  
ASN O    O  N N 44  
ASN CB   C  N N 45  
ASN CG   C  N N 46  
ASN OD1  O  N N 47  
ASN ND2  N  N N 48  
ASN OXT  O  N N 49  
ASN H    H  N N 50  
ASN H2   H  N N 51  
ASN HA   H  N N 52  
ASN HB2  H  N N 53  
ASN HB3  H  N N 54  
ASN HD21 H  N N 55  
ASN HD22 H  N N 56  
ASN HXT  H  N N 57  
ASP N    N  N N 58  
ASP CA   C  N S 59  
ASP C    C  N N 60  
ASP O    O  N N 61  
ASP CB   C  N N 62  
ASP CG   C  N N 63  
ASP OD1  O  N N 64  
ASP OD2  O  N N 65  
ASP OXT  O  N N 66  
ASP H    H  N N 67  
ASP H2   H  N N 68  
ASP HA   H  N N 69  
ASP HB2  H  N N 70  
ASP HB3  H  N N 71  
ASP HD2  H  N N 72  
ASP HXT  H  N N 73  
CYS N    N  N N 74  
CYS CA   C  N R 75  
CYS C    C  N N 76  
CYS O    O  N N 77  
CYS CB   C  N N 78  
CYS SG   S  N N 79  
CYS OXT  O  N N 80  
CYS H    H  N N 81  
CYS H2   H  N N 82  
CYS HA   H  N N 83  
CYS HB2  H  N N 84  
CYS HB3  H  N N 85  
CYS HG   H  N N 86  
CYS HXT  H  N N 87  
GLN N    N  N N 88  
GLN CA   C  N S 89  
GLN C    C  N N 90  
GLN O    O  N N 91  
GLN CB   C  N N 92  
GLN CG   C  N N 93  
GLN CD   C  N N 94  
GLN OE1  O  N N 95  
GLN NE2  N  N N 96  
GLN OXT  O  N N 97  
GLN H    H  N N 98  
GLN H2   H  N N 99  
GLN HA   H  N N 100 
GLN HB2  H  N N 101 
GLN HB3  H  N N 102 
GLN HG2  H  N N 103 
GLN HG3  H  N N 104 
GLN HE21 H  N N 105 
GLN HE22 H  N N 106 
GLN HXT  H  N N 107 
GLU N    N  N N 108 
GLU CA   C  N S 109 
GLU C    C  N N 110 
GLU O    O  N N 111 
GLU CB   C  N N 112 
GLU CG   C  N N 113 
GLU CD   C  N N 114 
GLU OE1  O  N N 115 
GLU OE2  O  N N 116 
GLU OXT  O  N N 117 
GLU H    H  N N 118 
GLU H2   H  N N 119 
GLU HA   H  N N 120 
GLU HB2  H  N N 121 
GLU HB3  H  N N 122 
GLU HG2  H  N N 123 
GLU HG3  H  N N 124 
GLU HE2  H  N N 125 
GLU HXT  H  N N 126 
GLY N    N  N N 127 
GLY CA   C  N N 128 
GLY C    C  N N 129 
GLY O    O  N N 130 
GLY OXT  O  N N 131 
GLY H    H  N N 132 
GLY H2   H  N N 133 
GLY HA2  H  N N 134 
GLY HA3  H  N N 135 
GLY HXT  H  N N 136 
HIS N    N  N N 137 
HIS CA   C  N S 138 
HIS C    C  N N 139 
HIS O    O  N N 140 
HIS CB   C  N N 141 
HIS CG   C  Y N 142 
HIS ND1  N  Y N 143 
HIS CD2  C  Y N 144 
HIS CE1  C  Y N 145 
HIS NE2  N  Y N 146 
HIS OXT  O  N N 147 
HIS H    H  N N 148 
HIS H2   H  N N 149 
HIS HA   H  N N 150 
HIS HB2  H  N N 151 
HIS HB3  H  N N 152 
HIS HD1  H  N N 153 
HIS HD2  H  N N 154 
HIS HE1  H  N N 155 
HIS HE2  H  N N 156 
HIS HXT  H  N N 157 
HOH O    O  N N 158 
HOH H1   H  N N 159 
HOH H2   H  N N 160 
ILE N    N  N N 161 
ILE CA   C  N S 162 
ILE C    C  N N 163 
ILE O    O  N N 164 
ILE CB   C  N S 165 
ILE CG1  C  N N 166 
ILE CG2  C  N N 167 
ILE CD1  C  N N 168 
ILE OXT  O  N N 169 
ILE H    H  N N 170 
ILE H2   H  N N 171 
ILE HA   H  N N 172 
ILE HB   H  N N 173 
ILE HG12 H  N N 174 
ILE HG13 H  N N 175 
ILE HG21 H  N N 176 
ILE HG22 H  N N 177 
ILE HG23 H  N N 178 
ILE HD11 H  N N 179 
ILE HD12 H  N N 180 
ILE HD13 H  N N 181 
ILE HXT  H  N N 182 
LEU N    N  N N 183 
LEU CA   C  N S 184 
LEU C    C  N N 185 
LEU O    O  N N 186 
LEU CB   C  N N 187 
LEU CG   C  N N 188 
LEU CD1  C  N N 189 
LEU CD2  C  N N 190 
LEU OXT  O  N N 191 
LEU H    H  N N 192 
LEU H2   H  N N 193 
LEU HA   H  N N 194 
LEU HB2  H  N N 195 
LEU HB3  H  N N 196 
LEU HG   H  N N 197 
LEU HD11 H  N N 198 
LEU HD12 H  N N 199 
LEU HD13 H  N N 200 
LEU HD21 H  N N 201 
LEU HD22 H  N N 202 
LEU HD23 H  N N 203 
LEU HXT  H  N N 204 
LYS N    N  N N 205 
LYS CA   C  N S 206 
LYS C    C  N N 207 
LYS O    O  N N 208 
LYS CB   C  N N 209 
LYS CG   C  N N 210 
LYS CD   C  N N 211 
LYS CE   C  N N 212 
LYS NZ   N  N N 213 
LYS OXT  O  N N 214 
LYS H    H  N N 215 
LYS H2   H  N N 216 
LYS HA   H  N N 217 
LYS HB2  H  N N 218 
LYS HB3  H  N N 219 
LYS HG2  H  N N 220 
LYS HG3  H  N N 221 
LYS HD2  H  N N 222 
LYS HD3  H  N N 223 
LYS HE2  H  N N 224 
LYS HE3  H  N N 225 
LYS HZ1  H  N N 226 
LYS HZ2  H  N N 227 
LYS HZ3  H  N N 228 
LYS HXT  H  N N 229 
MSE N    N  N N 230 
MSE CA   C  N S 231 
MSE C    C  N N 232 
MSE O    O  N N 233 
MSE OXT  O  N N 234 
MSE CB   C  N N 235 
MSE CG   C  N N 236 
MSE SE   SE N N 237 
MSE CE   C  N N 238 
MSE H    H  N N 239 
MSE H2   H  N N 240 
MSE HA   H  N N 241 
MSE HXT  H  N N 242 
MSE HB2  H  N N 243 
MSE HB3  H  N N 244 
MSE HG2  H  N N 245 
MSE HG3  H  N N 246 
MSE HE1  H  N N 247 
MSE HE2  H  N N 248 
MSE HE3  H  N N 249 
PHE N    N  N N 250 
PHE CA   C  N S 251 
PHE C    C  N N 252 
PHE O    O  N N 253 
PHE CB   C  N N 254 
PHE CG   C  Y N 255 
PHE CD1  C  Y N 256 
PHE CD2  C  Y N 257 
PHE CE1  C  Y N 258 
PHE CE2  C  Y N 259 
PHE CZ   C  Y N 260 
PHE OXT  O  N N 261 
PHE H    H  N N 262 
PHE H2   H  N N 263 
PHE HA   H  N N 264 
PHE HB2  H  N N 265 
PHE HB3  H  N N 266 
PHE HD1  H  N N 267 
PHE HD2  H  N N 268 
PHE HE1  H  N N 269 
PHE HE2  H  N N 270 
PHE HZ   H  N N 271 
PHE HXT  H  N N 272 
PRO N    N  N N 273 
PRO CA   C  N S 274 
PRO C    C  N N 275 
PRO O    O  N N 276 
PRO CB   C  N N 277 
PRO CG   C  N N 278 
PRO CD   C  N N 279 
PRO OXT  O  N N 280 
PRO H    H  N N 281 
PRO HA   H  N N 282 
PRO HB2  H  N N 283 
PRO HB3  H  N N 284 
PRO HG2  H  N N 285 
PRO HG3  H  N N 286 
PRO HD2  H  N N 287 
PRO HD3  H  N N 288 
PRO HXT  H  N N 289 
SER N    N  N N 290 
SER CA   C  N S 291 
SER C    C  N N 292 
SER O    O  N N 293 
SER CB   C  N N 294 
SER OG   O  N N 295 
SER OXT  O  N N 296 
SER H    H  N N 297 
SER H2   H  N N 298 
SER HA   H  N N 299 
SER HB2  H  N N 300 
SER HB3  H  N N 301 
SER HG   H  N N 302 
SER HXT  H  N N 303 
SO4 S    S  N N 304 
SO4 O1   O  N N 305 
SO4 O2   O  N N 306 
SO4 O3   O  N N 307 
SO4 O4   O  N N 308 
THR N    N  N N 309 
THR CA   C  N S 310 
THR C    C  N N 311 
THR O    O  N N 312 
THR CB   C  N R 313 
THR OG1  O  N N 314 
THR CG2  C  N N 315 
THR OXT  O  N N 316 
THR H    H  N N 317 
THR H2   H  N N 318 
THR HA   H  N N 319 
THR HB   H  N N 320 
THR HG1  H  N N 321 
THR HG21 H  N N 322 
THR HG22 H  N N 323 
THR HG23 H  N N 324 
THR HXT  H  N N 325 
TRP N    N  N N 326 
TRP CA   C  N S 327 
TRP C    C  N N 328 
TRP O    O  N N 329 
TRP CB   C  N N 330 
TRP CG   C  Y N 331 
TRP CD1  C  Y N 332 
TRP CD2  C  Y N 333 
TRP NE1  N  Y N 334 
TRP CE2  C  Y N 335 
TRP CE3  C  Y N 336 
TRP CZ2  C  Y N 337 
TRP CZ3  C  Y N 338 
TRP CH2  C  Y N 339 
TRP OXT  O  N N 340 
TRP H    H  N N 341 
TRP H2   H  N N 342 
TRP HA   H  N N 343 
TRP HB2  H  N N 344 
TRP HB3  H  N N 345 
TRP HD1  H  N N 346 
TRP HE1  H  N N 347 
TRP HE3  H  N N 348 
TRP HZ2  H  N N 349 
TRP HZ3  H  N N 350 
TRP HH2  H  N N 351 
TRP HXT  H  N N 352 
TYR N    N  N N 353 
TYR CA   C  N S 354 
TYR C    C  N N 355 
TYR O    O  N N 356 
TYR CB   C  N N 357 
TYR CG   C  Y N 358 
TYR CD1  C  Y N 359 
TYR CD2  C  Y N 360 
TYR CE1  C  Y N 361 
TYR CE2  C  Y N 362 
TYR CZ   C  Y N 363 
TYR OH   O  N N 364 
TYR OXT  O  N N 365 
TYR H    H  N N 366 
TYR H2   H  N N 367 
TYR HA   H  N N 368 
TYR HB2  H  N N 369 
TYR HB3  H  N N 370 
TYR HD1  H  N N 371 
TYR HD2  H  N N 372 
TYR HE1  H  N N 373 
TYR HE2  H  N N 374 
TYR HH   H  N N 375 
TYR HXT  H  N N 376 
VAL N    N  N N 377 
VAL CA   C  N S 378 
VAL C    C  N N 379 
VAL O    O  N N 380 
VAL CB   C  N N 381 
VAL CG1  C  N N 382 
VAL CG2  C  N N 383 
VAL OXT  O  N N 384 
VAL H    H  N N 385 
VAL H2   H  N N 386 
VAL HA   H  N N 387 
VAL HB   H  N N 388 
VAL HG11 H  N N 389 
VAL HG12 H  N N 390 
VAL HG13 H  N N 391 
VAL HG21 H  N N 392 
VAL HG22 H  N N 393 
VAL HG23 H  N N 394 
VAL HXT  H  N N 395 
# 
loop_
_chem_comp_bond.comp_id 
_chem_comp_bond.atom_id_1 
_chem_comp_bond.atom_id_2 
_chem_comp_bond.value_order 
_chem_comp_bond.pdbx_aromatic_flag 
_chem_comp_bond.pdbx_stereo_config 
_chem_comp_bond.pdbx_ordinal 
ALA N   CA   sing N N 1   
ALA N   H    sing N N 2   
ALA N   H2   sing N N 3   
ALA CA  C    sing N N 4   
ALA CA  CB   sing N N 5   
ALA CA  HA   sing N N 6   
ALA C   O    doub N N 7   
ALA C   OXT  sing N N 8   
ALA CB  HB1  sing N N 9   
ALA CB  HB2  sing N N 10  
ALA CB  HB3  sing N N 11  
ALA OXT HXT  sing N N 12  
ARG N   CA   sing N N 13  
ARG N   H    sing N N 14  
ARG N   H2   sing N N 15  
ARG CA  C    sing N N 16  
ARG CA  CB   sing N N 17  
ARG CA  HA   sing N N 18  
ARG C   O    doub N N 19  
ARG C   OXT  sing N N 20  
ARG CB  CG   sing N N 21  
ARG CB  HB2  sing N N 22  
ARG CB  HB3  sing N N 23  
ARG CG  CD   sing N N 24  
ARG CG  HG2  sing N N 25  
ARG CG  HG3  sing N N 26  
ARG CD  NE   sing N N 27  
ARG CD  HD2  sing N N 28  
ARG CD  HD3  sing N N 29  
ARG NE  CZ   sing N N 30  
ARG NE  HE   sing N N 31  
ARG CZ  NH1  sing N N 32  
ARG CZ  NH2  doub N N 33  
ARG NH1 HH11 sing N N 34  
ARG NH1 HH12 sing N N 35  
ARG NH2 HH21 sing N N 36  
ARG NH2 HH22 sing N N 37  
ARG OXT HXT  sing N N 38  
ASN N   CA   sing N N 39  
ASN N   H    sing N N 40  
ASN N   H2   sing N N 41  
ASN CA  C    sing N N 42  
ASN CA  CB   sing N N 43  
ASN CA  HA   sing N N 44  
ASN C   O    doub N N 45  
ASN C   OXT  sing N N 46  
ASN CB  CG   sing N N 47  
ASN CB  HB2  sing N N 48  
ASN CB  HB3  sing N N 49  
ASN CG  OD1  doub N N 50  
ASN CG  ND2  sing N N 51  
ASN ND2 HD21 sing N N 52  
ASN ND2 HD22 sing N N 53  
ASN OXT HXT  sing N N 54  
ASP N   CA   sing N N 55  
ASP N   H    sing N N 56  
ASP N   H2   sing N N 57  
ASP CA  C    sing N N 58  
ASP CA  CB   sing N N 59  
ASP CA  HA   sing N N 60  
ASP C   O    doub N N 61  
ASP C   OXT  sing N N 62  
ASP CB  CG   sing N N 63  
ASP CB  HB2  sing N N 64  
ASP CB  HB3  sing N N 65  
ASP CG  OD1  doub N N 66  
ASP CG  OD2  sing N N 67  
ASP OD2 HD2  sing N N 68  
ASP OXT HXT  sing N N 69  
CYS N   CA   sing N N 70  
CYS N   H    sing N N 71  
CYS N   H2   sing N N 72  
CYS CA  C    sing N N 73  
CYS CA  CB   sing N N 74  
CYS CA  HA   sing N N 75  
CYS C   O    doub N N 76  
CYS C   OXT  sing N N 77  
CYS CB  SG   sing N N 78  
CYS CB  HB2  sing N N 79  
CYS CB  HB3  sing N N 80  
CYS SG  HG   sing N N 81  
CYS OXT HXT  sing N N 82  
GLN N   CA   sing N N 83  
GLN N   H    sing N N 84  
GLN N   H2   sing N N 85  
GLN CA  C    sing N N 86  
GLN CA  CB   sing N N 87  
GLN CA  HA   sing N N 88  
GLN C   O    doub N N 89  
GLN C   OXT  sing N N 90  
GLN CB  CG   sing N N 91  
GLN CB  HB2  sing N N 92  
GLN CB  HB3  sing N N 93  
GLN CG  CD   sing N N 94  
GLN CG  HG2  sing N N 95  
GLN CG  HG3  sing N N 96  
GLN CD  OE1  doub N N 97  
GLN CD  NE2  sing N N 98  
GLN NE2 HE21 sing N N 99  
GLN NE2 HE22 sing N N 100 
GLN OXT HXT  sing N N 101 
GLU N   CA   sing N N 102 
GLU N   H    sing N N 103 
GLU N   H2   sing N N 104 
GLU CA  C    sing N N 105 
GLU CA  CB   sing N N 106 
GLU CA  HA   sing N N 107 
GLU C   O    doub N N 108 
GLU C   OXT  sing N N 109 
GLU CB  CG   sing N N 110 
GLU CB  HB2  sing N N 111 
GLU CB  HB3  sing N N 112 
GLU CG  CD   sing N N 113 
GLU CG  HG2  sing N N 114 
GLU CG  HG3  sing N N 115 
GLU CD  OE1  doub N N 116 
GLU CD  OE2  sing N N 117 
GLU OE2 HE2  sing N N 118 
GLU OXT HXT  sing N N 119 
GLY N   CA   sing N N 120 
GLY N   H    sing N N 121 
GLY N   H2   sing N N 122 
GLY CA  C    sing N N 123 
GLY CA  HA2  sing N N 124 
GLY CA  HA3  sing N N 125 
GLY C   O    doub N N 126 
GLY C   OXT  sing N N 127 
GLY OXT HXT  sing N N 128 
HIS N   CA   sing N N 129 
HIS N   H    sing N N 130 
HIS N   H2   sing N N 131 
HIS CA  C    sing N N 132 
HIS CA  CB   sing N N 133 
HIS CA  HA   sing N N 134 
HIS C   O    doub N N 135 
HIS C   OXT  sing N N 136 
HIS CB  CG   sing N N 137 
HIS CB  HB2  sing N N 138 
HIS CB  HB3  sing N N 139 
HIS CG  ND1  sing Y N 140 
HIS CG  CD2  doub Y N 141 
HIS ND1 CE1  doub Y N 142 
HIS ND1 HD1  sing N N 143 
HIS CD2 NE2  sing Y N 144 
HIS CD2 HD2  sing N N 145 
HIS CE1 NE2  sing Y N 146 
HIS CE1 HE1  sing N N 147 
HIS NE2 HE2  sing N N 148 
HIS OXT HXT  sing N N 149 
HOH O   H1   sing N N 150 
HOH O   H2   sing N N 151 
ILE N   CA   sing N N 152 
ILE N   H    sing N N 153 
ILE N   H2   sing N N 154 
ILE CA  C    sing N N 155 
ILE CA  CB   sing N N 156 
ILE CA  HA   sing N N 157 
ILE C   O    doub N N 158 
ILE C   OXT  sing N N 159 
ILE CB  CG1  sing N N 160 
ILE CB  CG2  sing N N 161 
ILE CB  HB   sing N N 162 
ILE CG1 CD1  sing N N 163 
ILE CG1 HG12 sing N N 164 
ILE CG1 HG13 sing N N 165 
ILE CG2 HG21 sing N N 166 
ILE CG2 HG22 sing N N 167 
ILE CG2 HG23 sing N N 168 
ILE CD1 HD11 sing N N 169 
ILE CD1 HD12 sing N N 170 
ILE CD1 HD13 sing N N 171 
ILE OXT HXT  sing N N 172 
LEU N   CA   sing N N 173 
LEU N   H    sing N N 174 
LEU N   H2   sing N N 175 
LEU CA  C    sing N N 176 
LEU CA  CB   sing N N 177 
LEU CA  HA   sing N N 178 
LEU C   O    doub N N 179 
LEU C   OXT  sing N N 180 
LEU CB  CG   sing N N 181 
LEU CB  HB2  sing N N 182 
LEU CB  HB3  sing N N 183 
LEU CG  CD1  sing N N 184 
LEU CG  CD2  sing N N 185 
LEU CG  HG   sing N N 186 
LEU CD1 HD11 sing N N 187 
LEU CD1 HD12 sing N N 188 
LEU CD1 HD13 sing N N 189 
LEU CD2 HD21 sing N N 190 
LEU CD2 HD22 sing N N 191 
LEU CD2 HD23 sing N N 192 
LEU OXT HXT  sing N N 193 
LYS N   CA   sing N N 194 
LYS N   H    sing N N 195 
LYS N   H2   sing N N 196 
LYS CA  C    sing N N 197 
LYS CA  CB   sing N N 198 
LYS CA  HA   sing N N 199 
LYS C   O    doub N N 200 
LYS C   OXT  sing N N 201 
LYS CB  CG   sing N N 202 
LYS CB  HB2  sing N N 203 
LYS CB  HB3  sing N N 204 
LYS CG  CD   sing N N 205 
LYS CG  HG2  sing N N 206 
LYS CG  HG3  sing N N 207 
LYS CD  CE   sing N N 208 
LYS CD  HD2  sing N N 209 
LYS CD  HD3  sing N N 210 
LYS CE  NZ   sing N N 211 
LYS CE  HE2  sing N N 212 
LYS CE  HE3  sing N N 213 
LYS NZ  HZ1  sing N N 214 
LYS NZ  HZ2  sing N N 215 
LYS NZ  HZ3  sing N N 216 
LYS OXT HXT  sing N N 217 
MSE N   CA   sing N N 218 
MSE N   H    sing N N 219 
MSE N   H2   sing N N 220 
MSE CA  C    sing N N 221 
MSE CA  CB   sing N N 222 
MSE CA  HA   sing N N 223 
MSE C   O    doub N N 224 
MSE C   OXT  sing N N 225 
MSE OXT HXT  sing N N 226 
MSE CB  CG   sing N N 227 
MSE CB  HB2  sing N N 228 
MSE CB  HB3  sing N N 229 
MSE CG  SE   sing N N 230 
MSE CG  HG2  sing N N 231 
MSE CG  HG3  sing N N 232 
MSE SE  CE   sing N N 233 
MSE CE  HE1  sing N N 234 
MSE CE  HE2  sing N N 235 
MSE CE  HE3  sing N N 236 
PHE N   CA   sing N N 237 
PHE N   H    sing N N 238 
PHE N   H2   sing N N 239 
PHE CA  C    sing N N 240 
PHE CA  CB   sing N N 241 
PHE CA  HA   sing N N 242 
PHE C   O    doub N N 243 
PHE C   OXT  sing N N 244 
PHE CB  CG   sing N N 245 
PHE CB  HB2  sing N N 246 
PHE CB  HB3  sing N N 247 
PHE CG  CD1  doub Y N 248 
PHE CG  CD2  sing Y N 249 
PHE CD1 CE1  sing Y N 250 
PHE CD1 HD1  sing N N 251 
PHE CD2 CE2  doub Y N 252 
PHE CD2 HD2  sing N N 253 
PHE CE1 CZ   doub Y N 254 
PHE CE1 HE1  sing N N 255 
PHE CE2 CZ   sing Y N 256 
PHE CE2 HE2  sing N N 257 
PHE CZ  HZ   sing N N 258 
PHE OXT HXT  sing N N 259 
PRO N   CA   sing N N 260 
PRO N   CD   sing N N 261 
PRO N   H    sing N N 262 
PRO CA  C    sing N N 263 
PRO CA  CB   sing N N 264 
PRO CA  HA   sing N N 265 
PRO C   O    doub N N 266 
PRO C   OXT  sing N N 267 
PRO CB  CG   sing N N 268 
PRO CB  HB2  sing N N 269 
PRO CB  HB3  sing N N 270 
PRO CG  CD   sing N N 271 
PRO CG  HG2  sing N N 272 
PRO CG  HG3  sing N N 273 
PRO CD  HD2  sing N N 274 
PRO CD  HD3  sing N N 275 
PRO OXT HXT  sing N N 276 
SER N   CA   sing N N 277 
SER N   H    sing N N 278 
SER N   H2   sing N N 279 
SER CA  C    sing N N 280 
SER CA  CB   sing N N 281 
SER CA  HA   sing N N 282 
SER C   O    doub N N 283 
SER C   OXT  sing N N 284 
SER CB  OG   sing N N 285 
SER CB  HB2  sing N N 286 
SER CB  HB3  sing N N 287 
SER OG  HG   sing N N 288 
SER OXT HXT  sing N N 289 
SO4 S   O1   doub N N 290 
SO4 S   O2   doub N N 291 
SO4 S   O3   sing N N 292 
SO4 S   O4   sing N N 293 
THR N   CA   sing N N 294 
THR N   H    sing N N 295 
THR N   H2   sing N N 296 
THR CA  C    sing N N 297 
THR CA  CB   sing N N 298 
THR CA  HA   sing N N 299 
THR C   O    doub N N 300 
THR C   OXT  sing N N 301 
THR CB  OG1  sing N N 302 
THR CB  CG2  sing N N 303 
THR CB  HB   sing N N 304 
THR OG1 HG1  sing N N 305 
THR CG2 HG21 sing N N 306 
THR CG2 HG22 sing N N 307 
THR CG2 HG23 sing N N 308 
THR OXT HXT  sing N N 309 
TRP N   CA   sing N N 310 
TRP N   H    sing N N 311 
TRP N   H2   sing N N 312 
TRP CA  C    sing N N 313 
TRP CA  CB   sing N N 314 
TRP CA  HA   sing N N 315 
TRP C   O    doub N N 316 
TRP C   OXT  sing N N 317 
TRP CB  CG   sing N N 318 
TRP CB  HB2  sing N N 319 
TRP CB  HB3  sing N N 320 
TRP CG  CD1  doub Y N 321 
TRP CG  CD2  sing Y N 322 
TRP CD1 NE1  sing Y N 323 
TRP CD1 HD1  sing N N 324 
TRP CD2 CE2  doub Y N 325 
TRP CD2 CE3  sing Y N 326 
TRP NE1 CE2  sing Y N 327 
TRP NE1 HE1  sing N N 328 
TRP CE2 CZ2  sing Y N 329 
TRP CE3 CZ3  doub Y N 330 
TRP CE3 HE3  sing N N 331 
TRP CZ2 CH2  doub Y N 332 
TRP CZ2 HZ2  sing N N 333 
TRP CZ3 CH2  sing Y N 334 
TRP CZ3 HZ3  sing N N 335 
TRP CH2 HH2  sing N N 336 
TRP OXT HXT  sing N N 337 
TYR N   CA   sing N N 338 
TYR N   H    sing N N 339 
TYR N   H2   sing N N 340 
TYR CA  C    sing N N 341 
TYR CA  CB   sing N N 342 
TYR CA  HA   sing N N 343 
TYR C   O    doub N N 344 
TYR C   OXT  sing N N 345 
TYR CB  CG   sing N N 346 
TYR CB  HB2  sing N N 347 
TYR CB  HB3  sing N N 348 
TYR CG  CD1  doub Y N 349 
TYR CG  CD2  sing Y N 350 
TYR CD1 CE1  sing Y N 351 
TYR CD1 HD1  sing N N 352 
TYR CD2 CE2  doub Y N 353 
TYR CD2 HD2  sing N N 354 
TYR CE1 CZ   doub Y N 355 
TYR CE1 HE1  sing N N 356 
TYR CE2 CZ   sing Y N 357 
TYR CE2 HE2  sing N N 358 
TYR CZ  OH   sing N N 359 
TYR OH  HH   sing N N 360 
TYR OXT HXT  sing N N 361 
VAL N   CA   sing N N 362 
VAL N   H    sing N N 363 
VAL N   H2   sing N N 364 
VAL CA  C    sing N N 365 
VAL CA  CB   sing N N 366 
VAL CA  HA   sing N N 367 
VAL C   O    doub N N 368 
VAL C   OXT  sing N N 369 
VAL CB  CG1  sing N N 370 
VAL CB  CG2  sing N N 371 
VAL CB  HB   sing N N 372 
VAL CG1 HG11 sing N N 373 
VAL CG1 HG12 sing N N 374 
VAL CG1 HG13 sing N N 375 
VAL CG2 HG21 sing N N 376 
VAL CG2 HG22 sing N N 377 
VAL CG2 HG23 sing N N 378 
VAL OXT HXT  sing N N 379 
# 
_atom_sites.entry_id                    3EXQ 
_atom_sites.fract_transf_matrix[1][1]   -0.01404102 
_atom_sites.fract_transf_matrix[1][2]   -0.00171111 
_atom_sites.fract_transf_matrix[1][3]   0.00492873 
_atom_sites.fract_transf_matrix[2][1]   -0.00390332 
_atom_sites.fract_transf_matrix[2][2]   0.00781837 
_atom_sites.fract_transf_matrix[2][3]   -0.00840552 
_atom_sites.fract_transf_matrix[3][1]   -0.00368355 
_atom_sites.fract_transf_matrix[3][2]   -0.02093440 
_atom_sites.fract_transf_matrix[3][3]   -0.01776154 
_atom_sites.fract_transf_vector[1]      0.404280 
_atom_sites.fract_transf_vector[2]      0.119115 
_atom_sites.fract_transf_vector[3]      0.614749 
# 
loop_
_atom_type.symbol 
C  
N  
O  
S  
SE 
# 
loop_
_atom_site.group_PDB 
_atom_site.id 
_atom_site.type_symbol 
_atom_site.label_atom_id 
_atom_site.label_alt_id 
_atom_site.label_comp_id 
_atom_site.label_asym_id 
_atom_site.label_entity_id 
_atom_site.label_seq_id 
_atom_site.pdbx_PDB_ins_code 
_atom_site.Cartn_x 
_atom_site.Cartn_y 
_atom_site.Cartn_z 
_atom_site.occupancy 
_atom_site.B_iso_or_equiv 
_atom_site.pdbx_formal_charge 
_atom_site.auth_seq_id 
_atom_site.auth_comp_id 
_atom_site.auth_asym_id 
_atom_site.auth_atom_id 
_atom_site.pdbx_PDB_model_num 
ATOM   1    N  N   . LEU A 1 3   ? 2.951   -0.567  26.399  1.00 48.05 ? 3   LEU A N   1 
ATOM   2    C  CA  . LEU A 1 3   ? 2.439   -1.952  26.266  1.00 48.76 ? 3   LEU A CA  1 
ATOM   3    C  C   . LEU A 1 3   ? 1.124   -2.206  26.978  1.00 48.05 ? 3   LEU A C   1 
ATOM   4    O  O   . LEU A 1 3   ? 0.621   -1.372  27.734  1.00 49.38 ? 3   LEU A O   1 
ATOM   5    C  CB  . LEU A 1 3   ? 3.445   -2.938  26.834  1.00 50.13 ? 3   LEU A CB  1 
ATOM   6    C  CG  . LEU A 1 3   ? 4.239   -3.937  26.014  1.00 50.38 ? 3   LEU A CG  1 
ATOM   7    C  CD1 . LEU A 1 3   ? 4.645   -4.968  27.035  1.00 50.58 ? 3   LEU A CD1 1 
ATOM   8    C  CD2 . LEU A 1 3   ? 3.445   -4.596  24.895  1.00 50.38 ? 3   LEU A CD2 1 
ATOM   9    N  N   . THR A 1 4   ? 0.592   -3.396  26.716  1.00 48.24 ? 4   THR A N   1 
ATOM   10   C  CA  . THR A 1 4   ? -0.634  -3.893  27.318  1.00 46.08 ? 4   THR A CA  1 
ATOM   11   C  C   . THR A 1 4   ? -1.789  -2.896  27.404  1.00 45.26 ? 4   THR A C   1 
ATOM   12   O  O   . THR A 1 4   ? -2.582  -2.883  28.350  1.00 45.46 ? 4   THR A O   1 
ATOM   13   C  CB  . THR A 1 4   ? -0.284  -4.484  28.650  1.00 46.16 ? 4   THR A CB  1 
ATOM   14   O  OG1 . THR A 1 4   ? 0.719   -3.662  29.243  1.00 48.88 ? 4   THR A OG1 1 
ATOM   15   C  CG2 . THR A 1 4   ? 0.311   -5.883  28.463  1.00 44.89 ? 4   THR A CG2 1 
ATOM   16   N  N   . ARG A 1 5   ? -1.826  -2.071  26.362  1.00 42.05 ? 5   ARG A N   1 
ATOM   17   C  CA  . ARG A 1 5   ? -2.811  -1.047  26.026  1.00 38.26 ? 5   ARG A CA  1 
ATOM   18   C  C   . ARG A 1 5   ? -2.130  -0.285  24.880  1.00 33.90 ? 5   ARG A C   1 
ATOM   19   O  O   . ARG A 1 5   ? -1.266  -0.866  24.225  1.00 30.13 ? 5   ARG A O   1 
ATOM   20   C  CB  . ARG A 1 5   ? -3.267  -0.152  27.208  1.00 39.87 ? 5   ARG A CB  1 
ATOM   21   C  CG  . ARG A 1 5   ? -2.323  0.908   27.689  1.00 42.57 ? 5   ARG A CG  1 
ATOM   22   C  CD  . ARG A 1 5   ? -2.918  2.358   27.759  1.00 47.23 ? 5   ARG A CD  1 
ATOM   23   N  NE  . ARG A 1 5   ? -4.183  2.682   27.071  1.00 49.07 ? 5   ARG A NE  1 
ATOM   24   C  CZ  . ARG A 1 5   ? -5.379  2.167   27.366  1.00 51.56 ? 5   ARG A CZ  1 
ATOM   25   N  NH1 . ARG A 1 5   ? -5.504  1.265   28.330  1.00 52.37 ? 5   ARG A NH1 1 
ATOM   26   N  NH2 . ARG A 1 5   ? -6.470  2.614   26.752  1.00 50.39 ? 5   ARG A NH2 1 
ATOM   27   N  N   . THR A 1 6   ? -2.455  0.979   24.631  1.00 29.33 ? 6   THR A N   1 
ATOM   28   C  CA  . THR A 1 6   ? -1.893  1.666   23.455  1.00 25.99 ? 6   THR A CA  1 
ATOM   29   C  C   . THR A 1 6   ? -0.455  2.163   23.320  1.00 25.40 ? 6   THR A C   1 
ATOM   30   O  O   . THR A 1 6   ? 0.246   2.415   24.297  1.00 24.42 ? 6   THR A O   1 
ATOM   31   C  CB  . THR A 1 6   ? -2.778  2.861   23.067  1.00 24.16 ? 6   THR A CB  1 
ATOM   32   O  OG1 . THR A 1 6   ? -2.501  3.969   23.934  1.00 22.95 ? 6   THR A OG1 1 
ATOM   33   C  CG2 . THR A 1 6   ? -4.243  2.484   23.191  1.00 20.41 ? 6   THR A CG2 1 
ATOM   34   N  N   . GLN A 1 7   ? -0.043  2.302   22.057  1.00 21.60 ? 7   GLN A N   1 
ATOM   35   C  CA  . GLN A 1 7   ? 1.257   2.834   21.680  1.00 20.53 ? 7   GLN A CA  1 
ATOM   36   C  C   . GLN A 1 7   ? 1.057   3.622   20.383  1.00 20.72 ? 7   GLN A C   1 
ATOM   37   O  O   . GLN A 1 7   ? 0.091   3.394   19.652  1.00 21.05 ? 7   GLN A O   1 
ATOM   38   C  CB  . GLN A 1 7   ? 2.300   1.720   21.490  1.00 19.39 ? 7   GLN A CB  1 
ATOM   39   C  CG  . GLN A 1 7   ? 1.955   0.618   20.496  1.00 19.07 ? 7   GLN A CG  1 
ATOM   40   C  CD  . GLN A 1 7   ? 3.040   -0.442  20.438  1.00 15.35 ? 7   GLN A CD  1 
ATOM   41   O  OE1 . GLN A 1 7   ? 4.124   -0.201  19.913  1.00 16.12 ? 7   GLN A OE1 1 
ATOM   42   N  NE2 . GLN A 1 7   ? 2.759   -1.615  20.992  1.00 16.20 ? 7   GLN A NE2 1 
ATOM   43   N  N   . PRO A 1 8   ? 1.950   4.579   20.091  1.00 21.94 ? 8   PRO A N   1 
ATOM   44   C  CA  . PRO A 1 8   ? 1.811   5.373   18.866  1.00 20.81 ? 8   PRO A CA  1 
ATOM   45   C  C   . PRO A 1 8   ? 2.057   4.601   17.573  1.00 19.66 ? 8   PRO A C   1 
ATOM   46   O  O   . PRO A 1 8   ? 3.142   4.067   17.346  1.00 17.85 ? 8   PRO A O   1 
ATOM   47   C  CB  . PRO A 1 8   ? 2.817   6.503   19.073  1.00 23.58 ? 8   PRO A CB  1 
ATOM   48   C  CG  . PRO A 1 8   ? 3.881   5.852   19.892  1.00 23.80 ? 8   PRO A CG  1 
ATOM   49   C  CD  . PRO A 1 8   ? 3.083   5.059   20.900  1.00 22.85 ? 8   PRO A CD  1 
ATOM   50   N  N   . VAL A 1 9   ? 1.033   4.554   16.727  1.00 18.17 ? 9   VAL A N   1 
ATOM   51   C  CA  . VAL A 1 9   ? 1.125   3.856   15.454  1.00 16.62 ? 9   VAL A CA  1 
ATOM   52   C  C   . VAL A 1 9   ? 0.560   4.703   14.322  1.00 16.84 ? 9   VAL A C   1 
ATOM   53   O  O   . VAL A 1 9   ? -0.569  5.190   14.405  1.00 14.56 ? 9   VAL A O   1 
ATOM   54   C  CB  . VAL A 1 9   ? 0.330   2.532   15.475  1.00 16.73 ? 9   VAL A CB  1 
ATOM   55   C  CG1 . VAL A 1 9   ? 0.414   1.857   14.108  1.00 14.02 ? 9   VAL A CG1 1 
ATOM   56   C  CG2 . VAL A 1 9   ? 0.872   1.606   16.552  1.00 15.07 ? 9   VAL A CG2 1 
ATOM   57   N  N   . GLU A 1 10  ? 1.342   4.874   13.262  1.00 16.03 ? 10  GLU A N   1 
ATOM   58   C  CA  . GLU A 1 10  ? 0.863   5.626   12.111  1.00 17.29 ? 10  GLU A CA  1 
ATOM   59   C  C   . GLU A 1 10  ? 0.263   4.578   11.184  1.00 16.49 ? 10  GLU A C   1 
ATOM   60   O  O   . GLU A 1 10  ? 0.983   3.804   10.553  1.00 14.64 ? 10  GLU A O   1 
ATOM   61   C  CB  . GLU A 1 10  ? 2.012   6.357   11.418  1.00 18.02 ? 10  GLU A CB  1 
ATOM   62   C  CG  . GLU A 1 10  ? 1.546   7.335   10.356  1.00 21.28 ? 10  GLU A CG  1 
ATOM   63   C  CD  . GLU A 1 10  ? 2.694   8.048   9.664   1.00 25.20 ? 10  GLU A CD  1 
ATOM   64   O  OE1 . GLU A 1 10  ? 3.706   8.339   10.330  1.00 25.64 ? 10  GLU A OE1 1 
ATOM   65   O  OE2 . GLU A 1 10  ? 2.573   8.329   8.455   1.00 25.87 ? 10  GLU A OE2 1 
ATOM   66   N  N   . LEU A 1 11  ? -1.062  4.543   11.124  1.00 16.88 ? 11  LEU A N   1 
ATOM   67   C  CA  . LEU A 1 11  ? -1.761  3.576   10.294  1.00 14.87 ? 11  LEU A CA  1 
ATOM   68   C  C   . LEU A 1 11  ? -1.991  4.061   8.861   1.00 15.56 ? 11  LEU A C   1 
ATOM   69   O  O   . LEU A 1 11  ? -2.591  5.114   8.635   1.00 11.92 ? 11  LEU A O   1 
ATOM   70   C  CB  . LEU A 1 11  ? -3.109  3.234   10.929  1.00 13.66 ? 11  LEU A CB  1 
ATOM   71   C  CG  . LEU A 1 11  ? -3.163  2.575   12.310  1.00 11.19 ? 11  LEU A CG  1 
ATOM   72   C  CD1 . LEU A 1 11  ? -4.616  2.584   12.814  1.00 12.36 ? 11  LEU A CD1 1 
ATOM   73   C  CD2 . LEU A 1 11  ? -2.646  1.162   12.223  1.00 13.40 ? 11  LEU A CD2 1 
ATOM   74   N  N   . VAL A 1 12  ? -1.505  3.291   7.896   1.00 13.23 ? 12  VAL A N   1 
ATOM   75   C  CA  . VAL A 1 12  ? -1.705  3.629   6.499   1.00 13.92 ? 12  VAL A CA  1 
ATOM   76   C  C   . VAL A 1 12  ? -2.172  2.401   5.742   1.00 14.66 ? 12  VAL A C   1 
ATOM   77   O  O   . VAL A 1 12  ? -1.922  1.270   6.152   1.00 14.77 ? 12  VAL A O   1 
ATOM   78   C  CB  . VAL A 1 12  ? -0.431  4.195   5.850   1.00 14.99 ? 12  VAL A CB  1 
ATOM   79   C  CG1 . VAL A 1 12  ? 0.006   5.455   6.607   1.00 14.06 ? 12  VAL A CG1 1 
ATOM   80   C  CG2 . VAL A 1 12  ? 0.670   3.140   5.834   1.00 12.83 ? 12  VAL A CG2 1 
ATOM   81   N  N   . THR A 1 13  ? -2.882  2.631   4.647   1.00 14.04 ? 13  THR A N   1 
ATOM   82   C  CA  . THR A 1 13  ? -3.402  1.544   3.829   1.00 13.51 ? 13  THR A CA  1 
ATOM   83   C  C   . THR A 1 13  ? -2.803  1.638   2.436   1.00 15.07 ? 13  THR A C   1 
ATOM   84   O  O   . THR A 1 13  ? -2.301  2.688   2.041   1.00 10.96 ? 13  THR A O   1 
ATOM   85   C  CB  . THR A 1 13  ? -4.926  1.655   3.670   1.00 15.07 ? 13  THR A CB  1 
ATOM   86   O  OG1 . THR A 1 13  ? -5.229  2.872   2.970   1.00 14.65 ? 13  THR A OG1 1 
ATOM   87   C  CG2 . THR A 1 13  ? -5.620  1.661   5.042   1.00 16.15 ? 13  THR A CG2 1 
HETATM 88   N  N   . MSE A 1 14  ? -2.875  0.534   1.702   1.00 14.32 ? 14  MSE A N   1 
HETATM 89   C  CA  . MSE A 1 14  ? -2.399  0.474   0.326   1.00 16.56 ? 14  MSE A CA  1 
HETATM 90   C  C   . MSE A 1 14  ? -3.224  -0.620  -0.327  1.00 16.79 ? 14  MSE A C   1 
HETATM 91   O  O   . MSE A 1 14  ? -3.397  -1.700  0.252   1.00 16.85 ? 14  MSE A O   1 
HETATM 92   C  CB  . MSE A 1 14  ? -0.921  0.116   0.254   1.00 16.99 ? 14  MSE A CB  1 
HETATM 93   C  CG  . MSE A 1 14  ? -0.346  0.445   -1.112  1.00 17.59 ? 14  MSE A CG  1 
HETATM 94   SE SE  . MSE A 1 14  ? 1.470   -0.120  -1.272  1.00 26.94 ? 14  MSE A SE  1 
HETATM 95   C  CE  . MSE A 1 14  ? 2.273   0.916   0.128   1.00 15.84 ? 14  MSE A CE  1 
ATOM   96   N  N   . VAL A 1 15  ? -3.756  -0.341  -1.514  1.00 14.40 ? 15  VAL A N   1 
ATOM   97   C  CA  . VAL A 1 15  ? -4.593  -1.315  -2.195  1.00 14.27 ? 15  VAL A CA  1 
ATOM   98   C  C   . VAL A 1 15  ? -4.221  -1.572  -3.642  1.00 14.84 ? 15  VAL A C   1 
ATOM   99   O  O   . VAL A 1 15  ? -4.002  -0.637  -4.416  1.00 11.36 ? 15  VAL A O   1 
ATOM   100  C  CB  . VAL A 1 15  ? -6.069  -0.867  -2.194  1.00 15.17 ? 15  VAL A CB  1 
ATOM   101  C  CG1 . VAL A 1 15  ? -6.949  -1.970  -2.773  1.00 14.85 ? 15  VAL A CG1 1 
ATOM   102  C  CG2 . VAL A 1 15  ? -6.498  -0.481  -0.779  1.00 15.87 ? 15  VAL A CG2 1 
HETATM 103  N  N   . MSE A 1 16  ? -4.156  -2.850  -4.000  1.00 11.38 ? 16  MSE A N   1 
HETATM 104  C  CA  . MSE A 1 16  ? -3.895  -3.230  -5.372  1.00 14.06 ? 16  MSE A CA  1 
HETATM 105  C  C   . MSE A 1 16  ? -5.221  -3.701  -5.956  1.00 16.15 ? 16  MSE A C   1 
HETATM 106  O  O   . MSE A 1 16  ? -5.733  -4.776  -5.605  1.00 14.81 ? 16  MSE A O   1 
HETATM 107  C  CB  . MSE A 1 16  ? -2.877  -4.361  -5.475  1.00 15.78 ? 16  MSE A CB  1 
HETATM 108  C  CG  . MSE A 1 16  ? -2.585  -4.709  -6.926  1.00 15.03 ? 16  MSE A CG  1 
HETATM 109  SE SE  . MSE A 1 16  ? -1.132  -5.928  -7.170  1.00 31.61 ? 16  MSE A SE  1 
HETATM 110  C  CE  . MSE A 1 16  ? -2.070  -7.537  -7.040  1.00 9.63  ? 16  MSE A CE  1 
ATOM   111  N  N   . VAL A 1 17  ? -5.792  -2.880  -6.829  1.00 14.18 ? 17  VAL A N   1 
ATOM   112  C  CA  . VAL A 1 17  ? -7.050  -3.214  -7.469  1.00 14.76 ? 17  VAL A CA  1 
ATOM   113  C  C   . VAL A 1 17  ? -6.769  -3.846  -8.824  1.00 15.49 ? 17  VAL A C   1 
ATOM   114  O  O   . VAL A 1 17  ? -6.007  -3.307  -9.631  1.00 10.56 ? 17  VAL A O   1 
ATOM   115  C  CB  . VAL A 1 17  ? -7.930  -1.953  -7.665  1.00 16.03 ? 17  VAL A CB  1 
ATOM   116  C  CG1 . VAL A 1 17  ? -9.301  -2.349  -8.210  1.00 15.56 ? 17  VAL A CG1 1 
ATOM   117  C  CG2 . VAL A 1 17  ? -8.072  -1.222  -6.343  1.00 16.02 ? 17  VAL A CG2 1 
ATOM   118  N  N   . THR A 1 18  ? -7.378  -5.005  -9.051  1.00 15.26 ? 18  THR A N   1 
ATOM   119  C  CA  . THR A 1 18  ? -7.230  -5.747  -10.296 1.00 17.35 ? 18  THR A CA  1 
ATOM   120  C  C   . THR A 1 18  ? -8.526  -5.703  -11.100 1.00 18.16 ? 18  THR A C   1 
ATOM   121  O  O   . THR A 1 18  ? -9.604  -5.921  -10.554 1.00 17.11 ? 18  THR A O   1 
ATOM   122  C  CB  . THR A 1 18  ? -6.915  -7.239  -10.040 1.00 19.03 ? 18  THR A CB  1 
ATOM   123  O  OG1 . THR A 1 18  ? -5.624  -7.368  -9.438  1.00 18.03 ? 18  THR A OG1 1 
ATOM   124  C  CG2 . THR A 1 18  ? -6.934  -8.025  -11.361 1.00 19.91 ? 18  THR A CG2 1 
ATOM   125  N  N   . ASP A 1 19  ? -8.408  -5.410  -12.392 1.00 18.11 ? 19  ASP A N   1 
ATOM   126  C  CA  . ASP A 1 19  ? -9.559  -5.387  -13.289 1.00 21.87 ? 19  ASP A CA  1 
ATOM   127  C  C   . ASP A 1 19  ? -9.733  -6.851  -13.706 1.00 22.35 ? 19  ASP A C   1 
ATOM   128  O  O   . ASP A 1 19  ? -8.907  -7.396  -14.430 1.00 20.76 ? 19  ASP A O   1 
ATOM   129  C  CB  . ASP A 1 19  ? -9.253  -4.520  -14.511 1.00 22.76 ? 19  ASP A CB  1 
ATOM   130  C  CG  . ASP A 1 19  ? -10.430 -4.409  -15.460 1.00 26.30 ? 19  ASP A CG  1 
ATOM   131  O  OD1 . ASP A 1 19  ? -11.448 -5.099  -15.244 1.00 24.95 ? 19  ASP A OD1 1 
ATOM   132  O  OD2 . ASP A 1 19  ? -10.329 -3.632  -16.429 1.00 28.08 ? 19  ASP A OD2 1 
ATOM   133  N  N   . PRO A 1 20  ? -10.803 -7.512  -13.239 1.00 24.95 ? 20  PRO A N   1 
ATOM   134  C  CA  . PRO A 1 20  ? -11.009 -8.920  -13.600 1.00 26.68 ? 20  PRO A CA  1 
ATOM   135  C  C   . PRO A 1 20  ? -11.172 -9.191  -15.098 1.00 28.28 ? 20  PRO A C   1 
ATOM   136  O  O   . PRO A 1 20  ? -11.033 -10.328 -15.547 1.00 27.67 ? 20  PRO A O   1 
ATOM   137  C  CB  . PRO A 1 20  ? -12.242 -9.306  -12.785 1.00 27.27 ? 20  PRO A CB  1 
ATOM   138  C  CG  . PRO A 1 20  ? -12.992 -8.020  -12.679 1.00 27.29 ? 20  PRO A CG  1 
ATOM   139  C  CD  . PRO A 1 20  ? -11.903 -7.019  -12.393 1.00 24.88 ? 20  PRO A CD  1 
ATOM   140  N  N   . GLU A 1 21  ? -11.445 -8.143  -15.868 1.00 29.85 ? 21  GLU A N   1 
ATOM   141  C  CA  . GLU A 1 21  ? -11.630 -8.281  -17.306 1.00 32.81 ? 21  GLU A CA  1 
ATOM   142  C  C   . GLU A 1 21  ? -10.321 -8.247  -18.084 1.00 31.87 ? 21  GLU A C   1 
ATOM   143  O  O   . GLU A 1 21  ? -10.253 -8.747  -19.204 1.00 32.24 ? 21  GLU A O   1 
ATOM   144  C  CB  . GLU A 1 21  ? -12.547 -7.174  -17.830 1.00 36.86 ? 21  GLU A CB  1 
ATOM   145  C  CG  . GLU A 1 21  ? -13.906 -7.127  -17.157 1.00 42.19 ? 21  GLU A CG  1 
ATOM   146  C  CD  . GLU A 1 21  ? -14.874 -6.189  -17.855 1.00 45.51 ? 21  GLU A CD  1 
ATOM   147  O  OE1 . GLU A 1 21  ? -14.596 -4.972  -17.907 1.00 47.52 ? 21  GLU A OE1 1 
ATOM   148  O  OE2 . GLU A 1 21  ? -15.913 -6.671  -18.351 1.00 49.55 ? 21  GLU A OE2 1 
ATOM   149  N  N   . THR A 1 22  ? -9.284  -7.660  -17.493 1.00 29.30 ? 22  THR A N   1 
ATOM   150  C  CA  . THR A 1 22  ? -7.995  -7.557  -18.173 1.00 27.83 ? 22  THR A CA  1 
ATOM   151  C  C   . THR A 1 22  ? -6.824  -8.062  -17.340 1.00 26.30 ? 22  THR A C   1 
ATOM   152  O  O   . THR A 1 22  ? -5.736  -8.297  -17.868 1.00 25.76 ? 22  THR A O   1 
ATOM   153  C  CB  . THR A 1 22  ? -7.686  -6.102  -18.544 1.00 29.13 ? 22  THR A CB  1 
ATOM   154  O  OG1 . THR A 1 22  ? -7.494  -5.340  -17.346 1.00 26.37 ? 22  THR A OG1 1 
ATOM   155  C  CG2 . THR A 1 22  ? -8.830  -5.499  -19.346 1.00 27.48 ? 22  THR A CG2 1 
ATOM   156  N  N   . GLN A 1 23  ? -7.051  -8.208  -16.040 1.00 24.54 ? 23  GLN A N   1 
ATOM   157  C  CA  . GLN A 1 23  ? -6.026  -8.658  -15.110 1.00 23.99 ? 23  GLN A CA  1 
ATOM   158  C  C   . GLN A 1 23  ? -4.995  -7.577  -14.816 1.00 22.26 ? 23  GLN A C   1 
ATOM   159  O  O   . GLN A 1 23  ? -4.001  -7.820  -14.140 1.00 19.60 ? 23  GLN A O   1 
ATOM   160  C  CB  . GLN A 1 23  ? -5.340  -9.914  -15.640 1.00 26.65 ? 23  GLN A CB  1 
ATOM   161  C  CG  . GLN A 1 23  ? -6.253  -11.101 -15.595 1.00 29.62 ? 23  GLN A CG  1 
ATOM   162  C  CD  . GLN A 1 23  ? -6.884  -11.244 -14.230 1.00 31.75 ? 23  GLN A CD  1 
ATOM   163  O  OE1 . GLN A 1 23  ? -6.183  -11.348 -13.224 1.00 30.81 ? 23  GLN A OE1 1 
ATOM   164  N  NE2 . GLN A 1 23  ? -8.211  -11.258 -14.185 1.00 34.56 ? 23  GLN A NE2 1 
ATOM   165  N  N   . ARG A 1 24  ? -5.234  -6.377  -15.324 1.00 20.69 ? 24  ARG A N   1 
ATOM   166  C  CA  . ARG A 1 24  ? -4.316  -5.277  -15.063 1.00 22.42 ? 24  ARG A CA  1 
ATOM   167  C  C   . ARG A 1 24  ? -4.607  -4.715  -13.675 1.00 20.65 ? 24  ARG A C   1 
ATOM   168  O  O   . ARG A 1 24  ? -5.697  -4.915  -13.137 1.00 19.48 ? 24  ARG A O   1 
ATOM   169  C  CB  . ARG A 1 24  ? -4.489  -4.193  -16.116 1.00 25.35 ? 24  ARG A CB  1 
ATOM   170  C  CG  . ARG A 1 24  ? -4.155  -4.665  -17.513 1.00 26.53 ? 24  ARG A CG  1 
ATOM   171  C  CD  . ARG A 1 24  ? -4.105  -3.489  -18.456 1.00 32.34 ? 24  ARG A CD  1 
ATOM   172  N  NE  . ARG A 1 24  ? -3.577  -3.863  -19.760 1.00 35.28 ? 24  ARG A NE  1 
ATOM   173  C  CZ  . ARG A 1 24  ? -2.944  -3.020  -20.569 1.00 37.60 ? 24  ARG A CZ  1 
ATOM   174  N  NH1 . ARG A 1 24  ? -2.763  -1.757  -20.200 1.00 38.35 ? 24  ARG A NH1 1 
ATOM   175  N  NH2 . ARG A 1 24  ? -2.488  -3.436  -21.742 1.00 37.74 ? 24  ARG A NH2 1 
ATOM   176  N  N   . VAL A 1 25  ? -3.629  -4.033  -13.090 1.00 19.51 ? 25  VAL A N   1 
ATOM   177  C  CA  . VAL A 1 25  ? -3.804  -3.450  -11.768 1.00 18.85 ? 25  VAL A CA  1 
ATOM   178  C  C   . VAL A 1 25  ? -3.794  -1.930  -11.869 1.00 18.35 ? 25  VAL A C   1 
ATOM   179  O  O   . VAL A 1 25  ? -3.169  -1.362  -12.776 1.00 17.51 ? 25  VAL A O   1 
ATOM   180  C  CB  . VAL A 1 25  ? -2.700  -3.941  -10.779 1.00 19.85 ? 25  VAL A CB  1 
ATOM   181  C  CG1 . VAL A 1 25  ? -2.787  -5.451  -10.638 1.00 19.47 ? 25  VAL A CG1 1 
ATOM   182  C  CG2 . VAL A 1 25  ? -1.313  -3.534  -11.267 1.00 17.77 ? 25  VAL A CG2 1 
ATOM   183  N  N   . LEU A 1 26  ? -4.488  -1.275  -10.942 1.00 16.04 ? 26  LEU A N   1 
ATOM   184  C  CA  . LEU A 1 26  ? -4.587  0.179   -10.946 1.00 16.69 ? 26  LEU A CA  1 
ATOM   185  C  C   . LEU A 1 26  ? -3.457  0.839   -10.162 1.00 18.53 ? 26  LEU A C   1 
ATOM   186  O  O   . LEU A 1 26  ? -3.258  0.562   -8.978  1.00 13.10 ? 26  LEU A O   1 
ATOM   187  C  CB  . LEU A 1 26  ? -5.938  0.616   -10.372 1.00 17.74 ? 26  LEU A CB  1 
ATOM   188  C  CG  . LEU A 1 26  ? -6.266  2.111   -10.435 1.00 17.34 ? 26  LEU A CG  1 
ATOM   189  C  CD1 . LEU A 1 26  ? -6.315  2.567   -11.884 1.00 16.13 ? 26  LEU A CD1 1 
ATOM   190  C  CD2 . LEU A 1 26  ? -7.605  2.366   -9.744  1.00 17.80 ? 26  LEU A CD2 1 
ATOM   191  N  N   . VAL A 1 27  ? -2.710  1.710   -10.834 1.00 17.16 ? 27  VAL A N   1 
ATOM   192  C  CA  . VAL A 1 27  ? -1.615  2.406   -10.180 1.00 19.56 ? 27  VAL A CA  1 
ATOM   193  C  C   . VAL A 1 27  ? -1.659  3.899   -10.462 1.00 19.91 ? 27  VAL A C   1 
ATOM   194  O  O   . VAL A 1 27  ? -2.186  4.338   -11.489 1.00 16.62 ? 27  VAL A O   1 
ATOM   195  C  CB  . VAL A 1 27  ? -0.236  1.880   -10.649 1.00 21.80 ? 27  VAL A CB  1 
ATOM   196  C  CG1 . VAL A 1 27  ? -0.120  0.387   -10.359 1.00 22.75 ? 27  VAL A CG1 1 
ATOM   197  C  CG2 . VAL A 1 27  ? -0.051  2.158   -12.138 1.00 21.31 ? 27  VAL A CG2 1 
ATOM   198  N  N   . GLU A 1 28  ? -1.119  4.675   -9.526  1.00 19.71 ? 28  GLU A N   1 
ATOM   199  C  CA  . GLU A 1 28  ? -1.034  6.112   -9.695  1.00 21.06 ? 28  GLU A CA  1 
ATOM   200  C  C   . GLU A 1 28  ? 0.118   6.247   -10.675 1.00 20.49 ? 28  GLU A C   1 
ATOM   201  O  O   . GLU A 1 28  ? 1.176   5.641   -10.497 1.00 19.07 ? 28  GLU A O   1 
ATOM   202  C  CB  . GLU A 1 28  ? -0.730  6.799   -8.361  1.00 23.16 ? 28  GLU A CB  1 
ATOM   203  C  CG  . GLU A 1 28  ? -1.979  6.998   -7.498  1.00 27.68 ? 28  GLU A CG  1 
ATOM   204  C  CD  . GLU A 1 28  ? -1.680  7.623   -6.141  1.00 31.44 ? 28  GLU A CD  1 
ATOM   205  O  OE1 . GLU A 1 28  ? -0.859  8.561   -6.082  1.00 32.26 ? 28  GLU A OE1 1 
ATOM   206  O  OE2 . GLU A 1 28  ? -2.281  7.184   -5.136  1.00 32.95 ? 28  GLU A OE2 1 
ATOM   207  N  N   . ASP A 1 29  ? -0.107  7.016   -11.727 1.00 20.09 ? 29  ASP A N   1 
ATOM   208  C  CA  . ASP A 1 29  ? 0.878   7.203   -12.781 1.00 19.02 ? 29  ASP A CA  1 
ATOM   209  C  C   . ASP A 1 29  ? 0.824   8.693   -13.127 1.00 19.24 ? 29  ASP A C   1 
ATOM   210  O  O   . ASP A 1 29  ? 0.353   9.076   -14.195 1.00 18.75 ? 29  ASP A O   1 
ATOM   211  C  CB  . ASP A 1 29  ? 0.446   6.310   -13.955 1.00 18.86 ? 29  ASP A CB  1 
ATOM   212  C  CG  . ASP A 1 29  ? 1.378   6.378   -15.145 1.00 21.49 ? 29  ASP A CG  1 
ATOM   213  O  OD1 . ASP A 1 29  ? 2.554   6.739   -14.980 1.00 22.26 ? 29  ASP A OD1 1 
ATOM   214  O  OD2 . ASP A 1 29  ? 0.925   6.036   -16.253 1.00 19.97 ? 29  ASP A OD2 1 
ATOM   215  N  N   . LYS A 1 30  ? 1.305   9.519   -12.198 1.00 18.06 ? 30  LYS A N   1 
ATOM   216  C  CA  . LYS A 1 30  ? 1.269   10.972  -12.334 1.00 20.87 ? 30  LYS A CA  1 
ATOM   217  C  C   . LYS A 1 30  ? 2.596   11.651  -12.645 1.00 20.59 ? 30  LYS A C   1 
ATOM   218  O  O   . LYS A 1 30  ? 3.670   11.096  -12.424 1.00 18.18 ? 30  LYS A O   1 
ATOM   219  C  CB  . LYS A 1 30  ? 0.735   11.590  -11.047 1.00 22.90 ? 30  LYS A CB  1 
ATOM   220  C  CG  . LYS A 1 30  ? -0.491  10.907  -10.478 1.00 24.98 ? 30  LYS A CG  1 
ATOM   221  C  CD  . LYS A 1 30  ? -0.804  11.456  -9.094  1.00 27.24 ? 30  LYS A CD  1 
ATOM   222  C  CE  . LYS A 1 30  ? -2.090  10.860  -8.544  1.00 28.22 ? 30  LYS A CE  1 
ATOM   223  N  NZ  . LYS A 1 30  ? -2.408  11.406  -7.196  1.00 31.13 ? 30  LYS A NZ  1 
ATOM   224  N  N   . VAL A 1 31  ? 2.502   12.875  -13.145 1.00 20.40 ? 31  VAL A N   1 
ATOM   225  C  CA  . VAL A 1 31  ? 3.699   13.647  -13.437 1.00 22.57 ? 31  VAL A CA  1 
ATOM   226  C  C   . VAL A 1 31  ? 4.203   14.122  -12.081 1.00 22.56 ? 31  VAL A C   1 
ATOM   227  O  O   . VAL A 1 31  ? 3.429   14.210  -11.123 1.00 18.74 ? 31  VAL A O   1 
ATOM   228  C  CB  . VAL A 1 31  ? 3.394   14.888  -14.306 1.00 22.36 ? 31  VAL A CB  1 
ATOM   229  C  CG1 . VAL A 1 31  ? 2.923   14.465  -15.680 1.00 24.44 ? 31  VAL A CG1 1 
ATOM   230  C  CG2 . VAL A 1 31  ? 2.342   15.753  -13.633 1.00 23.67 ? 31  VAL A CG2 1 
ATOM   231  N  N   . ASN A 1 32  ? 5.494   14.409  -11.994 1.00 23.38 ? 32  ASN A N   1 
ATOM   232  C  CA  . ASN A 1 32  ? 6.071   14.899  -10.750 1.00 24.09 ? 32  ASN A CA  1 
ATOM   233  C  C   . ASN A 1 32  ? 7.543   15.218  -10.949 1.00 23.24 ? 32  ASN A C   1 
ATOM   234  O  O   . ASN A 1 32  ? 8.113   14.901  -11.988 1.00 22.20 ? 32  ASN A O   1 
ATOM   235  C  CB  . ASN A 1 32  ? 5.933   13.856  -9.642  1.00 25.16 ? 32  ASN A CB  1 
ATOM   236  C  CG  . ASN A 1 32  ? 5.653   14.484  -8.291  1.00 27.33 ? 32  ASN A CG  1 
ATOM   237  O  OD1 . ASN A 1 32  ? 6.222   15.524  -7.942  1.00 27.28 ? 32  ASN A OD1 1 
ATOM   238  N  ND2 . ASN A 1 32  ? 4.774   13.854  -7.518  1.00 27.99 ? 32  ASN A ND2 1 
ATOM   239  N  N   . VAL A 1 33  ? 8.156   15.849  -9.956  1.00 21.85 ? 33  VAL A N   1 
ATOM   240  C  CA  . VAL A 1 33  ? 9.573   16.173  -10.058 1.00 21.99 ? 33  VAL A CA  1 
ATOM   241  C  C   . VAL A 1 33  ? 10.337  14.853  -10.121 1.00 20.48 ? 33  VAL A C   1 
ATOM   242  O  O   . VAL A 1 33  ? 9.840   13.823  -9.658  1.00 19.25 ? 33  VAL A O   1 
ATOM   243  C  CB  . VAL A 1 33  ? 10.039  17.021  -8.852  1.00 21.93 ? 33  VAL A CB  1 
ATOM   244  C  CG1 . VAL A 1 33  ? 9.456   18.435  -8.972  1.00 22.44 ? 33  VAL A CG1 1 
ATOM   245  C  CG2 . VAL A 1 33  ? 9.589   16.373  -7.537  1.00 20.60 ? 33  VAL A CG2 1 
ATOM   246  N  N   . PRO A 1 34  ? 11.550  14.865  -10.698 1.00 19.48 ? 34  PRO A N   1 
ATOM   247  C  CA  . PRO A 1 34  ? 12.377  13.660  -10.829 1.00 20.53 ? 34  PRO A CA  1 
ATOM   248  C  C   . PRO A 1 34  ? 12.539  12.825  -9.558  1.00 20.12 ? 34  PRO A C   1 
ATOM   249  O  O   . PRO A 1 34  ? 12.575  11.599  -9.619  1.00 20.33 ? 34  PRO A O   1 
ATOM   250  C  CB  . PRO A 1 34  ? 13.718  14.214  -11.314 1.00 21.15 ? 34  PRO A CB  1 
ATOM   251  C  CG  . PRO A 1 34  ? 13.331  15.436  -12.062 1.00 20.04 ? 34  PRO A CG  1 
ATOM   252  C  CD  . PRO A 1 34  ? 12.283  16.048  -11.180 1.00 17.54 ? 34  PRO A CD  1 
ATOM   253  N  N   . TRP A 1 35  ? 12.639  13.486  -8.411  1.00 19.87 ? 35  TRP A N   1 
ATOM   254  C  CA  . TRP A 1 35  ? 12.835  12.768  -7.159  1.00 22.90 ? 35  TRP A CA  1 
ATOM   255  C  C   . TRP A 1 35  ? 11.575  12.182  -6.517  1.00 23.22 ? 35  TRP A C   1 
ATOM   256  O  O   . TRP A 1 35  ? 11.640  11.607  -5.433  1.00 23.68 ? 35  TRP A O   1 
ATOM   257  C  CB  . TRP A 1 35  ? 13.584  13.661  -6.161  1.00 21.12 ? 35  TRP A CB  1 
ATOM   258  C  CG  . TRP A 1 35  ? 13.053  15.060  -6.044  1.00 21.75 ? 35  TRP A CG  1 
ATOM   259  C  CD1 . TRP A 1 35  ? 12.177  15.534  -5.108  1.00 23.92 ? 35  TRP A CD1 1 
ATOM   260  C  CD2 . TRP A 1 35  ? 13.370  16.167  -6.894  1.00 20.91 ? 35  TRP A CD2 1 
ATOM   261  N  NE1 . TRP A 1 35  ? 11.934  16.873  -5.319  1.00 22.41 ? 35  TRP A NE1 1 
ATOM   262  C  CE2 . TRP A 1 35  ? 12.650  17.286  -6.410  1.00 22.49 ? 35  TRP A CE2 1 
ATOM   263  C  CE3 . TRP A 1 35  ? 14.192  16.324  -8.018  1.00 20.20 ? 35  TRP A CE3 1 
ATOM   264  C  CZ2 . TRP A 1 35  ? 12.728  18.551  -7.017  1.00 20.96 ? 35  TRP A CZ2 1 
ATOM   265  C  CZ3 . TRP A 1 35  ? 14.271  17.583  -8.621  1.00 21.19 ? 35  TRP A CZ3 1 
ATOM   266  C  CH2 . TRP A 1 35  ? 13.542  18.679  -8.115  1.00 20.55 ? 35  TRP A CH2 1 
ATOM   267  N  N   . LYS A 1 36  ? 10.438  12.308  -7.192  1.00 23.21 ? 36  LYS A N   1 
ATOM   268  C  CA  . LYS A 1 36  ? 9.187   11.773  -6.663  1.00 24.98 ? 36  LYS A CA  1 
ATOM   269  C  C   . LYS A 1 36  ? 8.415   10.928  -7.681  1.00 24.86 ? 36  LYS A C   1 
ATOM   270  O  O   . LYS A 1 36  ? 7.485   10.204  -7.317  1.00 24.35 ? 36  LYS A O   1 
ATOM   271  C  CB  . LYS A 1 36  ? 8.292   12.911  -6.171  1.00 24.68 ? 36  LYS A CB  1 
ATOM   272  C  CG  . LYS A 1 36  ? 8.768   13.578  -4.891  1.00 26.06 ? 36  LYS A CG  1 
ATOM   273  C  CD  . LYS A 1 36  ? 7.891   14.766  -4.537  1.00 28.05 ? 36  LYS A CD  1 
ATOM   274  C  CE  . LYS A 1 36  ? 8.384   15.459  -3.277  1.00 32.66 ? 36  LYS A CE  1 
ATOM   275  N  NZ  . LYS A 1 36  ? 7.654   16.737  -3.024  1.00 36.17 ? 36  LYS A NZ  1 
ATOM   276  N  N   . ALA A 1 37  ? 8.810   11.018  -8.947  1.00 22.64 ? 37  ALA A N   1 
ATOM   277  C  CA  . ALA A 1 37  ? 8.152   10.286  -10.026 1.00 22.96 ? 37  ALA A CA  1 
ATOM   278  C  C   . ALA A 1 37  ? 8.264   8.775   -9.881  1.00 22.73 ? 37  ALA A C   1 
ATOM   279  O  O   . ALA A 1 37  ? 9.302   8.265   -9.469  1.00 20.46 ? 37  ALA A O   1 
ATOM   280  C  CB  . ALA A 1 37  ? 8.735   10.716  -11.369 1.00 22.93 ? 37  ALA A CB  1 
ATOM   281  N  N   . GLY A 1 38  ? 7.190   8.067   -10.233 1.00 21.34 ? 38  GLY A N   1 
ATOM   282  C  CA  . GLY A 1 38  ? 7.192   6.618   -10.145 1.00 20.62 ? 38  GLY A CA  1 
ATOM   283  C  C   . GLY A 1 38  ? 5.806   6.042   -9.899  1.00 20.46 ? 38  GLY A C   1 
ATOM   284  O  O   . GLY A 1 38  ? 4.965   6.679   -9.262  1.00 19.04 ? 38  GLY A O   1 
ATOM   285  N  N   . HIS A 1 39  ? 5.557   4.843   -10.418 1.00 19.43 ? 39  HIS A N   1 
ATOM   286  C  CA  . HIS A 1 39  ? 4.258   4.199   -10.219 1.00 20.15 ? 39  HIS A CA  1 
ATOM   287  C  C   . HIS A 1 39  ? 4.072   3.932   -8.729  1.00 17.78 ? 39  HIS A C   1 
ATOM   288  O  O   . HIS A 1 39  ? 5.035   3.669   -8.019  1.00 17.27 ? 39  HIS A O   1 
ATOM   289  C  CB  . HIS A 1 39  ? 4.187   2.859   -10.955 1.00 19.64 ? 39  HIS A CB  1 
ATOM   290  C  CG  . HIS A 1 39  ? 4.349   2.964   -12.439 1.00 21.11 ? 39  HIS A CG  1 
ATOM   291  N  ND1 . HIS A 1 39  ? 3.495   3.697   -13.234 1.00 22.52 ? 39  HIS A ND1 1 
ATOM   292  C  CD2 . HIS A 1 39  ? 5.245   2.391   -13.276 1.00 21.96 ? 39  HIS A CD2 1 
ATOM   293  C  CE1 . HIS A 1 39  ? 3.855   3.569   -14.498 1.00 20.76 ? 39  HIS A CE1 1 
ATOM   294  N  NE2 . HIS A 1 39  ? 4.913   2.782   -14.552 1.00 22.61 ? 39  HIS A NE2 1 
ATOM   295  N  N   . SER A 1 40  ? 2.831   3.994   -8.259  1.00 19.73 ? 40  SER A N   1 
ATOM   296  C  CA  . SER A 1 40  ? 2.545   3.730   -6.851  1.00 19.53 ? 40  SER A CA  1 
ATOM   297  C  C   . SER A 1 40  ? 1.101   3.281   -6.717  1.00 20.94 ? 40  SER A C   1 
ATOM   298  O  O   . SER A 1 40  ? 0.253   3.640   -7.539  1.00 20.36 ? 40  SER A O   1 
ATOM   299  C  CB  . SER A 1 40  ? 2.782   4.988   -6.001  1.00 21.40 ? 40  SER A CB  1 
ATOM   300  O  OG  . SER A 1 40  ? 1.947   6.057   -6.408  1.00 23.79 ? 40  SER A OG  1 
ATOM   301  N  N   . PHE A 1 41  ? 0.812   2.489   -5.690  1.00 19.66 ? 41  PHE A N   1 
ATOM   302  C  CA  . PHE A 1 41  ? -0.553  2.028   -5.490  1.00 18.68 ? 41  PHE A CA  1 
ATOM   303  C  C   . PHE A 1 41  ? -1.335  2.988   -4.611  1.00 18.00 ? 41  PHE A C   1 
ATOM   304  O  O   . PHE A 1 41  ? -0.791  3.594   -3.683  1.00 14.75 ? 41  PHE A O   1 
ATOM   305  C  CB  . PHE A 1 41  ? -0.570  0.624   -4.873  1.00 18.42 ? 41  PHE A CB  1 
ATOM   306  C  CG  . PHE A 1 41  ? -0.093  -0.447  -5.809  1.00 19.73 ? 41  PHE A CG  1 
ATOM   307  C  CD1 . PHE A 1 41  ? 1.207   -0.937  -5.736  1.00 19.32 ? 41  PHE A CD1 1 
ATOM   308  C  CD2 . PHE A 1 41  ? -0.946  -0.955  -6.785  1.00 18.51 ? 41  PHE A CD2 1 
ATOM   309  C  CE1 . PHE A 1 41  ? 1.646   -1.921  -6.640  1.00 20.53 ? 41  PHE A CE1 1 
ATOM   310  C  CE2 . PHE A 1 41  ? -0.523  -1.929  -7.682  1.00 19.31 ? 41  PHE A CE2 1 
ATOM   311  C  CZ  . PHE A 1 41  ? 0.772   -2.418  -7.611  1.00 18.16 ? 41  PHE A CZ  1 
ATOM   312  N  N   . PRO A 1 42  ? -2.632  3.150   -4.894  1.00 17.43 ? 42  PRO A N   1 
ATOM   313  C  CA  . PRO A 1 42  ? -3.422  4.064   -4.063  1.00 17.23 ? 42  PRO A CA  1 
ATOM   314  C  C   . PRO A 1 42  ? -3.388  3.664   -2.586  1.00 17.35 ? 42  PRO A C   1 
ATOM   315  O  O   . PRO A 1 42  ? -3.241  2.491   -2.256  1.00 14.06 ? 42  PRO A O   1 
ATOM   316  C  CB  . PRO A 1 42  ? -4.823  3.972   -4.670  1.00 17.52 ? 42  PRO A CB  1 
ATOM   317  C  CG  . PRO A 1 42  ? -4.840  2.636   -5.362  1.00 21.91 ? 42  PRO A CG  1 
ATOM   318  C  CD  . PRO A 1 42  ? -3.452  2.561   -5.966  1.00 17.63 ? 42  PRO A CD  1 
ATOM   319  N  N   . GLY A 1 43  ? -3.524  4.649   -1.705  1.00 18.21 ? 43  GLY A N   1 
ATOM   320  C  CA  . GLY A 1 43  ? -3.492  4.377   -0.280  1.00 18.60 ? 43  GLY A CA  1 
ATOM   321  C  C   . GLY A 1 43  ? -3.367  5.678   0.488   1.00 19.82 ? 43  GLY A C   1 
ATOM   322  O  O   . GLY A 1 43  ? -3.005  6.699   -0.089  1.00 17.83 ? 43  GLY A O   1 
ATOM   323  N  N   . GLY A 1 44  ? -3.660  5.640   1.783   1.00 17.15 ? 44  GLY A N   1 
ATOM   324  C  CA  . GLY A 1 44  ? -3.580  6.842   2.589   1.00 18.43 ? 44  GLY A CA  1 
ATOM   325  C  C   . GLY A 1 44  ? -3.666  6.556   4.074   1.00 18.36 ? 44  GLY A C   1 
ATOM   326  O  O   . GLY A 1 44  ? -3.578  5.399   4.500   1.00 17.09 ? 44  GLY A O   1 
ATOM   327  N  N   . HIS A 1 45  ? -3.852  7.607   4.864   1.00 17.52 ? 45  HIS A N   1 
ATOM   328  C  CA  . HIS A 1 45  ? -3.923  7.477   6.315   1.00 18.10 ? 45  HIS A CA  1 
ATOM   329  C  C   . HIS A 1 45  ? -5.298  7.140   6.858   1.00 18.22 ? 45  HIS A C   1 
ATOM   330  O  O   . HIS A 1 45  ? -6.310  7.676   6.410   1.00 18.85 ? 45  HIS A O   1 
ATOM   331  C  CB  . HIS A 1 45  ? -3.419  8.754   6.994   1.00 19.12 ? 45  HIS A CB  1 
ATOM   332  C  CG  . HIS A 1 45  ? -1.928  8.901   6.966   1.00 21.62 ? 45  HIS A CG  1 
ATOM   333  N  ND1 . HIS A 1 45  ? -1.231  9.217   5.820   1.00 20.84 ? 45  HIS A ND1 1 
ATOM   334  C  CD2 . HIS A 1 45  ? -0.997  8.729   7.933   1.00 19.94 ? 45  HIS A CD2 1 
ATOM   335  C  CE1 . HIS A 1 45  ? 0.062   9.235   6.080   1.00 21.28 ? 45  HIS A CE1 1 
ATOM   336  N  NE2 . HIS A 1 45  ? 0.233   8.942   7.357   1.00 19.65 ? 45  HIS A NE2 1 
ATOM   337  N  N   . VAL A 1 46  ? -5.303  6.249   7.842   1.00 16.80 ? 46  VAL A N   1 
ATOM   338  C  CA  . VAL A 1 46  ? -6.512  5.798   8.512   1.00 16.59 ? 46  VAL A CA  1 
ATOM   339  C  C   . VAL A 1 46  ? -6.852  6.828   9.580   1.00 16.90 ? 46  VAL A C   1 
ATOM   340  O  O   . VAL A 1 46  ? -6.008  7.173   10.396  1.00 14.17 ? 46  VAL A O   1 
ATOM   341  C  CB  . VAL A 1 46  ? -6.268  4.426   9.190   1.00 15.19 ? 46  VAL A CB  1 
ATOM   342  C  CG1 . VAL A 1 46  ? -7.521  3.959   9.926   1.00 14.63 ? 46  VAL A CG1 1 
ATOM   343  C  CG2 . VAL A 1 46  ? -5.846  3.399   8.139   1.00 10.77 ? 46  VAL A CG2 1 
ATOM   344  N  N   . GLU A 1 47  ? -8.079  7.325   9.571   1.00 16.42 ? 47  GLU A N   1 
ATOM   345  C  CA  . GLU A 1 47  ? -8.495  8.300   10.570  1.00 18.08 ? 47  GLU A CA  1 
ATOM   346  C  C   . GLU A 1 47  ? -8.697  7.638   11.932  1.00 16.51 ? 47  GLU A C   1 
ATOM   347  O  O   . GLU A 1 47  ? -8.931  6.432   12.015  1.00 16.10 ? 47  GLU A O   1 
ATOM   348  C  CB  . GLU A 1 47  ? -9.843  8.914   10.176  1.00 21.38 ? 47  GLU A CB  1 
ATOM   349  C  CG  . GLU A 1 47  ? -9.892  9.668   8.878   1.00 29.43 ? 47  GLU A CG  1 
ATOM   350  C  CD  . GLU A 1 47  ? -9.243  11.021  8.966   1.00 35.44 ? 47  GLU A CD  1 
ATOM   351  O  OE1 . GLU A 1 47  ? -9.406  11.716  9.996   1.00 37.68 ? 47  GLU A OE1 1 
ATOM   352  O  OE2 . GLU A 1 47  ? -8.579  11.396  7.981   1.00 39.60 ? 47  GLU A OE2 1 
ATOM   353  N  N   . VAL A 1 48  ? -8.602  8.428   13.000  1.00 16.27 ? 48  VAL A N   1 
ATOM   354  C  CA  . VAL A 1 48  ? -8.903  7.915   14.331  1.00 18.77 ? 48  VAL A CA  1 
ATOM   355  C  C   . VAL A 1 48  ? -10.412 7.598   14.311  1.00 16.80 ? 48  VAL A C   1 
ATOM   356  O  O   . VAL A 1 48  ? -11.204 8.319   13.693  1.00 15.67 ? 48  VAL A O   1 
ATOM   357  C  CB  . VAL A 1 48  ? -8.603  8.962   15.422  1.00 20.00 ? 48  VAL A CB  1 
ATOM   358  C  CG1 . VAL A 1 48  ? -9.339  8.624   16.703  1.00 22.27 ? 48  VAL A CG1 1 
ATOM   359  C  CG2 . VAL A 1 48  ? -7.120  8.973   15.701  1.00 23.34 ? 48  VAL A CG2 1 
ATOM   360  N  N   . GLY A 1 49  ? -10.797 6.509   14.968  1.00 16.57 ? 49  GLY A N   1 
ATOM   361  C  CA  . GLY A 1 49  ? -12.189 6.106   14.980  1.00 15.90 ? 49  GLY A CA  1 
ATOM   362  C  C   . GLY A 1 49  ? -12.602 5.344   13.726  1.00 17.85 ? 49  GLY A C   1 
ATOM   363  O  O   . GLY A 1 49  ? -13.644 4.684   13.726  1.00 16.61 ? 49  GLY A O   1 
ATOM   364  N  N   . GLU A 1 50  ? -11.781 5.413   12.675  1.00 14.49 ? 50  GLU A N   1 
ATOM   365  C  CA  . GLU A 1 50  ? -12.076 4.760   11.397  1.00 14.75 ? 50  GLU A CA  1 
ATOM   366  C  C   . GLU A 1 50  ? -11.377 3.415   11.207  1.00 15.20 ? 50  GLU A C   1 
ATOM   367  O  O   . GLU A 1 50  ? -10.160 3.322   11.336  1.00 14.55 ? 50  GLU A O   1 
ATOM   368  C  CB  . GLU A 1 50  ? -11.688 5.695   10.237  1.00 14.73 ? 50  GLU A CB  1 
ATOM   369  C  CG  . GLU A 1 50  ? -11.794 5.040   8.867   1.00 13.47 ? 50  GLU A CG  1 
ATOM   370  C  CD  . GLU A 1 50  ? -11.333 5.920   7.720   1.00 14.19 ? 50  GLU A CD  1 
ATOM   371  O  OE1 . GLU A 1 50  ? -10.240 6.526   7.812   1.00 13.35 ? 50  GLU A OE1 1 
ATOM   372  O  OE2 . GLU A 1 50  ? -12.070 5.992   6.707   1.00 12.43 ? 50  GLU A OE2 1 
ATOM   373  N  N   . PRO A 1 51  ? -12.147 2.349   10.907  1.00 14.23 ? 51  PRO A N   1 
ATOM   374  C  CA  . PRO A 1 51  ? -11.548 1.025   10.702  1.00 13.74 ? 51  PRO A CA  1 
ATOM   375  C  C   . PRO A 1 51  ? -10.569 1.058   9.523   1.00 13.75 ? 51  PRO A C   1 
ATOM   376  O  O   . PRO A 1 51  ? -10.743 1.826   8.577   1.00 9.31  ? 51  PRO A O   1 
ATOM   377  C  CB  . PRO A 1 51  ? -12.756 0.134   10.436  1.00 15.56 ? 51  PRO A CB  1 
ATOM   378  C  CG  . PRO A 1 51  ? -13.863 0.813   11.283  1.00 16.42 ? 51  PRO A CG  1 
ATOM   379  C  CD  . PRO A 1 51  ? -13.622 2.273   10.944  1.00 14.79 ? 51  PRO A CD  1 
ATOM   380  N  N   . CYS A 1 52  ? -9.542  0.222   9.584   1.00 14.36 ? 52  CYS A N   1 
ATOM   381  C  CA  . CYS A 1 52  ? -8.536  0.186   8.533   1.00 14.91 ? 52  CYS A CA  1 
ATOM   382  C  C   . CYS A 1 52  ? -9.047  -0.204  7.149   1.00 14.21 ? 52  CYS A C   1 
ATOM   383  O  O   . CYS A 1 52  ? -8.716  0.457   6.168   1.00 12.79 ? 52  CYS A O   1 
ATOM   384  C  CB  . CYS A 1 52  ? -7.381  -0.736  8.954   1.00 14.81 ? 52  CYS A CB  1 
ATOM   385  S  SG  . CYS A 1 52  ? -6.414  -0.050  10.359  1.00 10.33 ? 52  CYS A SG  1 
ATOM   386  N  N   . ALA A 1 53  ? -9.841  -1.269  7.059   1.00 12.62 ? 53  ALA A N   1 
ATOM   387  C  CA  . ALA A 1 53  ? -10.354 -1.704  5.764   1.00 13.55 ? 53  ALA A CA  1 
ATOM   388  C  C   . ALA A 1 53  ? -11.318 -0.660  5.198   1.00 14.43 ? 53  ALA A C   1 
ATOM   389  O  O   . ALA A 1 53  ? -11.365 -0.445  3.985   1.00 12.82 ? 53  ALA A O   1 
ATOM   390  C  CB  . ALA A 1 53  ? -11.037 -3.061  5.895   1.00 15.81 ? 53  ALA A CB  1 
ATOM   391  N  N   . THR A 1 54  ? -12.076 -0.011  6.085   1.00 13.12 ? 54  THR A N   1 
ATOM   392  C  CA  . THR A 1 54  ? -13.011 1.043   5.694   1.00 13.42 ? 54  THR A CA  1 
ATOM   393  C  C   . THR A 1 54  ? -12.193 2.191   5.109   1.00 13.52 ? 54  THR A C   1 
ATOM   394  O  O   . THR A 1 54  ? -12.572 2.778   4.100   1.00 10.75 ? 54  THR A O   1 
ATOM   395  C  CB  . THR A 1 54  ? -13.807 1.578   6.916   1.00 15.21 ? 54  THR A CB  1 
ATOM   396  O  OG1 . THR A 1 54  ? -14.755 0.592   7.332   1.00 15.40 ? 54  THR A OG1 1 
ATOM   397  C  CG2 . THR A 1 54  ? -14.542 2.867   6.575   1.00 14.74 ? 54  THR A CG2 1 
ATOM   398  N  N   . ALA A 1 55  ? -11.065 2.497   5.752   1.00 12.14 ? 55  ALA A N   1 
ATOM   399  C  CA  . ALA A 1 55  ? -10.192 3.573   5.295   1.00 13.31 ? 55  ALA A CA  1 
ATOM   400  C  C   . ALA A 1 55  ? -9.654  3.272   3.905   1.00 12.33 ? 55  ALA A C   1 
ATOM   401  O  O   . ALA A 1 55  ? -9.523  4.168   3.074   1.00 11.74 ? 55  ALA A O   1 
ATOM   402  C  CB  . ALA A 1 55  ? -9.025  3.762   6.268   1.00 13.33 ? 55  ALA A CB  1 
ATOM   403  N  N   . ALA A 1 56  ? -9.331  2.008   3.666   1.00 12.07 ? 56  ALA A N   1 
ATOM   404  C  CA  . ALA A 1 56  ? -8.797  1.582   2.374   1.00 13.86 ? 56  ALA A CA  1 
ATOM   405  C  C   . ALA A 1 56  ? -9.825  1.777   1.259   1.00 14.73 ? 56  ALA A C   1 
ATOM   406  O  O   . ALA A 1 56  ? -9.498  2.254   0.169   1.00 13.32 ? 56  ALA A O   1 
ATOM   407  C  CB  . ALA A 1 56  ? -8.384  0.128   2.444   1.00 12.61 ? 56  ALA A CB  1 
ATOM   408  N  N   . ILE A 1 57  ? -11.064 1.382   1.541   1.00 12.84 ? 57  ILE A N   1 
ATOM   409  C  CA  . ILE A 1 57  ? -12.156 1.506   0.585   1.00 14.58 ? 57  ILE A CA  1 
ATOM   410  C  C   . ILE A 1 57  ? -12.412 2.985   0.292   1.00 13.07 ? 57  ILE A C   1 
ATOM   411  O  O   . ILE A 1 57  ? -12.619 3.367   -0.857  1.00 13.81 ? 57  ILE A O   1 
ATOM   412  C  CB  . ILE A 1 57  ? -13.436 0.825   1.139   1.00 13.70 ? 57  ILE A CB  1 
ATOM   413  C  CG1 . ILE A 1 57  ? -13.204 -0.691  1.221   1.00 12.72 ? 57  ILE A CG1 1 
ATOM   414  C  CG2 . ILE A 1 57  ? -14.651 1.163   0.269   1.00 15.43 ? 57  ILE A CG2 1 
ATOM   415  C  CD1 . ILE A 1 57  ? -14.289 -1.466  1.951   1.00 14.67 ? 57  ILE A CD1 1 
ATOM   416  N  N   . ARG A 1 58  ? -12.378 3.809   1.334   1.00 14.52 ? 58  ARG A N   1 
ATOM   417  C  CA  . ARG A 1 58  ? -12.584 5.246   1.182   1.00 14.90 ? 58  ARG A CA  1 
ATOM   418  C  C   . ARG A 1 58  ? -11.492 5.864   0.321   1.00 15.62 ? 58  ARG A C   1 
ATOM   419  O  O   . ARG A 1 58  ? -11.777 6.639   -0.583  1.00 15.08 ? 58  ARG A O   1 
ATOM   420  C  CB  . ARG A 1 58  ? -12.573 5.947   2.543   1.00 15.66 ? 58  ARG A CB  1 
ATOM   421  C  CG  . ARG A 1 58  ? -12.500 7.479   2.433   1.00 16.17 ? 58  ARG A CG  1 
ATOM   422  C  CD  . ARG A 1 58  ? -12.482 8.171   3.802   1.00 16.80 ? 58  ARG A CD  1 
ATOM   423  N  NE  . ARG A 1 58  ? -11.375 7.732   4.654   1.00 16.19 ? 58  ARG A NE  1 
ATOM   424  C  CZ  . ARG A 1 58  ? -10.091 8.015   4.447   1.00 18.10 ? 58  ARG A CZ  1 
ATOM   425  N  NH1 . ARG A 1 58  ? -9.720  8.746   3.404   1.00 17.00 ? 58  ARG A NH1 1 
ATOM   426  N  NH2 . ARG A 1 58  ? -9.171  7.570   5.293   1.00 16.77 ? 58  ARG A NH2 1 
ATOM   427  N  N   . GLU A 1 59  ? -10.238 5.539   0.626   1.00 15.66 ? 59  GLU A N   1 
ATOM   428  C  CA  . GLU A 1 59  ? -9.114  6.084   -0.130  1.00 17.68 ? 59  GLU A CA  1 
ATOM   429  C  C   . GLU A 1 59  ? -9.230  5.759   -1.617  1.00 17.27 ? 59  GLU A C   1 
ATOM   430  O  O   . GLU A 1 59  ? -9.046  6.639   -2.465  1.00 15.90 ? 59  GLU A O   1 
ATOM   431  C  CB  . GLU A 1 59  ? -7.790  5.541   0.425   1.00 20.71 ? 59  GLU A CB  1 
ATOM   432  C  CG  . GLU A 1 59  ? -6.539  6.075   -0.258  1.00 24.16 ? 59  GLU A CG  1 
ATOM   433  C  CD  . GLU A 1 59  ? -6.426  7.595   -0.209  1.00 26.85 ? 59  GLU A CD  1 
ATOM   434  O  OE1 . GLU A 1 59  ? -6.962  8.218   0.732   1.00 23.78 ? 59  GLU A OE1 1 
ATOM   435  O  OE2 . GLU A 1 59  ? -5.782  8.167   -1.112  1.00 27.04 ? 59  GLU A OE2 1 
ATOM   436  N  N   . VAL A 1 60  ? -9.540  4.504   -1.939  1.00 14.72 ? 60  VAL A N   1 
ATOM   437  C  CA  . VAL A 1 60  ? -9.674  4.115   -3.340  1.00 14.88 ? 60  VAL A CA  1 
ATOM   438  C  C   . VAL A 1 60  ? -10.794 4.928   -3.997  1.00 16.05 ? 60  VAL A C   1 
ATOM   439  O  O   . VAL A 1 60  ? -10.637 5.437   -5.109  1.00 16.43 ? 60  VAL A O   1 
ATOM   440  C  CB  . VAL A 1 60  ? -9.974  2.601   -3.486  1.00 14.62 ? 60  VAL A CB  1 
ATOM   441  C  CG1 . VAL A 1 60  ? -10.403 2.288   -4.915  1.00 14.77 ? 60  VAL A CG1 1 
ATOM   442  C  CG2 . VAL A 1 60  ? -8.729  1.784   -3.128  1.00 17.08 ? 60  VAL A CG2 1 
ATOM   443  N  N   . PHE A 1 61  ? -11.917 5.063   -3.304  1.00 15.69 ? 61  PHE A N   1 
ATOM   444  C  CA  . PHE A 1 61  ? -13.038 5.835   -3.838  1.00 16.98 ? 61  PHE A CA  1 
ATOM   445  C  C   . PHE A 1 61  ? -12.688 7.307   -4.062  1.00 17.36 ? 61  PHE A C   1 
ATOM   446  O  O   . PHE A 1 61  ? -12.930 7.856   -5.138  1.00 15.28 ? 61  PHE A O   1 
ATOM   447  C  CB  . PHE A 1 61  ? -14.240 5.777   -2.898  1.00 17.77 ? 61  PHE A CB  1 
ATOM   448  C  CG  . PHE A 1 61  ? -15.338 6.740   -3.274  1.00 19.68 ? 61  PHE A CG  1 
ATOM   449  C  CD1 . PHE A 1 61  ? -15.977 6.635   -4.505  1.00 20.02 ? 61  PHE A CD1 1 
ATOM   450  C  CD2 . PHE A 1 61  ? -15.702 7.775   -2.415  1.00 20.32 ? 61  PHE A CD2 1 
ATOM   451  C  CE1 . PHE A 1 61  ? -16.960 7.541   -4.879  1.00 22.56 ? 61  PHE A CE1 1 
ATOM   452  C  CE2 . PHE A 1 61  ? -16.690 8.691   -2.781  1.00 22.48 ? 61  PHE A CE2 1 
ATOM   453  C  CZ  . PHE A 1 61  ? -17.319 8.573   -4.017  1.00 22.75 ? 61  PHE A CZ  1 
ATOM   454  N  N   . GLU A 1 62  ? -12.126 7.942   -3.037  1.00 16.73 ? 62  GLU A N   1 
ATOM   455  C  CA  . GLU A 1 62  ? -11.782 9.357   -3.118  1.00 20.37 ? 62  GLU A CA  1 
ATOM   456  C  C   . GLU A 1 62  ? -10.711 9.683   -4.157  1.00 22.04 ? 62  GLU A C   1 
ATOM   457  O  O   . GLU A 1 62  ? -10.770 10.727  -4.804  1.00 22.84 ? 62  GLU A O   1 
ATOM   458  C  CB  . GLU A 1 62  ? -11.346 9.874   -1.741  1.00 21.15 ? 62  GLU A CB  1 
ATOM   459  C  CG  . GLU A 1 62  ? -12.403 9.679   -0.658  1.00 23.10 ? 62  GLU A CG  1 
ATOM   460  C  CD  . GLU A 1 62  ? -12.037 10.323  0.671   1.00 24.39 ? 62  GLU A CD  1 
ATOM   461  O  OE1 . GLU A 1 62  ? -10.850 10.294  1.053   1.00 23.55 ? 62  GLU A OE1 1 
ATOM   462  O  OE2 . GLU A 1 62  ? -12.951 10.839  1.349   1.00 24.88 ? 62  GLU A OE2 1 
ATOM   463  N  N   . GLU A 1 63  ? -9.747  8.786   -4.329  1.00 21.03 ? 63  GLU A N   1 
ATOM   464  C  CA  . GLU A 1 63  ? -8.664  9.020   -5.279  1.00 24.14 ? 63  GLU A CA  1 
ATOM   465  C  C   . GLU A 1 63  ? -8.893  8.508   -6.695  1.00 22.90 ? 63  GLU A C   1 
ATOM   466  O  O   . GLU A 1 63  ? -8.364  9.081   -7.647  1.00 21.73 ? 63  GLU A O   1 
ATOM   467  C  CB  . GLU A 1 63  ? -7.359  8.416   -4.756  1.00 25.91 ? 63  GLU A CB  1 
ATOM   468  C  CG  . GLU A 1 63  ? -6.885  9.016   -3.445  1.00 33.68 ? 63  GLU A CG  1 
ATOM   469  C  CD  . GLU A 1 63  ? -6.712  10.520  -3.510  1.00 36.73 ? 63  GLU A CD  1 
ATOM   470  O  OE1 . GLU A 1 63  ? -5.937  10.999  -4.370  1.00 40.65 ? 63  GLU A OE1 1 
ATOM   471  O  OE2 . GLU A 1 63  ? -7.354  11.221  -2.699  1.00 38.32 ? 63  GLU A OE2 1 
ATOM   472  N  N   . THR A 1 64  ? -9.674  7.442   -6.838  1.00 21.27 ? 64  THR A N   1 
ATOM   473  C  CA  . THR A 1 64  ? -9.914  6.860   -8.152  1.00 20.88 ? 64  THR A CA  1 
ATOM   474  C  C   . THR A 1 64  ? -11.364 6.885   -8.641  1.00 22.14 ? 64  THR A C   1 
ATOM   475  O  O   . THR A 1 64  ? -11.615 6.825   -9.849  1.00 20.73 ? 64  THR A O   1 
ATOM   476  C  CB  . THR A 1 64  ? -9.447  5.393   -8.188  1.00 21.16 ? 64  THR A CB  1 
ATOM   477  O  OG1 . THR A 1 64  ? -10.407 4.575   -7.512  1.00 19.24 ? 64  THR A OG1 1 
ATOM   478  C  CG2 . THR A 1 64  ? -8.089  5.246   -7.496  1.00 20.22 ? 64  THR A CG2 1 
ATOM   479  N  N   . GLY A 1 65  ? -12.312 6.960   -7.713  1.00 21.04 ? 65  GLY A N   1 
ATOM   480  C  CA  . GLY A 1 65  ? -13.713 6.961   -8.097  1.00 20.38 ? 65  GLY A CA  1 
ATOM   481  C  C   . GLY A 1 65  ? -14.289 5.554   -8.108  1.00 21.29 ? 65  GLY A C   1 
ATOM   482  O  O   . GLY A 1 65  ? -15.504 5.378   -8.175  1.00 20.97 ? 65  GLY A O   1 
ATOM   483  N  N   . LEU A 1 66  ? -13.425 4.545   -8.048  1.00 19.70 ? 66  LEU A N   1 
ATOM   484  C  CA  . LEU A 1 66  ? -13.896 3.165   -8.041  1.00 21.01 ? 66  LEU A CA  1 
ATOM   485  C  C   . LEU A 1 66  ? -14.539 2.850   -6.696  1.00 20.55 ? 66  LEU A C   1 
ATOM   486  O  O   . LEU A 1 66  ? -14.061 3.279   -5.648  1.00 20.21 ? 66  LEU A O   1 
ATOM   487  C  CB  . LEU A 1 66  ? -12.743 2.196   -8.313  1.00 22.20 ? 66  LEU A CB  1 
ATOM   488  C  CG  . LEU A 1 66  ? -12.094 2.298   -9.694  1.00 21.62 ? 66  LEU A CG  1 
ATOM   489  C  CD1 . LEU A 1 66  ? -11.070 1.179   -9.845  1.00 21.75 ? 66  LEU A CD1 1 
ATOM   490  C  CD2 . LEU A 1 66  ? -13.160 2.193   -10.785 1.00 20.80 ? 66  LEU A CD2 1 
ATOM   491  N  N   . ARG A 1 67  ? -15.628 2.096   -6.742  1.00 20.07 ? 67  ARG A N   1 
ATOM   492  C  CA  . ARG A 1 67  ? -16.371 1.739   -5.544  1.00 20.30 ? 67  ARG A CA  1 
ATOM   493  C  C   . ARG A 1 67  ? -16.204 0.265   -5.223  1.00 19.24 ? 67  ARG A C   1 
ATOM   494  O  O   . ARG A 1 67  ? -16.890 -0.587  -5.801  1.00 17.22 ? 67  ARG A O   1 
ATOM   495  C  CB  . ARG A 1 67  ? -17.853 2.075   -5.756  1.00 20.78 ? 67  ARG A CB  1 
ATOM   496  C  CG  . ARG A 1 67  ? -18.058 3.506   -6.237  1.00 23.09 ? 67  ARG A CG  1 
ATOM   497  C  CD  . ARG A 1 67  ? -19.514 3.833   -6.517  1.00 23.28 ? 67  ARG A CD  1 
ATOM   498  N  NE  . ARG A 1 67  ? -19.681 5.245   -6.846  1.00 27.84 ? 67  ARG A NE  1 
ATOM   499  C  CZ  . ARG A 1 67  ? -20.854 5.856   -6.972  1.00 27.94 ? 67  ARG A CZ  1 
ATOM   500  N  NH1 . ARG A 1 67  ? -21.980 5.179   -6.798  1.00 27.00 ? 67  ARG A NH1 1 
ATOM   501  N  NH2 . ARG A 1 67  ? -20.900 7.150   -7.262  1.00 29.33 ? 67  ARG A NH2 1 
ATOM   502  N  N   . LEU A 1 68  ? -15.290 -0.027  -4.299  1.00 16.82 ? 68  LEU A N   1 
ATOM   503  C  CA  . LEU A 1 68  ? -15.007 -1.400  -3.894  1.00 16.32 ? 68  LEU A CA  1 
ATOM   504  C  C   . LEU A 1 68  ? -16.093 -1.973  -2.987  1.00 15.86 ? 68  LEU A C   1 
ATOM   505  O  O   . LEU A 1 68  ? -16.491 -1.347  -2.009  1.00 14.48 ? 68  LEU A O   1 
ATOM   506  C  CB  . LEU A 1 68  ? -13.672 -1.472  -3.153  1.00 15.77 ? 68  LEU A CB  1 
ATOM   507  C  CG  . LEU A 1 68  ? -12.442 -0.830  -3.797  1.00 17.46 ? 68  LEU A CG  1 
ATOM   508  C  CD1 . LEU A 1 68  ? -11.218 -1.156  -2.943  1.00 17.20 ? 68  LEU A CD1 1 
ATOM   509  C  CD2 . LEU A 1 68  ? -12.247 -1.360  -5.219  1.00 18.01 ? 68  LEU A CD2 1 
ATOM   510  N  N   . SER A 1 69  ? -16.537 -3.184  -3.299  1.00 16.55 ? 69  SER A N   1 
ATOM   511  C  CA  . SER A 1 69  ? -17.565 -3.850  -2.507  1.00 19.89 ? 69  SER A CA  1 
ATOM   512  C  C   . SER A 1 69  ? -16.938 -4.425  -1.237  1.00 21.48 ? 69  SER A C   1 
ATOM   513  O  O   . SER A 1 69  ? -17.634 -4.803  -0.293  1.00 20.35 ? 69  SER A O   1 
ATOM   514  C  CB  . SER A 1 69  ? -18.216 -4.960  -3.338  1.00 22.00 ? 69  SER A CB  1 
ATOM   515  O  OG  . SER A 1 69  ? -17.233 -5.834  -3.871  1.00 24.80 ? 69  SER A OG  1 
ATOM   516  N  N   . GLY A 1 70  ? -15.612 -4.473  -1.224  1.00 20.46 ? 70  GLY A N   1 
ATOM   517  C  CA  . GLY A 1 70  ? -14.885 -4.992  -0.079  1.00 19.36 ? 70  GLY A CA  1 
ATOM   518  C  C   . GLY A 1 70  ? -13.415 -5.148  -0.429  1.00 18.88 ? 70  GLY A C   1 
ATOM   519  O  O   . GLY A 1 70  ? -13.019 -4.933  -1.574  1.00 16.67 ? 70  GLY A O   1 
ATOM   520  N  N   . VAL A 1 71  ? -12.601 -5.505  0.554   1.00 18.56 ? 71  VAL A N   1 
ATOM   521  C  CA  . VAL A 1 71  ? -11.174 -5.712  0.318   1.00 18.89 ? 71  VAL A CA  1 
ATOM   522  C  C   . VAL A 1 71  ? -10.729 -6.987  1.015   1.00 18.75 ? 71  VAL A C   1 
ATOM   523  O  O   . VAL A 1 71  ? -11.352 -7.417  1.987   1.00 17.76 ? 71  VAL A O   1 
ATOM   524  C  CB  . VAL A 1 71  ? -10.320 -4.536  0.847   1.00 19.72 ? 71  VAL A CB  1 
ATOM   525  C  CG1 . VAL A 1 71  ? -10.537 -3.311  -0.009  1.00 18.58 ? 71  VAL A CG1 1 
ATOM   526  C  CG2 . VAL A 1 71  ? -10.678 -4.238  2.299   1.00 18.97 ? 71  VAL A CG2 1 
ATOM   527  N  N   . THR A 1 72  ? -9.671  -7.605  0.498   1.00 15.46 ? 72  THR A N   1 
ATOM   528  C  CA  . THR A 1 72  ? -9.132  -8.821  1.104   1.00 18.39 ? 72  THR A CA  1 
ATOM   529  C  C   . THR A 1 72  ? -7.734  -8.480  1.605   1.00 19.93 ? 72  THR A C   1 
ATOM   530  O  O   . THR A 1 72  ? -6.942  -7.860  0.885   1.00 15.57 ? 72  THR A O   1 
ATOM   531  C  CB  . THR A 1 72  ? -9.059  -9.985  0.088   1.00 19.51 ? 72  THR A CB  1 
ATOM   532  O  OG1 . THR A 1 72  ? -10.387 -10.390 -0.268  1.00 21.41 ? 72  THR A OG1 1 
ATOM   533  C  CG2 . THR A 1 72  ? -8.329  -11.180 0.687   1.00 21.77 ? 72  THR A CG2 1 
ATOM   534  N  N   . PHE A 1 73  ? -7.440  -8.863  2.843   1.00 20.86 ? 73  PHE A N   1 
ATOM   535  C  CA  . PHE A 1 73  ? -6.142  -8.570  3.436   1.00 24.62 ? 73  PHE A CA  1 
ATOM   536  C  C   . PHE A 1 73  ? -5.023  -9.392  2.807   1.00 25.06 ? 73  PHE A C   1 
ATOM   537  O  O   . PHE A 1 73  ? -5.191  -10.580 2.539   1.00 23.16 ? 73  PHE A O   1 
ATOM   538  C  CB  . PHE A 1 73  ? -6.174  -8.829  4.944   1.00 29.14 ? 73  PHE A CB  1 
ATOM   539  C  CG  . PHE A 1 73  ? -5.252  -7.941  5.722   1.00 31.94 ? 73  PHE A CG  1 
ATOM   540  C  CD1 . PHE A 1 73  ? -5.692  -6.714  6.193   1.00 35.76 ? 73  PHE A CD1 1 
ATOM   541  C  CD2 . PHE A 1 73  ? -3.931  -8.310  5.947   1.00 37.57 ? 73  PHE A CD2 1 
ATOM   542  C  CE1 . PHE A 1 73  ? -4.837  -5.862  6.881   1.00 35.99 ? 73  PHE A CE1 1 
ATOM   543  C  CE2 . PHE A 1 73  ? -3.059  -7.463  6.638   1.00 38.17 ? 73  PHE A CE2 1 
ATOM   544  C  CZ  . PHE A 1 73  ? -3.515  -6.238  7.102   1.00 37.22 ? 73  PHE A CZ  1 
ATOM   545  N  N   . CYS A 1 74  ? -3.883  -8.750  2.559   1.00 23.62 ? 74  CYS A N   1 
ATOM   546  C  CA  . CYS A 1 74  ? -2.739  -9.438  1.965   1.00 23.38 ? 74  CYS A CA  1 
ATOM   547  C  C   . CYS A 1 74  ? -1.588  -9.550  2.956   1.00 22.89 ? 74  CYS A C   1 
ATOM   548  O  O   . CYS A 1 74  ? -0.913  -10.575 3.016   1.00 24.02 ? 74  CYS A O   1 
ATOM   549  C  CB  . CYS A 1 74  ? -2.252  -8.703  0.713   1.00 23.26 ? 74  CYS A CB  1 
ATOM   550  S  SG  . CYS A 1 74  ? -3.397  -8.768  -0.675  1.00 25.41 ? 74  CYS A SG  1 
ATOM   551  N  N   . GLY A 1 75  ? -1.363  -8.488  3.722   1.00 21.74 ? 75  GLY A N   1 
ATOM   552  C  CA  . GLY A 1 75  ? -0.286  -8.504  4.691   1.00 19.41 ? 75  GLY A CA  1 
ATOM   553  C  C   . GLY A 1 75  ? 0.035   -7.129  5.230   1.00 18.86 ? 75  GLY A C   1 
ATOM   554  O  O   . GLY A 1 75  ? -0.713  -6.172  5.022   1.00 14.76 ? 75  GLY A O   1 
ATOM   555  N  N   . THR A 1 76  ? 1.168   -7.029  5.912   1.00 17.08 ? 76  THR A N   1 
ATOM   556  C  CA  . THR A 1 76  ? 1.580   -5.774  6.513   1.00 17.43 ? 76  THR A CA  1 
ATOM   557  C  C   . THR A 1 76  ? 3.026   -5.434  6.204   1.00 18.45 ? 76  THR A C   1 
ATOM   558  O  O   . THR A 1 76  ? 3.838   -6.314  5.909   1.00 14.82 ? 76  THR A O   1 
ATOM   559  C  CB  . THR A 1 76  ? 1.476   -5.843  8.050   1.00 18.80 ? 76  THR A CB  1 
ATOM   560  O  OG1 . THR A 1 76  ? 2.346   -6.880  8.535   1.00 16.13 ? 76  THR A OG1 1 
ATOM   561  C  CG2 . THR A 1 76  ? 0.045   -6.149  8.486   1.00 17.57 ? 76  THR A CG2 1 
ATOM   562  N  N   . CYS A 1 77  ? 3.317   -4.141  6.279   1.00 17.58 ? 77  CYS A N   1 
ATOM   563  C  CA  . CYS A 1 77  ? 4.657   -3.605  6.117   1.00 17.42 ? 77  CYS A CA  1 
ATOM   564  C  C   . CYS A 1 77  ? 4.824   -2.696  7.332   1.00 16.46 ? 77  CYS A C   1 
ATOM   565  O  O   . CYS A 1 77  ? 3.929   -1.922  7.659   1.00 17.10 ? 77  CYS A O   1 
ATOM   566  C  CB  . CYS A 1 77  ? 4.783   -2.775  4.839   1.00 18.62 ? 77  CYS A CB  1 
ATOM   567  S  SG  . CYS A 1 77  ? 4.903   -3.752  3.345   1.00 16.14 ? 77  CYS A SG  1 
ATOM   568  N  N   . GLU A 1 78  ? 5.951   -2.806  8.015   1.00 16.19 ? 78  GLU A N   1 
ATOM   569  C  CA  . GLU A 1 78  ? 6.199   -1.971  9.179   1.00 16.60 ? 78  GLU A CA  1 
ATOM   570  C  C   . GLU A 1 78  ? 7.511   -1.216  9.014   1.00 18.40 ? 78  GLU A C   1 
ATOM   571  O  O   . GLU A 1 78  ? 8.498   -1.758  8.501   1.00 16.70 ? 78  GLU A O   1 
ATOM   572  C  CB  . GLU A 1 78  ? 6.267   -2.815  10.449  1.00 15.63 ? 78  GLU A CB  1 
ATOM   573  C  CG  . GLU A 1 78  ? 4.980   -3.530  10.812  1.00 17.78 ? 78  GLU A CG  1 
ATOM   574  C  CD  . GLU A 1 78  ? 5.053   -4.157  12.193  1.00 17.42 ? 78  GLU A CD  1 
ATOM   575  O  OE1 . GLU A 1 78  ? 4.664   -3.496  13.176  1.00 20.57 ? 78  GLU A OE1 1 
ATOM   576  O  OE2 . GLU A 1 78  ? 5.519   -5.307  12.291  1.00 21.64 ? 78  GLU A OE2 1 
ATOM   577  N  N   . TRP A 1 79  ? 7.502   0.039   9.445   1.00 18.71 ? 79  TRP A N   1 
ATOM   578  C  CA  . TRP A 1 79  ? 8.682   0.891   9.378   1.00 22.40 ? 79  TRP A CA  1 
ATOM   579  C  C   . TRP A 1 79  ? 8.928   1.461   10.773  1.00 23.36 ? 79  TRP A C   1 
ATOM   580  O  O   . TRP A 1 79  ? 7.992   1.882   11.459  1.00 22.34 ? 79  TRP A O   1 
ATOM   581  C  CB  . TRP A 1 79  ? 8.462   2.043   8.394   1.00 20.67 ? 79  TRP A CB  1 
ATOM   582  C  CG  . TRP A 1 79  ? 8.346   1.650   6.948   1.00 21.35 ? 79  TRP A CG  1 
ATOM   583  C  CD1 . TRP A 1 79  ? 9.361   1.561   6.036   1.00 22.99 ? 79  TRP A CD1 1 
ATOM   584  C  CD2 . TRP A 1 79  ? 7.141   1.354   6.234   1.00 21.52 ? 79  TRP A CD2 1 
ATOM   585  N  NE1 . TRP A 1 79  ? 8.861   1.237   4.797   1.00 22.50 ? 79  TRP A NE1 1 
ATOM   586  C  CE2 . TRP A 1 79  ? 7.499   1.104   4.890   1.00 20.88 ? 79  TRP A CE2 1 
ATOM   587  C  CE3 . TRP A 1 79  ? 5.787   1.282   6.599   1.00 20.55 ? 79  TRP A CE3 1 
ATOM   588  C  CZ2 . TRP A 1 79  ? 6.555   0.787   3.908   1.00 21.42 ? 79  TRP A CZ2 1 
ATOM   589  C  CZ3 . TRP A 1 79  ? 4.848   0.965   5.621   1.00 20.45 ? 79  TRP A CZ3 1 
ATOM   590  C  CH2 . TRP A 1 79  ? 5.237   0.724   4.291   1.00 20.69 ? 79  TRP A CH2 1 
ATOM   591  N  N   . PHE A 1 80  ? 10.186  1.464   11.191  1.00 24.41 ? 80  PHE A N   1 
ATOM   592  C  CA  . PHE A 1 80  ? 10.559  1.997   12.497  1.00 26.38 ? 80  PHE A CA  1 
ATOM   593  C  C   . PHE A 1 80  ? 11.597  3.099   12.322  1.00 28.90 ? 80  PHE A C   1 
ATOM   594  O  O   . PHE A 1 80  ? 12.424  3.035   11.418  1.00 27.56 ? 80  PHE A O   1 
ATOM   595  C  CB  . PHE A 1 80  ? 11.157  0.891   13.366  1.00 26.14 ? 80  PHE A CB  1 
ATOM   596  C  CG  . PHE A 1 80  ? 10.163  -0.126  13.833  1.00 23.45 ? 80  PHE A CG  1 
ATOM   597  C  CD1 . PHE A 1 80  ? 9.385   0.114   14.961  1.00 22.39 ? 80  PHE A CD1 1 
ATOM   598  C  CD2 . PHE A 1 80  ? 9.988   -1.319  13.137  1.00 24.16 ? 80  PHE A CD2 1 
ATOM   599  C  CE1 . PHE A 1 80  ? 8.444   -0.824  15.399  1.00 21.58 ? 80  PHE A CE1 1 
ATOM   600  C  CE2 . PHE A 1 80  ? 9.053   -2.265  13.562  1.00 22.70 ? 80  PHE A CE2 1 
ATOM   601  C  CZ  . PHE A 1 80  ? 8.277   -2.016  14.696  1.00 21.04 ? 80  PHE A CZ  1 
ATOM   602  N  N   . ASP A 1 81  ? 11.548  4.110   13.180  1.00 32.51 ? 81  ASP A N   1 
ATOM   603  C  CA  . ASP A 1 81  ? 12.526  5.186   13.125  1.00 36.89 ? 81  ASP A CA  1 
ATOM   604  C  C   . ASP A 1 81  ? 13.725  4.683   13.928  1.00 37.81 ? 81  ASP A C   1 
ATOM   605  O  O   . ASP A 1 81  ? 13.749  3.523   14.345  1.00 37.30 ? 81  ASP A O   1 
ATOM   606  C  CB  . ASP A 1 81  ? 11.962  6.464   13.753  1.00 40.64 ? 81  ASP A CB  1 
ATOM   607  C  CG  . ASP A 1 81  ? 11.717  6.326   15.242  1.00 43.85 ? 81  ASP A CG  1 
ATOM   608  O  OD1 . ASP A 1 81  ? 10.952  5.425   15.646  1.00 45.90 ? 81  ASP A OD1 1 
ATOM   609  O  OD2 . ASP A 1 81  ? 12.290  7.123   16.011  1.00 48.80 ? 81  ASP A OD2 1 
ATOM   610  N  N   . ASP A 1 82  ? 14.715  5.539   14.153  1.00 38.92 ? 82  ASP A N   1 
ATOM   611  C  CA  . ASP A 1 82  ? 15.892  5.123   14.907  1.00 39.64 ? 82  ASP A CA  1 
ATOM   612  C  C   . ASP A 1 82  ? 15.590  4.835   16.375  1.00 38.52 ? 82  ASP A C   1 
ATOM   613  O  O   . ASP A 1 82  ? 16.140  3.899   16.956  1.00 38.98 ? 82  ASP A O   1 
ATOM   614  C  CB  . ASP A 1 82  ? 16.993  6.176   14.791  1.00 42.90 ? 82  ASP A CB  1 
ATOM   615  C  CG  . ASP A 1 82  ? 17.714  6.113   13.461  1.00 46.86 ? 82  ASP A CG  1 
ATOM   616  O  OD1 . ASP A 1 82  ? 17.045  6.238   12.413  1.00 49.98 ? 82  ASP A OD1 1 
ATOM   617  O  OD2 . ASP A 1 82  ? 18.952  5.931   13.463  1.00 49.18 ? 82  ASP A OD2 1 
ATOM   618  N  N   . ASP A 1 83  ? 14.711  5.632   16.970  1.00 37.33 ? 83  ASP A N   1 
ATOM   619  C  CA  . ASP A 1 83  ? 14.336  5.454   18.370  1.00 37.09 ? 83  ASP A CA  1 
ATOM   620  C  C   . ASP A 1 83  ? 13.354  4.297   18.570  1.00 33.85 ? 83  ASP A C   1 
ATOM   621  O  O   . ASP A 1 83  ? 13.215  3.773   19.676  1.00 33.12 ? 83  ASP A O   1 
ATOM   622  C  CB  . ASP A 1 83  ? 13.715  6.745   18.903  1.00 40.57 ? 83  ASP A CB  1 
ATOM   623  C  CG  . ASP A 1 83  ? 14.658  7.923   18.803  1.00 43.85 ? 83  ASP A CG  1 
ATOM   624  O  OD1 . ASP A 1 83  ? 15.744  7.863   19.421  1.00 45.70 ? 83  ASP A OD1 1 
ATOM   625  O  OD2 . ASP A 1 83  ? 14.317  8.905   18.107  1.00 46.31 ? 83  ASP A OD2 1 
ATOM   626  N  N   . ARG A 1 84  ? 12.670  3.917   17.495  1.00 30.79 ? 84  ARG A N   1 
ATOM   627  C  CA  . ARG A 1 84  ? 11.697  2.828   17.519  1.00 29.31 ? 84  ARG A CA  1 
ATOM   628  C  C   . ARG A 1 84  ? 10.555  3.038   18.513  1.00 27.69 ? 84  ARG A C   1 
ATOM   629  O  O   . ARG A 1 84  ? 9.831   2.093   18.835  1.00 27.47 ? 84  ARG A O   1 
ATOM   630  C  CB  . ARG A 1 84  ? 12.397  1.496   17.821  1.00 28.28 ? 84  ARG A CB  1 
ATOM   631  C  CG  . ARG A 1 84  ? 13.510  1.143   16.845  1.00 27.77 ? 84  ARG A CG  1 
ATOM   632  C  CD  . ARG A 1 84  ? 14.076  -0.240  17.130  1.00 27.08 ? 84  ARG A CD  1 
ATOM   633  N  NE  . ARG A 1 84  ? 13.151  -1.311  16.766  1.00 25.73 ? 84  ARG A NE  1 
ATOM   634  C  CZ  . ARG A 1 84  ? 13.019  -1.804  15.536  1.00 27.14 ? 84  ARG A CZ  1 
ATOM   635  N  NH1 . ARG A 1 84  ? 13.756  -1.320  14.542  1.00 25.71 ? 84  ARG A NH1 1 
ATOM   636  N  NH2 . ARG A 1 84  ? 12.163  -2.792  15.304  1.00 25.95 ? 84  ARG A NH2 1 
ATOM   637  N  N   . GLN A 1 85  ? 10.391  4.269   18.991  1.00 26.58 ? 85  GLN A N   1 
ATOM   638  C  CA  . GLN A 1 85  ? 9.323   4.581   19.943  1.00 28.13 ? 85  GLN A CA  1 
ATOM   639  C  C   . GLN A 1 85  ? 7.956   4.632   19.274  1.00 27.75 ? 85  GLN A C   1 
ATOM   640  O  O   . GLN A 1 85  ? 6.917   4.600   19.936  1.00 26.36 ? 85  GLN A O   1 
ATOM   641  C  CB  . GLN A 1 85  ? 9.596   5.912   20.638  1.00 29.68 ? 85  GLN A CB  1 
ATOM   642  C  CG  . GLN A 1 85  ? 10.710  5.851   21.659  1.00 34.44 ? 85  GLN A CG  1 
ATOM   643  C  CD  . GLN A 1 85  ? 10.534  4.705   22.633  1.00 37.86 ? 85  GLN A CD  1 
ATOM   644  O  OE1 . GLN A 1 85  ? 10.810  3.551   22.306  1.00 39.82 ? 85  GLN A OE1 1 
ATOM   645  N  NE2 . GLN A 1 85  ? 10.062  5.016   23.836  1.00 41.10 ? 85  GLN A NE2 1 
ATOM   646  N  N   . HIS A 1 86  ? 7.965   4.728   17.955  1.00 28.51 ? 86  HIS A N   1 
ATOM   647  C  CA  . HIS A 1 86  ? 6.735   4.749   17.187  1.00 30.80 ? 86  HIS A CA  1 
ATOM   648  C  C   . HIS A 1 86  ? 6.985   3.930   15.931  1.00 29.12 ? 86  HIS A C   1 
ATOM   649  O  O   . HIS A 1 86  ? 8.120   3.551   15.642  1.00 30.28 ? 86  HIS A O   1 
ATOM   650  C  CB  . HIS A 1 86  ? 6.355   6.188   16.827  1.00 33.77 ? 86  HIS A CB  1 
ATOM   651  C  CG  . HIS A 1 86  ? 7.384   6.897   16.007  1.00 36.96 ? 86  HIS A CG  1 
ATOM   652  N  ND1 . HIS A 1 86  ? 7.216   7.157   14.663  1.00 38.92 ? 86  HIS A ND1 1 
ATOM   653  C  CD2 . HIS A 1 86  ? 8.599   7.395   16.338  1.00 39.43 ? 86  HIS A CD2 1 
ATOM   654  C  CE1 . HIS A 1 86  ? 8.282   7.786   14.203  1.00 39.77 ? 86  HIS A CE1 1 
ATOM   655  N  NE2 . HIS A 1 86  ? 9.137   7.943   15.199  1.00 40.83 ? 86  HIS A NE2 1 
ATOM   656  N  N   . ARG A 1 87  ? 5.928   3.656   15.185  1.00 27.56 ? 87  ARG A N   1 
ATOM   657  C  CA  . ARG A 1 87  ? 6.062   2.874   13.975  1.00 24.51 ? 87  ARG A CA  1 
ATOM   658  C  C   . ARG A 1 87  ? 4.990   3.272   12.986  1.00 23.59 ? 87  ARG A C   1 
ATOM   659  O  O   . ARG A 1 87  ? 3.973   3.865   13.345  1.00 22.21 ? 87  ARG A O   1 
ATOM   660  C  CB  . ARG A 1 87  ? 5.893   1.386   14.283  1.00 23.45 ? 87  ARG A CB  1 
ATOM   661  C  CG  . ARG A 1 87  ? 4.433   0.966   14.438  1.00 22.36 ? 87  ARG A CG  1 
ATOM   662  C  CD  . ARG A 1 87  ? 4.300   -0.512  14.778  1.00 20.46 ? 87  ARG A CD  1 
ATOM   663  N  NE  . ARG A 1 87  ? 4.644   -0.777  16.172  1.00 20.63 ? 87  ARG A NE  1 
ATOM   664  C  CZ  . ARG A 1 87  ? 4.968   -1.973  16.651  1.00 17.12 ? 87  ARG A CZ  1 
ATOM   665  N  NH1 . ARG A 1 87  ? 5.006   -3.028  15.845  1.00 14.40 ? 87  ARG A NH1 1 
ATOM   666  N  NH2 . ARG A 1 87  ? 5.224   -2.119  17.941  1.00 16.97 ? 87  ARG A NH2 1 
ATOM   667  N  N   . LYS A 1 88  ? 5.238   2.933   11.731  1.00 21.23 ? 88  LYS A N   1 
ATOM   668  C  CA  . LYS A 1 88  ? 4.285   3.179   10.669  1.00 21.13 ? 88  LYS A CA  1 
ATOM   669  C  C   . LYS A 1 88  ? 3.849   1.764   10.313  1.00 18.89 ? 88  LYS A C   1 
ATOM   670  O  O   . LYS A 1 88  ? 4.688   0.914   10.005  1.00 17.21 ? 88  LYS A O   1 
ATOM   671  C  CB  . LYS A 1 88  ? 4.977   3.843   9.482   1.00 22.58 ? 88  LYS A CB  1 
ATOM   672  C  CG  . LYS A 1 88  ? 4.076   4.135   8.291   1.00 25.68 ? 88  LYS A CG  1 
ATOM   673  C  CD  . LYS A 1 88  ? 4.863   4.936   7.265   1.00 30.05 ? 88  LYS A CD  1 
ATOM   674  C  CE  . LYS A 1 88  ? 4.025   5.367   6.088   1.00 32.60 ? 88  LYS A CE  1 
ATOM   675  N  NZ  . LYS A 1 88  ? 4.860   6.167   5.136   1.00 36.08 ? 88  LYS A NZ  1 
ATOM   676  N  N   . LEU A 1 89  ? 2.551   1.501   10.401  1.00 17.60 ? 89  LEU A N   1 
ATOM   677  C  CA  . LEU A 1 89  ? 2.021   0.180   10.083  1.00 16.79 ? 89  LEU A CA  1 
ATOM   678  C  C   . LEU A 1 89  ? 1.168   0.276   8.841   1.00 17.21 ? 89  LEU A C   1 
ATOM   679  O  O   . LEU A 1 89  ? 0.103   0.903   8.854   1.00 16.58 ? 89  LEU A O   1 
ATOM   680  C  CB  . LEU A 1 89  ? 1.171   -0.369  11.235  1.00 16.34 ? 89  LEU A CB  1 
ATOM   681  C  CG  . LEU A 1 89  ? 0.429   -1.678  10.930  1.00 15.34 ? 89  LEU A CG  1 
ATOM   682  C  CD1 . LEU A 1 89  ? 1.430   -2.785  10.619  1.00 15.94 ? 89  LEU A CD1 1 
ATOM   683  C  CD2 . LEU A 1 89  ? -0.443  -2.068  12.117  1.00 16.75 ? 89  LEU A CD2 1 
ATOM   684  N  N   . GLY A 1 90  ? 1.643   -0.342  7.766   1.00 16.71 ? 90  GLY A N   1 
ATOM   685  C  CA  . GLY A 1 90  ? 0.909   -0.317  6.523   1.00 17.97 ? 90  GLY A CA  1 
ATOM   686  C  C   . GLY A 1 90  ? 0.148   -1.605  6.292   1.00 19.03 ? 90  GLY A C   1 
ATOM   687  O  O   . GLY A 1 90  ? 0.720   -2.701  6.322   1.00 15.05 ? 90  GLY A O   1 
ATOM   688  N  N   . LEU A 1 91  ? -1.156  -1.472  6.077   1.00 18.03 ? 91  LEU A N   1 
ATOM   689  C  CA  . LEU A 1 91  ? -1.998  -2.623  5.814   1.00 16.81 ? 91  LEU A CA  1 
ATOM   690  C  C   . LEU A 1 91  ? -2.269  -2.673  4.309   1.00 17.35 ? 91  LEU A C   1 
ATOM   691  O  O   . LEU A 1 91  ? -2.849  -1.744  3.738   1.00 15.73 ? 91  LEU A O   1 
ATOM   692  C  CB  . LEU A 1 91  ? -3.301  -2.518  6.615   1.00 20.24 ? 91  LEU A CB  1 
ATOM   693  C  CG  . LEU A 1 91  ? -3.146  -2.469  8.148   1.00 20.71 ? 91  LEU A CG  1 
ATOM   694  C  CD1 . LEU A 1 91  ? -2.892  -1.038  8.601   1.00 21.07 ? 91  LEU A CD1 1 
ATOM   695  C  CD2 . LEU A 1 91  ? -4.424  -2.986  8.803   1.00 25.32 ? 91  LEU A CD2 1 
ATOM   696  N  N   . LEU A 1 92  ? -1.825  -3.753  3.673   1.00 14.22 ? 92  LEU A N   1 
ATOM   697  C  CA  . LEU A 1 92  ? -1.991  -3.953  2.237   1.00 14.03 ? 92  LEU A CA  1 
ATOM   698  C  C   . LEU A 1 92  ? -3.162  -4.872  1.909   1.00 15.81 ? 92  LEU A C   1 
ATOM   699  O  O   . LEU A 1 92  ? -3.259  -5.990  2.434   1.00 12.71 ? 92  LEU A O   1 
ATOM   700  C  CB  . LEU A 1 92  ? -0.701  -4.523  1.637   1.00 14.61 ? 92  LEU A CB  1 
ATOM   701  C  CG  . LEU A 1 92  ? 0.387   -3.477  1.333   1.00 13.43 ? 92  LEU A CG  1 
ATOM   702  C  CD1 . LEU A 1 92  ? 0.757   -2.727  2.593   1.00 11.71 ? 92  LEU A CD1 1 
ATOM   703  C  CD2 . LEU A 1 92  ? 1.612   -4.173  0.735   1.00 11.56 ? 92  LEU A CD2 1 
ATOM   704  N  N   . TYR A 1 93  ? -4.038  -4.378  1.031   1.00 14.53 ? 93  TYR A N   1 
ATOM   705  C  CA  . TYR A 1 93  ? -5.238  -5.094  0.614   1.00 15.22 ? 93  TYR A CA  1 
ATOM   706  C  C   . TYR A 1 93  ? -5.292  -5.260  -0.896  1.00 16.63 ? 93  TYR A C   1 
ATOM   707  O  O   . TYR A 1 93  ? -4.604  -4.555  -1.646  1.00 16.09 ? 93  TYR A O   1 
ATOM   708  C  CB  . TYR A 1 93  ? -6.494  -4.318  1.027   1.00 14.35 ? 93  TYR A CB  1 
ATOM   709  C  CG  . TYR A 1 93  ? -6.563  -3.915  2.480   1.00 12.42 ? 93  TYR A CG  1 
ATOM   710  C  CD1 . TYR A 1 93  ? -7.250  -4.692  3.402   1.00 14.09 ? 93  TYR A CD1 1 
ATOM   711  C  CD2 . TYR A 1 93  ? -5.969  -2.735  2.924   1.00 12.17 ? 93  TYR A CD2 1 
ATOM   712  C  CE1 . TYR A 1 93  ? -7.355  -4.305  4.737   1.00 14.50 ? 93  TYR A CE1 1 
ATOM   713  C  CE2 . TYR A 1 93  ? -6.063  -2.337  4.261   1.00 10.27 ? 93  TYR A CE2 1 
ATOM   714  C  CZ  . TYR A 1 93  ? -6.761  -3.131  5.161   1.00 12.93 ? 93  TYR A CZ  1 
ATOM   715  O  OH  . TYR A 1 93  ? -6.882  -2.752  6.487   1.00 8.93  ? 93  TYR A OH  1 
ATOM   716  N  N   . ARG A 1 94  ? -6.101  -6.216  -1.342  1.00 13.74 ? 94  ARG A N   1 
ATOM   717  C  CA  . ARG A 1 94  ? -6.294  -6.429  -2.763  1.00 16.97 ? 94  ARG A CA  1 
ATOM   718  C  C   . ARG A 1 94  ? -7.799  -6.473  -2.986  1.00 17.36 ? 94  ARG A C   1 
ATOM   719  O  O   . ARG A 1 94  ? -8.556  -6.766  -2.063  1.00 15.25 ? 94  ARG A O   1 
ATOM   720  C  CB  . ARG A 1 94  ? -5.621  -7.728  -3.232  1.00 19.20 ? 94  ARG A CB  1 
ATOM   721  C  CG  . ARG A 1 94  ? -6.186  -9.023  -2.660  1.00 25.69 ? 94  ARG A CG  1 
ATOM   722  C  CD  . ARG A 1 94  ? -5.425  -10.220 -3.241  1.00 31.00 ? 94  ARG A CD  1 
ATOM   723  N  NE  . ARG A 1 94  ? -6.014  -11.506 -2.875  1.00 36.01 ? 94  ARG A NE  1 
ATOM   724  C  CZ  . ARG A 1 94  ? -5.723  -12.190 -1.773  1.00 39.59 ? 94  ARG A CZ  1 
ATOM   725  N  NH1 . ARG A 1 94  ? -4.834  -11.725 -0.901  1.00 39.30 ? 94  ARG A NH1 1 
ATOM   726  N  NH2 . ARG A 1 94  ? -6.335  -13.344 -1.540  1.00 41.60 ? 94  ARG A NH2 1 
ATOM   727  N  N   . ALA A 1 95  ? -8.235  -6.156  -4.200  1.00 16.63 ? 95  ALA A N   1 
ATOM   728  C  CA  . ALA A 1 95  ? -9.653  -6.169  -4.517  1.00 17.85 ? 95  ALA A CA  1 
ATOM   729  C  C   . ALA A 1 95  ? -9.861  -6.237  -6.025  1.00 19.21 ? 95  ALA A C   1 
ATOM   730  O  O   . ALA A 1 95  ? -9.067  -5.683  -6.792  1.00 15.08 ? 95  ALA A O   1 
ATOM   731  C  CB  . ALA A 1 95  ? -10.329 -4.917  -3.949  1.00 18.09 ? 95  ALA A CB  1 
ATOM   732  N  N   . SER A 1 96  ? -10.925 -6.919  -6.444  1.00 17.12 ? 96  SER A N   1 
ATOM   733  C  CA  . SER A 1 96  ? -11.236 -7.039  -7.866  1.00 19.01 ? 96  SER A CA  1 
ATOM   734  C  C   . SER A 1 96  ? -12.734 -6.882  -8.142  1.00 20.90 ? 96  SER A C   1 
ATOM   735  O  O   . SER A 1 96  ? -13.168 -6.944  -9.291  1.00 19.39 ? 96  SER A O   1 
ATOM   736  C  CB  . SER A 1 96  ? -10.751 -8.388  -8.407  1.00 22.06 ? 96  SER A CB  1 
ATOM   737  O  OG  . SER A 1 96  ? -11.437 -9.462  -7.786  1.00 22.39 ? 96  SER A OG  1 
ATOM   738  N  N   . ASN A 1 97  ? -13.516 -6.673  -7.086  1.00 19.72 ? 97  ASN A N   1 
ATOM   739  C  CA  . ASN A 1 97  ? -14.958 -6.502  -7.227  1.00 23.32 ? 97  ASN A CA  1 
ATOM   740  C  C   . ASN A 1 97  ? -15.327 -5.047  -6.926  1.00 21.66 ? 97  ASN A C   1 
ATOM   741  O  O   . ASN A 1 97  ? -15.232 -4.592  -5.784  1.00 19.08 ? 97  ASN A O   1 
ATOM   742  C  CB  . ASN A 1 97  ? -15.704 -7.437  -6.277  1.00 26.50 ? 97  ASN A CB  1 
ATOM   743  C  CG  . ASN A 1 97  ? -17.195 -7.489  -6.566  1.00 32.28 ? 97  ASN A CG  1 
ATOM   744  O  OD1 . ASN A 1 97  ? -17.846 -6.456  -6.707  1.00 34.70 ? 97  ASN A OD1 1 
ATOM   745  N  ND2 . ASN A 1 97  ? -17.743 -8.696  -6.649  1.00 36.19 ? 97  ASN A ND2 1 
ATOM   746  N  N   . PHE A 1 98  ? -15.747 -4.322  -7.956  1.00 21.45 ? 98  PHE A N   1 
ATOM   747  C  CA  . PHE A 1 98  ? -16.096 -2.915  -7.791  1.00 23.02 ? 98  PHE A CA  1 
ATOM   748  C  C   . PHE A 1 98  ? -17.034 -2.405  -8.870  1.00 23.92 ? 98  PHE A C   1 
ATOM   749  O  O   . PHE A 1 98  ? -17.258 -3.076  -9.875  1.00 22.27 ? 98  PHE A O   1 
ATOM   750  C  CB  . PHE A 1 98  ? -14.819 -2.072  -7.806  1.00 22.59 ? 98  PHE A CB  1 
ATOM   751  C  CG  . PHE A 1 98  ? -14.027 -2.194  -9.082  1.00 22.90 ? 98  PHE A CG  1 
ATOM   752  C  CD1 . PHE A 1 98  ? -14.338 -1.412  -10.193 1.00 23.95 ? 98  PHE A CD1 1 
ATOM   753  C  CD2 . PHE A 1 98  ? -12.992 -3.115  -9.184  1.00 23.19 ? 98  PHE A CD2 1 
ATOM   754  C  CE1 . PHE A 1 98  ? -13.626 -1.549  -11.387 1.00 24.04 ? 98  PHE A CE1 1 
ATOM   755  C  CE2 . PHE A 1 98  ? -12.276 -3.261  -10.372 1.00 22.65 ? 98  PHE A CE2 1 
ATOM   756  C  CZ  . PHE A 1 98  ? -12.593 -2.476  -11.476 1.00 23.34 ? 98  PHE A CZ  1 
ATOM   757  N  N   . THR A 1 99  ? -17.580 -1.212  -8.641  1.00 23.62 ? 99  THR A N   1 
ATOM   758  C  CA  . THR A 1 99  ? -18.460 -0.558  -9.597  1.00 27.05 ? 99  THR A CA  1 
ATOM   759  C  C   . THR A 1 99  ? -17.884 0.829   -9.854  1.00 29.57 ? 99  THR A C   1 
ATOM   760  O  O   . THR A 1 99  ? -16.964 1.266   -9.156  1.00 27.00 ? 99  THR A O   1 
ATOM   761  C  CB  . THR A 1 99  ? -19.915 -0.409  -9.070  1.00 25.77 ? 99  THR A CB  1 
ATOM   762  O  OG1 . THR A 1 99  ? -19.920 0.336   -7.847  1.00 24.49 ? 99  THR A OG1 1 
ATOM   763  C  CG2 . THR A 1 99  ? -20.538 -1.773  -8.834  1.00 27.82 ? 99  THR A CG2 1 
ATOM   764  N  N   . GLY A 1 100 ? -18.425 1.511   -10.859 1.00 32.67 ? 100 GLY A N   1 
ATOM   765  C  CA  . GLY A 1 100 ? -17.953 2.840   -11.191 1.00 34.90 ? 100 GLY A CA  1 
ATOM   766  C  C   . GLY A 1 100 ? -16.783 2.815   -12.150 1.00 37.58 ? 100 GLY A C   1 
ATOM   767  O  O   . GLY A 1 100 ? -16.289 1.745   -12.516 1.00 37.59 ? 100 GLY A O   1 
ATOM   768  N  N   . THR A 1 101 ? -16.337 3.998   -12.559 1.00 39.89 ? 101 THR A N   1 
ATOM   769  C  CA  . THR A 1 101 ? -15.211 4.118   -13.478 1.00 42.83 ? 101 THR A CA  1 
ATOM   770  C  C   . THR A 1 101 ? -14.254 5.192   -12.971 1.00 42.53 ? 101 THR A C   1 
ATOM   771  O  O   . THR A 1 101 ? -14.609 5.985   -12.098 1.00 42.16 ? 101 THR A O   1 
ATOM   772  C  CB  . THR A 1 101 ? -15.687 4.498   -14.894 1.00 44.83 ? 101 THR A CB  1 
ATOM   773  O  OG1 . THR A 1 101 ? -16.780 3.652   -15.273 1.00 47.14 ? 101 THR A OG1 1 
ATOM   774  C  CG2 . THR A 1 101 ? -14.556 4.321   -15.903 1.00 46.13 ? 101 THR A CG2 1 
ATOM   775  N  N   . LEU A 1 102 ? -13.042 5.208   -13.516 1.00 43.59 ? 102 LEU A N   1 
ATOM   776  C  CA  . LEU A 1 102 ? -12.031 6.181   -13.118 1.00 44.75 ? 102 LEU A CA  1 
ATOM   777  C  C   . LEU A 1 102 ? -12.512 7.624   -13.242 1.00 45.92 ? 102 LEU A C   1 
ATOM   778  O  O   . LEU A 1 102 ? -13.146 8.000   -14.230 1.00 46.12 ? 102 LEU A O   1 
ATOM   779  C  CB  . LEU A 1 102 ? -10.765 6.000   -13.956 1.00 43.82 ? 102 LEU A CB  1 
ATOM   780  C  CG  . LEU A 1 102 ? -9.987  4.700   -13.755 1.00 44.10 ? 102 LEU A CG  1 
ATOM   781  C  CD1 . LEU A 1 102 ? -8.730  4.728   -14.611 1.00 43.47 ? 102 LEU A CD1 1 
ATOM   782  C  CD2 . LEU A 1 102 ? -9.623  4.541   -12.286 1.00 43.38 ? 102 LEU A CD2 1 
ATOM   783  N  N   . LYS A 1 103 ? -12.200 8.426   -12.227 1.00 47.03 ? 103 LYS A N   1 
ATOM   784  C  CA  . LYS A 1 103 ? -12.584 9.833   -12.210 1.00 48.93 ? 103 LYS A CA  1 
ATOM   785  C  C   . LYS A 1 103 ? -11.967 10.518  -13.421 1.00 49.57 ? 103 LYS A C   1 
ATOM   786  O  O   . LYS A 1 103 ? -10.794 10.305  -13.729 1.00 48.78 ? 103 LYS A O   1 
ATOM   787  C  CB  . LYS A 1 103 ? -12.060 10.519  -10.947 1.00 49.17 ? 103 LYS A CB  1 
ATOM   788  C  CG  . LYS A 1 103 ? -12.442 9.852   -9.640  1.00 50.13 ? 103 LYS A CG  1 
ATOM   789  C  CD  . LYS A 1 103 ? -11.656 10.448  -8.480  1.00 50.70 ? 103 LYS A CD  1 
ATOM   790  C  CE  . LYS A 1 103 ? -12.030 11.898  -8.220  1.00 50.86 ? 103 LYS A CE  1 
ATOM   791  N  NZ  . LYS A 1 103 ? -13.428 12.028  -7.728  1.00 52.32 ? 103 LYS A NZ  1 
ATOM   792  N  N   . ALA A 1 104 ? -12.755 11.338  -14.107 1.00 50.59 ? 104 ALA A N   1 
ATOM   793  C  CA  . ALA A 1 104 ? -12.248 12.061  -15.266 1.00 51.74 ? 104 ALA A CA  1 
ATOM   794  C  C   . ALA A 1 104 ? -11.159 12.996  -14.754 1.00 52.30 ? 104 ALA A C   1 
ATOM   795  O  O   . ALA A 1 104 ? -10.258 13.391  -15.490 1.00 52.14 ? 104 ALA A O   1 
ATOM   796  C  CB  . ALA A 1 104 ? -13.367 12.861  -15.918 1.00 51.40 ? 104 ALA A CB  1 
ATOM   797  N  N   . SER A 1 105 ? -11.257 13.325  -13.469 1.00 53.92 ? 105 SER A N   1 
ATOM   798  C  CA  . SER A 1 105 ? -10.312 14.211  -12.800 1.00 55.71 ? 105 SER A CA  1 
ATOM   799  C  C   . SER A 1 105 ? -8.913  13.610  -12.739 1.00 56.46 ? 105 SER A C   1 
ATOM   800  O  O   . SER A 1 105 ? -7.954  14.286  -12.363 1.00 57.16 ? 105 SER A O   1 
ATOM   801  C  CB  . SER A 1 105 ? -10.798 14.506  -11.378 1.00 56.69 ? 105 SER A CB  1 
ATOM   802  O  OG  . SER A 1 105 ? -12.147 14.944  -11.373 1.00 58.02 ? 105 SER A OG  1 
ATOM   803  N  N   . ALA A 1 106 ? -8.798  12.337  -13.103 1.00 57.15 ? 106 ALA A N   1 
ATOM   804  C  CA  . ALA A 1 106 ? -7.510  11.655  -13.081 1.00 57.29 ? 106 ALA A CA  1 
ATOM   805  C  C   . ALA A 1 106 ? -7.311  10.804  -14.329 1.00 57.10 ? 106 ALA A C   1 
ATOM   806  O  O   . ALA A 1 106 ? -7.217  9.579   -14.247 1.00 57.39 ? 106 ALA A O   1 
ATOM   807  C  CB  . ALA A 1 106 ? -7.403  10.787  -11.830 1.00 57.32 ? 106 ALA A CB  1 
ATOM   808  N  N   . GLU A 1 107 ? -7.249  11.460  -15.482 1.00 56.45 ? 107 GLU A N   1 
ATOM   809  C  CA  . GLU A 1 107 ? -7.057  10.769  -16.751 1.00 55.19 ? 107 GLU A CA  1 
ATOM   810  C  C   . GLU A 1 107 ? -5.614  10.283  -16.832 1.00 53.55 ? 107 GLU A C   1 
ATOM   811  O  O   . GLU A 1 107 ? -5.344  9.087   -16.704 1.00 54.10 ? 107 GLU A O   1 
ATOM   812  C  CB  . GLU A 1 107 ? -7.347  11.718  -17.916 1.00 57.83 ? 107 GLU A CB  1 
ATOM   813  C  CG  . GLU A 1 107 ? -8.254  11.138  -18.990 1.00 60.65 ? 107 GLU A CG  1 
ATOM   814  C  CD  . GLU A 1 107 ? -9.657  10.856  -18.479 1.00 62.63 ? 107 GLU A CD  1 
ATOM   815  O  OE1 . GLU A 1 107 ? -10.296 11.788  -17.942 1.00 63.77 ? 107 GLU A OE1 1 
ATOM   816  O  OE2 . GLU A 1 107 ? -10.122 9.703   -18.617 1.00 63.50 ? 107 GLU A OE2 1 
ATOM   817  N  N   . GLY A 1 108 ? -4.692  11.220  -17.042 1.00 49.66 ? 108 GLY A N   1 
ATOM   818  C  CA  . GLY A 1 108 ? -3.282  10.881  -17.125 1.00 45.34 ? 108 GLY A CA  1 
ATOM   819  C  C   . GLY A 1 108 ? -2.640  10.861  -15.749 1.00 42.09 ? 108 GLY A C   1 
ATOM   820  O  O   . GLY A 1 108 ? -1.464  11.195  -15.589 1.00 41.83 ? 108 GLY A O   1 
ATOM   821  N  N   . GLN A 1 109 ? -3.431  10.476  -14.752 1.00 38.42 ? 109 GLN A N   1 
ATOM   822  C  CA  . GLN A 1 109 ? -2.979  10.391  -13.369 1.00 35.32 ? 109 GLN A CA  1 
ATOM   823  C  C   . GLN A 1 109 ? -3.067  8.953   -12.870 1.00 31.72 ? 109 GLN A C   1 
ATOM   824  O  O   . GLN A 1 109 ? -2.341  8.554   -11.959 1.00 29.05 ? 109 GLN A O   1 
ATOM   825  C  CB  . GLN A 1 109 ? -3.844  11.284  -12.477 1.00 38.58 ? 109 GLN A CB  1 
ATOM   826  C  CG  . GLN A 1 109 ? -3.354  12.714  -12.344 1.00 42.99 ? 109 GLN A CG  1 
ATOM   827  C  CD  . GLN A 1 109 ? -4.302  13.569  -11.523 1.00 44.53 ? 109 GLN A CD  1 
ATOM   828  O  OE1 . GLN A 1 109 ? -5.323  14.041  -12.023 1.00 46.35 ? 109 GLN A OE1 1 
ATOM   829  N  NE2 . GLN A 1 109 ? -3.975  13.758  -10.249 1.00 45.83 ? 109 GLN A NE2 1 
ATOM   830  N  N   . LEU A 1 110 ? -3.966  8.184   -13.477 1.00 27.57 ? 110 LEU A N   1 
ATOM   831  C  CA  . LEU A 1 110 ? -4.186  6.786   -13.117 1.00 26.67 ? 110 LEU A CA  1 
ATOM   832  C  C   . LEU A 1 110 ? -4.085  5.914   -14.358 1.00 24.63 ? 110 LEU A C   1 
ATOM   833  O  O   . LEU A 1 110 ? -4.563  6.290   -15.429 1.00 22.17 ? 110 LEU A O   1 
ATOM   834  C  CB  . LEU A 1 110 ? -5.578  6.624   -12.500 1.00 28.46 ? 110 LEU A CB  1 
ATOM   835  C  CG  . LEU A 1 110 ? -5.801  6.844   -11.000 1.00 32.24 ? 110 LEU A CG  1 
ATOM   836  C  CD1 . LEU A 1 110 ? -4.795  7.815   -10.409 1.00 33.42 ? 110 LEU A CD1 1 
ATOM   837  C  CD2 . LEU A 1 110 ? -7.229  7.339   -10.806 1.00 32.44 ? 110 LEU A CD2 1 
ATOM   838  N  N   . SER A 1 111 ? -3.467  4.748   -14.217 1.00 20.47 ? 111 SER A N   1 
ATOM   839  C  CA  . SER A 1 111 ? -3.320  3.843   -15.344 1.00 20.11 ? 111 SER A CA  1 
ATOM   840  C  C   . SER A 1 111 ? -3.520  2.387   -14.946 1.00 18.76 ? 111 SER A C   1 
ATOM   841  O  O   . SER A 1 111 ? -3.172  1.981   -13.840 1.00 16.89 ? 111 SER A O   1 
ATOM   842  C  CB  . SER A 1 111 ? -1.929  4.001   -15.973 1.00 21.85 ? 111 SER A CB  1 
ATOM   843  O  OG  . SER A 1 111 ? -1.716  5.320   -16.449 1.00 20.36 ? 111 SER A OG  1 
ATOM   844  N  N   . TRP A 1 112 ? -4.106  1.615   -15.853 1.00 19.39 ? 112 TRP A N   1 
ATOM   845  C  CA  . TRP A 1 112 ? -4.309  0.188   -15.645 1.00 19.82 ? 112 TRP A CA  1 
ATOM   846  C  C   . TRP A 1 112 ? -3.107  -0.426  -16.346 1.00 20.51 ? 112 TRP A C   1 
ATOM   847  O  O   . TRP A 1 112 ? -2.922  -0.216  -17.548 1.00 19.47 ? 112 TRP A O   1 
ATOM   848  C  CB  . TRP A 1 112 ? -5.590  -0.303  -16.332 1.00 22.30 ? 112 TRP A CB  1 
ATOM   849  C  CG  . TRP A 1 112 ? -6.868  0.040   -15.620 1.00 23.44 ? 112 TRP A CG  1 
ATOM   850  C  CD1 . TRP A 1 112 ? -7.791  0.976   -15.991 1.00 23.93 ? 112 TRP A CD1 1 
ATOM   851  C  CD2 . TRP A 1 112 ? -7.377  -0.580  -14.436 1.00 22.81 ? 112 TRP A CD2 1 
ATOM   852  N  NE1 . TRP A 1 112 ? -8.850  0.974   -15.111 1.00 22.23 ? 112 TRP A NE1 1 
ATOM   853  C  CE2 . TRP A 1 112 ? -8.620  0.028   -14.145 1.00 23.75 ? 112 TRP A CE2 1 
ATOM   854  C  CE3 . TRP A 1 112 ? -6.903  -1.593  -13.590 1.00 22.43 ? 112 TRP A CE3 1 
ATOM   855  C  CZ2 . TRP A 1 112 ? -9.400  -0.346  -13.042 1.00 23.66 ? 112 TRP A CZ2 1 
ATOM   856  C  CZ3 . TRP A 1 112 ? -7.679  -1.967  -12.490 1.00 23.36 ? 112 TRP A CZ3 1 
ATOM   857  C  CH2 . TRP A 1 112 ? -8.912  -1.344  -12.229 1.00 22.12 ? 112 TRP A CH2 1 
ATOM   858  N  N   . LEU A 1 113 ? -2.291  -1.171  -15.608 1.00 19.11 ? 113 LEU A N   1 
ATOM   859  C  CA  . LEU A 1 113 ? -1.098  -1.784  -16.191 1.00 21.21 ? 113 LEU A CA  1 
ATOM   860  C  C   . LEU A 1 113 ? -0.892  -3.228  -15.754 1.00 21.46 ? 113 LEU A C   1 
ATOM   861  O  O   . LEU A 1 113 ? -1.275  -3.612  -14.650 1.00 19.21 ? 113 LEU A O   1 
ATOM   862  C  CB  . LEU A 1 113 ? 0.151   -0.996  -15.784 1.00 21.60 ? 113 LEU A CB  1 
ATOM   863  C  CG  . LEU A 1 113 ? 0.230   0.489   -16.132 1.00 22.70 ? 113 LEU A CG  1 
ATOM   864  C  CD1 . LEU A 1 113 ? 1.389   1.131   -15.382 1.00 23.45 ? 113 LEU A CD1 1 
ATOM   865  C  CD2 . LEU A 1 113 ? 0.401   0.643   -17.635 1.00 26.40 ? 113 LEU A CD2 1 
ATOM   866  N  N   . PRO A 1 114 ? -0.289  -4.054  -16.628 1.00 22.11 ? 114 PRO A N   1 
ATOM   867  C  CA  . PRO A 1 114 ? -0.061  -5.439  -16.224 1.00 23.17 ? 114 PRO A CA  1 
ATOM   868  C  C   . PRO A 1 114 ? 0.992   -5.355  -15.128 1.00 23.92 ? 114 PRO A C   1 
ATOM   869  O  O   . PRO A 1 114 ? 1.819   -4.436  -15.132 1.00 21.85 ? 114 PRO A O   1 
ATOM   870  C  CB  . PRO A 1 114 ? 0.457   -6.098  -17.504 1.00 24.02 ? 114 PRO A CB  1 
ATOM   871  C  CG  . PRO A 1 114 ? 1.143   -4.975  -18.214 1.00 24.26 ? 114 PRO A CG  1 
ATOM   872  C  CD  . PRO A 1 114 ? 0.183   -3.818  -18.006 1.00 22.91 ? 114 PRO A CD  1 
ATOM   873  N  N   . ILE A 1 115 ? 0.960   -6.283  -14.181 1.00 23.14 ? 115 ILE A N   1 
ATOM   874  C  CA  . ILE A 1 115 ? 1.922   -6.250  -13.091 1.00 26.54 ? 115 ILE A CA  1 
ATOM   875  C  C   . ILE A 1 115 ? 3.354   -6.290  -13.604 1.00 26.82 ? 115 ILE A C   1 
ATOM   876  O  O   . ILE A 1 115 ? 4.241   -5.646  -13.041 1.00 26.79 ? 115 ILE A O   1 
ATOM   877  C  CB  . ILE A 1 115 ? 1.698   -7.419  -12.098 1.00 26.92 ? 115 ILE A CB  1 
ATOM   878  C  CG1 . ILE A 1 115 ? 0.341   -7.256  -11.407 1.00 28.71 ? 115 ILE A CG1 1 
ATOM   879  C  CG2 . ILE A 1 115 ? 2.814   -7.439  -11.057 1.00 29.19 ? 115 ILE A CG2 1 
ATOM   880  C  CD1 . ILE A 1 115 ? 0.014   -8.330  -10.385 1.00 28.45 ? 115 ILE A CD1 1 
ATOM   881  N  N   . THR A 1 116 ? 3.571   -7.030  -14.686 1.00 27.40 ? 116 THR A N   1 
ATOM   882  C  CA  . THR A 1 116 ? 4.900   -7.162  -15.264 1.00 28.94 ? 116 THR A CA  1 
ATOM   883  C  C   . THR A 1 116 ? 5.484   -5.833  -15.728 1.00 27.55 ? 116 THR A C   1 
ATOM   884  O  O   . THR A 1 116 ? 6.690   -5.718  -15.921 1.00 28.10 ? 116 THR A O   1 
ATOM   885  C  CB  . THR A 1 116 ? 4.889   -8.134  -16.459 1.00 30.14 ? 116 THR A CB  1 
ATOM   886  O  OG1 . THR A 1 116 ? 3.926   -7.694  -17.424 1.00 32.35 ? 116 THR A OG1 1 
ATOM   887  C  CG2 . THR A 1 116 ? 4.536   -9.540  -15.997 1.00 31.93 ? 116 THR A CG2 1 
ATOM   888  N  N   . ALA A 1 117 ? 4.631   -4.829  -15.899 1.00 27.27 ? 117 ALA A N   1 
ATOM   889  C  CA  . ALA A 1 117 ? 5.081   -3.513  -16.349 1.00 26.45 ? 117 ALA A CA  1 
ATOM   890  C  C   . ALA A 1 117 ? 5.738   -2.713  -15.232 1.00 24.30 ? 117 ALA A C   1 
ATOM   891  O  O   . ALA A 1 117 ? 6.433   -1.732  -15.489 1.00 22.40 ? 117 ALA A O   1 
ATOM   892  C  CB  . ALA A 1 117 ? 3.899   -2.729  -16.924 1.00 27.56 ? 117 ALA A CB  1 
ATOM   893  N  N   . LEU A 1 118 ? 5.529   -3.141  -13.993 1.00 21.91 ? 118 LEU A N   1 
ATOM   894  C  CA  . LEU A 1 118 ? 6.079   -2.440  -12.837 1.00 20.73 ? 118 LEU A CA  1 
ATOM   895  C  C   . LEU A 1 118 ? 7.478   -2.924  -12.470 1.00 21.09 ? 118 LEU A C   1 
ATOM   896  O  O   . LEU A 1 118 ? 7.688   -4.109  -12.228 1.00 21.44 ? 118 LEU A O   1 
ATOM   897  C  CB  . LEU A 1 118 ? 5.141   -2.619  -11.636 1.00 21.07 ? 118 LEU A CB  1 
ATOM   898  C  CG  . LEU A 1 118 ? 3.679   -2.249  -11.893 1.00 19.30 ? 118 LEU A CG  1 
ATOM   899  C  CD1 . LEU A 1 118 ? 2.829   -2.561  -10.663 1.00 20.86 ? 118 LEU A CD1 1 
ATOM   900  C  CD2 . LEU A 1 118 ? 3.590   -0.776  -12.241 1.00 19.62 ? 118 LEU A CD2 1 
ATOM   901  N  N   . THR A 1 119 ? 8.429   -1.996  -12.428 1.00 21.40 ? 119 THR A N   1 
ATOM   902  C  CA  . THR A 1 119 ? 9.812   -2.316  -12.083 1.00 22.16 ? 119 THR A CA  1 
ATOM   903  C  C   . THR A 1 119 ? 10.264  -1.418  -10.936 1.00 22.57 ? 119 THR A C   1 
ATOM   904  O  O   . THR A 1 119 ? 9.642   -0.395  -10.655 1.00 20.99 ? 119 THR A O   1 
ATOM   905  C  CB  . THR A 1 119 ? 10.758  -2.075  -13.272 1.00 23.93 ? 119 THR A CB  1 
ATOM   906  O  OG1 . THR A 1 119 ? 10.833  -0.669  -13.539 1.00 21.92 ? 119 THR A OG1 1 
ATOM   907  C  CG2 . THR A 1 119 ? 10.251  -2.793  -14.512 1.00 25.00 ? 119 THR A CG2 1 
ATOM   908  N  N   . ARG A 1 120 ? 11.352  -1.794  -10.274 1.00 22.79 ? 120 ARG A N   1 
ATOM   909  C  CA  . ARG A 1 120 ? 11.864  -0.993  -9.171  1.00 23.75 ? 120 ARG A CA  1 
ATOM   910  C  C   . ARG A 1 120 ? 12.295  0.370   -9.714  1.00 24.79 ? 120 ARG A C   1 
ATOM   911  O  O   . ARG A 1 120 ? 12.179  1.396   -9.032  1.00 23.37 ? 120 ARG A O   1 
ATOM   912  C  CB  . ARG A 1 120 ? 13.056  -1.693  -8.513  1.00 25.08 ? 120 ARG A CB  1 
ATOM   913  C  CG  . ARG A 1 120 ? 13.532  -1.029  -7.225  1.00 25.87 ? 120 ARG A CG  1 
ATOM   914  C  CD  . ARG A 1 120 ? 14.703  -1.775  -6.606  1.00 27.12 ? 120 ARG A CD  1 
ATOM   915  N  NE  . ARG A 1 120 ? 14.371  -3.149  -6.232  1.00 26.54 ? 120 ARG A NE  1 
ATOM   916  C  CZ  . ARG A 1 120 ? 13.611  -3.495  -5.195  1.00 25.51 ? 120 ARG A CZ  1 
ATOM   917  N  NH1 . ARG A 1 120 ? 13.085  -2.567  -4.404  1.00 24.22 ? 120 ARG A NH1 1 
ATOM   918  N  NH2 . ARG A 1 120 ? 13.379  -4.777  -4.950  1.00 26.42 ? 120 ARG A NH2 1 
ATOM   919  N  N   . GLU A 1 121 ? 12.770  0.370   -10.957 1.00 23.31 ? 121 GLU A N   1 
ATOM   920  C  CA  . GLU A 1 121 ? 13.241  1.589   -11.615 1.00 25.30 ? 121 GLU A CA  1 
ATOM   921  C  C   . GLU A 1 121 ? 12.157  2.611   -11.957 1.00 23.56 ? 121 GLU A C   1 
ATOM   922  O  O   . GLU A 1 121 ? 12.405  3.817   -11.882 1.00 22.84 ? 121 GLU A O   1 
ATOM   923  C  CB  . GLU A 1 121 ? 14.002  1.232   -12.895 1.00 28.27 ? 121 GLU A CB  1 
ATOM   924  C  CG  . GLU A 1 121 ? 15.303  0.468   -12.679 1.00 33.87 ? 121 GLU A CG  1 
ATOM   925  C  CD  . GLU A 1 121 ? 15.116  -0.871  -11.980 1.00 36.85 ? 121 GLU A CD  1 
ATOM   926  O  OE1 . GLU A 1 121 ? 14.229  -1.652  -12.394 1.00 34.89 ? 121 GLU A OE1 1 
ATOM   927  O  OE2 . GLU A 1 121 ? 15.872  -1.145  -11.021 1.00 38.43 ? 121 GLU A OE2 1 
ATOM   928  N  N   . ASN A 1 122 ? 10.971  2.144   -12.339 1.00 21.99 ? 122 ASN A N   1 
ATOM   929  C  CA  . ASN A 1 122 ? 9.884   3.057   -12.700 1.00 22.33 ? 122 ASN A CA  1 
ATOM   930  C  C   . ASN A 1 122 ? 8.785   3.198   -11.645 1.00 22.63 ? 122 ASN A C   1 
ATOM   931  O  O   . ASN A 1 122 ? 7.730   3.787   -11.912 1.00 18.86 ? 122 ASN A O   1 
ATOM   932  C  CB  . ASN A 1 122 ? 9.242   2.644   -14.038 1.00 21.33 ? 122 ASN A CB  1 
ATOM   933  C  CG  . ASN A 1 122 ? 8.516   1.299   -13.972 1.00 21.83 ? 122 ASN A CG  1 
ATOM   934  O  OD1 . ASN A 1 122 ? 8.062   0.862   -12.912 1.00 20.40 ? 122 ASN A OD1 1 
ATOM   935  N  ND2 . ASN A 1 122 ? 8.380   0.652   -15.123 1.00 18.77 ? 122 ASN A ND2 1 
ATOM   936  N  N   . SER A 1 123 ? 9.038   2.679   -10.447 1.00 22.27 ? 123 SER A N   1 
ATOM   937  C  CA  . SER A 1 123 ? 8.051   2.734   -9.371  1.00 22.30 ? 123 SER A CA  1 
ATOM   938  C  C   . SER A 1 123 ? 8.556   3.414   -8.107  1.00 23.52 ? 123 SER A C   1 
ATOM   939  O  O   . SER A 1 123 ? 9.758   3.613   -7.922  1.00 21.58 ? 123 SER A O   1 
ATOM   940  C  CB  . SER A 1 123 ? 7.587   1.315   -9.024  1.00 22.35 ? 123 SER A CB  1 
ATOM   941  O  OG  . SER A 1 123 ? 7.031   0.668   -10.152 1.00 18.99 ? 123 SER A OG  1 
ATOM   942  N  N   . ALA A 1 124 ? 7.620   3.770   -7.230  1.00 23.14 ? 124 ALA A N   1 
ATOM   943  C  CA  . ALA A 1 124 ? 7.968   4.410   -5.971  1.00 23.25 ? 124 ALA A CA  1 
ATOM   944  C  C   . ALA A 1 124 ? 8.787   3.444   -5.127  1.00 22.48 ? 124 ALA A C   1 
ATOM   945  O  O   . ALA A 1 124 ? 8.816   2.241   -5.392  1.00 20.25 ? 124 ALA A O   1 
ATOM   946  C  CB  . ALA A 1 124 ? 6.710   4.827   -5.224  1.00 24.50 ? 124 ALA A CB  1 
ATOM   947  N  N   . ALA A 1 125 ? 9.455   3.982   -4.114  1.00 22.01 ? 125 ALA A N   1 
ATOM   948  C  CA  . ALA A 1 125 ? 10.291  3.188   -3.223  1.00 21.91 ? 125 ALA A CA  1 
ATOM   949  C  C   . ALA A 1 125 ? 9.574   1.974   -2.636  1.00 22.29 ? 125 ALA A C   1 
ATOM   950  O  O   . ALA A 1 125 ? 8.444   2.080   -2.150  1.00 22.12 ? 125 ALA A O   1 
ATOM   951  C  CB  . ALA A 1 125 ? 10.809  4.063   -2.099  1.00 23.16 ? 125 ALA A CB  1 
ATOM   952  N  N   . SER A 1 126 ? 10.246  0.827   -2.691  1.00 21.41 ? 126 SER A N   1 
ATOM   953  C  CA  . SER A 1 126 ? 9.738   -0.435  -2.147  1.00 23.85 ? 126 SER A CA  1 
ATOM   954  C  C   . SER A 1 126 ? 8.515   -1.042  -2.832  1.00 22.86 ? 126 SER A C   1 
ATOM   955  O  O   . SER A 1 126 ? 7.895   -1.959  -2.294  1.00 21.90 ? 126 SER A O   1 
ATOM   956  C  CB  . SER A 1 126 ? 9.438   -0.276  -0.651  1.00 24.17 ? 126 SER A CB  1 
ATOM   957  O  OG  . SER A 1 126 ? 10.608  0.040   0.077   1.00 26.41 ? 126 SER A OG  1 
ATOM   958  N  N   . LEU A 1 127 ? 8.159   -0.558  -4.015  1.00 20.87 ? 127 LEU A N   1 
ATOM   959  C  CA  . LEU A 1 127 ? 6.994   -1.130  -4.676  1.00 21.36 ? 127 LEU A CA  1 
ATOM   960  C  C   . LEU A 1 127 ? 7.180   -2.619  -4.973  1.00 21.56 ? 127 LEU A C   1 
ATOM   961  O  O   . LEU A 1 127 ? 6.225   -3.390  -4.895  1.00 21.61 ? 127 LEU A O   1 
ATOM   962  C  CB  . LEU A 1 127 ? 6.659   -0.380  -5.960  1.00 20.21 ? 127 LEU A CB  1 
ATOM   963  C  CG  . LEU A 1 127 ? 5.357   -0.916  -6.567  1.00 18.87 ? 127 LEU A CG  1 
ATOM   964  C  CD1 . LEU A 1 127 ? 4.405   0.221   -6.871  1.00 19.10 ? 127 LEU A CD1 1 
ATOM   965  C  CD2 . LEU A 1 127 ? 5.688   -1.731  -7.812  1.00 17.43 ? 127 LEU A CD2 1 
ATOM   966  N  N   . PRO A 1 128 ? 8.409   -3.044  -5.325  1.00 21.24 ? 128 PRO A N   1 
ATOM   967  C  CA  . PRO A 1 128 ? 8.606   -4.468  -5.604  1.00 21.72 ? 128 PRO A CA  1 
ATOM   968  C  C   . PRO A 1 128 ? 8.256   -5.297  -4.370  1.00 21.99 ? 128 PRO A C   1 
ATOM   969  O  O   . PRO A 1 128 ? 7.666   -6.370  -4.480  1.00 22.32 ? 128 PRO A O   1 
ATOM   970  C  CB  . PRO A 1 128 ? 10.088  -4.548  -5.955  1.00 22.31 ? 128 PRO A CB  1 
ATOM   971  C  CG  . PRO A 1 128 ? 10.340  -3.213  -6.601  1.00 23.19 ? 128 PRO A CG  1 
ATOM   972  C  CD  . PRO A 1 128 ? 9.620   -2.276  -5.660  1.00 22.07 ? 128 PRO A CD  1 
ATOM   973  N  N   . GLU A 1 129 ? 8.621   -4.783  -3.198  1.00 20.21 ? 129 GLU A N   1 
ATOM   974  C  CA  . GLU A 1 129 ? 8.330   -5.466  -1.944  1.00 21.62 ? 129 GLU A CA  1 
ATOM   975  C  C   . GLU A 1 129 ? 6.822   -5.506  -1.690  1.00 21.51 ? 129 GLU A C   1 
ATOM   976  O  O   . GLU A 1 129 ? 6.291   -6.508  -1.211  1.00 18.95 ? 129 GLU A O   1 
ATOM   977  C  CB  . GLU A 1 129 ? 9.050   -4.770  -0.783  1.00 21.98 ? 129 GLU A CB  1 
ATOM   978  C  CG  . GLU A 1 129 ? 10.553  -5.059  -0.723  1.00 23.60 ? 129 GLU A CG  1 
ATOM   979  C  CD  . GLU A 1 129 ? 11.300  -4.583  -1.953  1.00 23.37 ? 129 GLU A CD  1 
ATOM   980  O  OE1 . GLU A 1 129 ? 11.365  -3.358  -2.172  1.00 21.43 ? 129 GLU A OE1 1 
ATOM   981  O  OE2 . GLU A 1 129 ? 11.819  -5.439  -2.700  1.00 23.96 ? 129 GLU A OE2 1 
ATOM   982  N  N   . PHE A 1 130 ? 6.131   -4.418  -2.016  1.00 19.34 ? 130 PHE A N   1 
ATOM   983  C  CA  . PHE A 1 130 ? 4.684   -4.370  -1.834  1.00 20.05 ? 130 PHE A CA  1 
ATOM   984  C  C   . PHE A 1 130 ? 4.026   -5.427  -2.718  1.00 20.16 ? 130 PHE A C   1 
ATOM   985  O  O   . PHE A 1 130 ? 3.046   -6.070  -2.324  1.00 17.71 ? 130 PHE A O   1 
ATOM   986  C  CB  . PHE A 1 130 ? 4.139   -2.991  -2.208  1.00 18.53 ? 130 PHE A CB  1 
ATOM   987  C  CG  . PHE A 1 130 ? 4.734   -1.867  -1.419  1.00 19.50 ? 130 PHE A CG  1 
ATOM   988  C  CD1 . PHE A 1 130 ? 4.971   -1.999  -0.052  1.00 19.31 ? 130 PHE A CD1 1 
ATOM   989  C  CD2 . PHE A 1 130 ? 5.014   -0.652  -2.032  1.00 20.15 ? 130 PHE A CD2 1 
ATOM   990  C  CE1 . PHE A 1 130 ? 5.477   -0.939  0.683   1.00 18.61 ? 130 PHE A CE1 1 
ATOM   991  C  CE2 . PHE A 1 130 ? 5.520   0.414   -1.299  1.00 20.10 ? 130 PHE A CE2 1 
ATOM   992  C  CZ  . PHE A 1 130 ? 5.751   0.270   0.058   1.00 20.46 ? 130 PHE A CZ  1 
ATOM   993  N  N   . LEU A 1 131 ? 4.565   -5.582  -3.925  1.00 19.43 ? 131 LEU A N   1 
ATOM   994  C  CA  . LEU A 1 131 ? 4.069   -6.569  -4.869  1.00 22.00 ? 131 LEU A CA  1 
ATOM   995  C  C   . LEU A 1 131 ? 4.200   -7.973  -4.293  1.00 22.11 ? 131 LEU A C   1 
ATOM   996  O  O   . LEU A 1 131 ? 3.327   -8.814  -4.495  1.00 21.96 ? 131 LEU A O   1 
ATOM   997  C  CB  . LEU A 1 131 ? 4.839   -6.486  -6.190  1.00 23.49 ? 131 LEU A CB  1 
ATOM   998  C  CG  . LEU A 1 131 ? 4.400   -5.397  -7.169  1.00 25.02 ? 131 LEU A CG  1 
ATOM   999  C  CD1 . LEU A 1 131 ? 5.218   -5.516  -8.457  1.00 25.85 ? 131 LEU A CD1 1 
ATOM   1000 C  CD2 . LEU A 1 131 ? 2.911   -5.562  -7.471  1.00 21.96 ? 131 LEU A CD2 1 
ATOM   1001 N  N   . GLN A 1 132 ? 5.300   -8.228  -3.589  1.00 22.73 ? 132 GLN A N   1 
ATOM   1002 C  CA  . GLN A 1 132 ? 5.510   -9.539  -2.977  1.00 24.45 ? 132 GLN A CA  1 
ATOM   1003 C  C   . GLN A 1 132 ? 4.361   -9.830  -2.024  1.00 23.52 ? 132 GLN A C   1 
ATOM   1004 O  O   . GLN A 1 132 ? 3.892   -10.964 -1.927  1.00 24.39 ? 132 GLN A O   1 
ATOM   1005 C  CB  . GLN A 1 132 ? 6.829   -9.575  -2.199  1.00 26.33 ? 132 GLN A CB  1 
ATOM   1006 C  CG  . GLN A 1 132 ? 8.082   -9.606  -3.063  1.00 32.45 ? 132 GLN A CG  1 
ATOM   1007 C  CD  . GLN A 1 132 ? 9.347   -9.477  -2.232  1.00 35.46 ? 132 GLN A CD  1 
ATOM   1008 O  OE1 . GLN A 1 132 ? 9.501   -10.149 -1.209  1.00 37.89 ? 132 GLN A OE1 1 
ATOM   1009 N  NE2 . GLN A 1 132 ? 10.261  -8.614  -2.669  1.00 38.31 ? 132 GLN A NE2 1 
ATOM   1010 N  N   . VAL A 1 133 ? 3.911   -8.796  -1.320  1.00 22.04 ? 133 VAL A N   1 
ATOM   1011 C  CA  . VAL A 1 133 ? 2.814   -8.947  -0.371  1.00 22.04 ? 133 VAL A CA  1 
ATOM   1012 C  C   . VAL A 1 133 ? 1.469   -9.082  -1.075  1.00 22.06 ? 133 VAL A C   1 
ATOM   1013 O  O   . VAL A 1 133 ? 0.661   -9.947  -0.724  1.00 20.99 ? 133 VAL A O   1 
ATOM   1014 C  CB  . VAL A 1 133 ? 2.743   -7.749  0.598   1.00 22.07 ? 133 VAL A CB  1 
ATOM   1015 C  CG1 . VAL A 1 133 ? 1.551   -7.907  1.552   1.00 20.23 ? 133 VAL A CG1 1 
ATOM   1016 C  CG2 . VAL A 1 133 ? 4.034   -7.658  1.392   1.00 22.66 ? 133 VAL A CG2 1 
ATOM   1017 N  N   . PHE A 1 134 ? 1.234   -8.229  -2.069  1.00 21.49 ? 134 PHE A N   1 
ATOM   1018 C  CA  . PHE A 1 134 ? -0.021  -8.255  -2.817  1.00 22.86 ? 134 PHE A CA  1 
ATOM   1019 C  C   . PHE A 1 134 ? -0.220  -9.565  -3.560  1.00 23.95 ? 134 PHE A C   1 
ATOM   1020 O  O   . PHE A 1 134 ? -1.331  -10.078 -3.624  1.00 24.25 ? 134 PHE A O   1 
ATOM   1021 C  CB  . PHE A 1 134 ? -0.080  -7.112  -3.842  1.00 20.46 ? 134 PHE A CB  1 
ATOM   1022 C  CG  . PHE A 1 134 ? -0.295  -5.748  -3.240  1.00 17.70 ? 134 PHE A CG  1 
ATOM   1023 C  CD1 . PHE A 1 134 ? -1.347  -5.513  -2.356  1.00 18.53 ? 134 PHE A CD1 1 
ATOM   1024 C  CD2 . PHE A 1 134 ? 0.538   -4.694  -3.578  1.00 17.34 ? 134 PHE A CD2 1 
ATOM   1025 C  CE1 . PHE A 1 134 ? -1.563  -4.244  -1.818  1.00 16.46 ? 134 PHE A CE1 1 
ATOM   1026 C  CE2 . PHE A 1 134 ? 0.333   -3.424  -3.048  1.00 15.78 ? 134 PHE A CE2 1 
ATOM   1027 C  CZ  . PHE A 1 134 ? -0.718  -3.198  -2.167  1.00 17.52 ? 134 PHE A CZ  1 
ATOM   1028 N  N   . THR A 1 135 ? 0.855   -10.096 -4.133  1.00 27.25 ? 135 THR A N   1 
ATOM   1029 C  CA  . THR A 1 135 ? 0.758   -11.335 -4.892  1.00 31.85 ? 135 THR A CA  1 
ATOM   1030 C  C   . THR A 1 135 ? 0.772   -12.576 -4.007  1.00 33.72 ? 135 THR A C   1 
ATOM   1031 O  O   . THR A 1 135 ? 0.512   -13.682 -4.480  1.00 34.67 ? 135 THR A O   1 
ATOM   1032 C  CB  . THR A 1 135 ? 1.887   -11.445 -5.938  1.00 31.87 ? 135 THR A CB  1 
ATOM   1033 O  OG1 . THR A 1 135 ? 3.157   -11.292 -5.295  1.00 34.12 ? 135 THR A OG1 1 
ATOM   1034 C  CG2 . THR A 1 135 ? 1.721   -10.375 -7.010  1.00 33.95 ? 135 THR A CG2 1 
ATOM   1035 N  N   . GLY A 1 136 ? 1.089   -12.391 -2.728  1.00 33.07 ? 136 GLY A N   1 
ATOM   1036 C  CA  . GLY A 1 136 ? 1.091   -13.511 -1.806  1.00 34.39 ? 136 GLY A CA  1 
ATOM   1037 C  C   . GLY A 1 136 ? 2.380   -14.284 -1.596  1.00 34.03 ? 136 GLY A C   1 
ATOM   1038 O  O   . GLY A 1 136 ? 2.358   -15.341 -0.967  1.00 35.53 ? 136 GLY A O   1 
ATOM   1039 N  N   . THR A 1 137 ? 3.500   -13.784 -2.109  1.00 33.04 ? 137 THR A N   1 
ATOM   1040 C  CA  . THR A 1 137 ? 4.771   -14.479 -1.923  1.00 33.58 ? 137 THR A CA  1 
ATOM   1041 C  C   . THR A 1 137 ? 5.279   -14.239 -0.502  1.00 32.02 ? 137 THR A C   1 
ATOM   1042 O  O   . THR A 1 137 ? 6.046   -15.033 0.039   1.00 33.63 ? 137 THR A O   1 
ATOM   1043 C  CB  . THR A 1 137 ? 5.840   -13.996 -2.928  1.00 34.65 ? 137 THR A CB  1 
ATOM   1044 O  OG1 . THR A 1 137 ? 6.123   -12.611 -2.698  1.00 37.25 ? 137 THR A OG1 1 
ATOM   1045 C  CG2 . THR A 1 137 ? 5.351   -14.176 -4.354  1.00 35.06 ? 137 THR A CG2 1 
ATOM   1046 N  N   . ALA A 1 138 ? 4.846   -13.133 0.093   1.00 28.96 ? 138 ALA A N   1 
ATOM   1047 C  CA  . ALA A 1 138 ? 5.225   -12.773 1.459   1.00 25.97 ? 138 ALA A CA  1 
ATOM   1048 C  C   . ALA A 1 138 ? 3.998   -12.130 2.094   1.00 24.19 ? 138 ALA A C   1 
ATOM   1049 O  O   . ALA A 1 138 ? 3.040   -11.814 1.386   1.00 22.28 ? 138 ALA A O   1 
ATOM   1050 C  CB  . ALA A 1 138 ? 6.386   -11.785 1.444   1.00 26.68 ? 138 ALA A CB  1 
ATOM   1051 N  N   . SER A 1 139 ? 4.009   -11.943 3.413   1.00 21.71 ? 139 SER A N   1 
ATOM   1052 C  CA  . SER A 1 139 ? 2.868   -11.316 4.071   1.00 19.98 ? 139 SER A CA  1 
ATOM   1053 C  C   . SER A 1 139 ? 3.236   -10.441 5.263   1.00 19.01 ? 139 SER A C   1 
ATOM   1054 O  O   . SER A 1 139 ? 2.386   -9.725  5.795   1.00 14.74 ? 139 SER A O   1 
ATOM   1055 C  CB  . SER A 1 139 ? 1.835   -12.371 4.504   1.00 22.05 ? 139 SER A CB  1 
ATOM   1056 O  OG  . SER A 1 139 ? 2.270   -13.134 5.616   1.00 20.24 ? 139 SER A OG  1 
ATOM   1057 N  N   . THR A 1 140 ? 4.495   -10.495 5.689   1.00 18.11 ? 140 THR A N   1 
ATOM   1058 C  CA  . THR A 1 140 ? 4.930   -9.686  6.824   1.00 18.45 ? 140 THR A CA  1 
ATOM   1059 C  C   . THR A 1 140 ? 6.340   -9.129  6.620   1.00 20.48 ? 140 THR A C   1 
ATOM   1060 O  O   . THR A 1 140 ? 7.325   -9.816  6.881   1.00 18.86 ? 140 THR A O   1 
ATOM   1061 C  CB  . THR A 1 140 ? 4.897   -10.512 8.132   1.00 19.56 ? 140 THR A CB  1 
ATOM   1062 O  OG1 . THR A 1 140 ? 5.755   -11.653 8.005   1.00 15.31 ? 140 THR A OG1 1 
ATOM   1063 C  CG2 . THR A 1 140 ? 3.468   -10.986 8.428   1.00 18.11 ? 140 THR A CG2 1 
ATOM   1064 N  N   . LEU A 1 141 ? 6.428   -7.882  6.158   1.00 19.50 ? 141 LEU A N   1 
ATOM   1065 C  CA  . LEU A 1 141 ? 7.720   -7.240  5.911   1.00 20.45 ? 141 LEU A CA  1 
ATOM   1066 C  C   . LEU A 1 141 ? 7.982   -6.108  6.898   1.00 19.43 ? 141 LEU A C   1 
ATOM   1067 O  O   . LEU A 1 141 ? 7.049   -5.445  7.353   1.00 18.13 ? 141 LEU A O   1 
ATOM   1068 C  CB  . LEU A 1 141 ? 7.774   -6.686  4.485   1.00 18.60 ? 141 LEU A CB  1 
ATOM   1069 C  CG  . LEU A 1 141 ? 7.462   -7.673  3.357   1.00 21.00 ? 141 LEU A CG  1 
ATOM   1070 C  CD1 . LEU A 1 141 ? 7.712   -6.992  2.032   1.00 19.80 ? 141 LEU A CD1 1 
ATOM   1071 C  CD2 . LEU A 1 141 ? 8.332   -8.921  3.492   1.00 21.30 ? 141 LEU A CD2 1 
ATOM   1072 N  N   . VAL A 1 142 ? 9.256   -5.892  7.220   1.00 18.28 ? 142 VAL A N   1 
ATOM   1073 C  CA  . VAL A 1 142 ? 9.649   -4.842  8.157   1.00 20.18 ? 142 VAL A CA  1 
ATOM   1074 C  C   . VAL A 1 142 ? 10.938  -4.131  7.725   1.00 20.87 ? 142 VAL A C   1 
ATOM   1075 O  O   . VAL A 1 142 ? 11.838  -4.739  7.145   1.00 17.93 ? 142 VAL A O   1 
ATOM   1076 C  CB  . VAL A 1 142 ? 9.873   -5.415  9.583   1.00 21.82 ? 142 VAL A CB  1 
ATOM   1077 C  CG1 . VAL A 1 142 ? 10.176  -4.282  10.562  1.00 21.15 ? 142 VAL A CG1 1 
ATOM   1078 C  CG2 . VAL A 1 142 ? 8.644   -6.196  10.038  1.00 25.31 ? 142 VAL A CG2 1 
ATOM   1079 N  N   . SER A 1 143 ? 11.012  -2.838  8.016   1.00 22.88 ? 143 SER A N   1 
ATOM   1080 C  CA  . SER A 1 143 ? 12.184  -2.036  7.687   1.00 26.49 ? 143 SER A CA  1 
ATOM   1081 C  C   . SER A 1 143 ? 12.677  -1.369  8.966   1.00 28.56 ? 143 SER A C   1 
ATOM   1082 O  O   . SER A 1 143 ? 11.883  -0.837  9.744   1.00 28.27 ? 143 SER A O   1 
ATOM   1083 C  CB  . SER A 1 143 ? 11.828  -0.968  6.656   1.00 27.36 ? 143 SER A CB  1 
ATOM   1084 O  OG  . SER A 1 143 ? 12.882  -0.031  6.513   1.00 26.84 ? 143 SER A OG  1 
ATOM   1085 N  N   . ASP A 1 144 ? 13.985  -1.395  9.190   1.00 28.83 ? 144 ASP A N   1 
ATOM   1086 C  CA  . ASP A 1 144 ? 14.529  -0.785  10.393  1.00 31.82 ? 144 ASP A CA  1 
ATOM   1087 C  C   . ASP A 1 144 ? 14.822  0.710   10.271  1.00 32.84 ? 144 ASP A C   1 
ATOM   1088 O  O   . ASP A 1 144 ? 15.533  1.284   11.095  1.00 33.62 ? 144 ASP A O   1 
ATOM   1089 C  CB  . ASP A 1 144 ? 15.763  -1.559  10.852  1.00 32.71 ? 144 ASP A CB  1 
ATOM   1090 C  CG  . ASP A 1 144 ? 15.410  -2.959  11.325  1.00 34.43 ? 144 ASP A CG  1 
ATOM   1091 O  OD1 . ASP A 1 144 ? 14.420  -3.089  12.076  1.00 35.31 ? 144 ASP A OD1 1 
ATOM   1092 O  OD2 . ASP A 1 144 ? 16.109  -3.923  10.955  1.00 35.93 ? 144 ASP A OD2 1 
ATOM   1093 N  N   . SER A 1 145 ? 14.256  1.329   9.240   1.00 34.45 ? 145 SER A N   1 
ATOM   1094 C  CA  . SER A 1 145 ? 14.391  2.765   8.998   1.00 37.54 ? 145 SER A CA  1 
ATOM   1095 C  C   . SER A 1 145 ? 13.104  3.222   8.318   1.00 39.14 ? 145 SER A C   1 
ATOM   1096 O  O   . SER A 1 145 ? 12.500  2.469   7.554   1.00 38.36 ? 145 SER A O   1 
ATOM   1097 C  CB  . SER A 1 145 ? 15.612  3.071   8.120   1.00 37.15 ? 145 SER A CB  1 
ATOM   1098 O  OG  . SER A 1 145 ? 15.629  2.288   6.943   1.00 39.35 ? 145 SER A OG  1 
ATOM   1099 N  N   . TRP A 1 146 ? 12.683  4.450   8.601   1.00 41.98 ? 146 TRP A N   1 
ATOM   1100 C  CA  . TRP A 1 146 ? 11.439  4.983   8.052   1.00 45.76 ? 146 TRP A CA  1 
ATOM   1101 C  C   . TRP A 1 146 ? 11.304  4.931   6.528   1.00 46.69 ? 146 TRP A C   1 
ATOM   1102 O  O   . TRP A 1 146 ? 10.228  5.185   5.992   1.00 48.25 ? 146 TRP A O   1 
ATOM   1103 C  CB  . TRP A 1 146 ? 11.236  6.419   8.548   1.00 47.65 ? 146 TRP A CB  1 
ATOM   1104 C  CG  . TRP A 1 146 ? 9.798   6.833   8.613   1.00 49.71 ? 146 TRP A CG  1 
ATOM   1105 C  CD1 . TRP A 1 146 ? 9.106   7.552   7.682   1.00 50.07 ? 146 TRP A CD1 1 
ATOM   1106 C  CD2 . TRP A 1 146 ? 8.869   6.536   9.663   1.00 50.93 ? 146 TRP A CD2 1 
ATOM   1107 N  NE1 . TRP A 1 146 ? 7.803   7.726   8.089   1.00 50.72 ? 146 TRP A NE1 1 
ATOM   1108 C  CE2 . TRP A 1 146 ? 7.631   7.112   9.302   1.00 51.38 ? 146 TRP A CE2 1 
ATOM   1109 C  CE3 . TRP A 1 146 ? 8.963   5.839   10.877  1.00 51.02 ? 146 TRP A CE3 1 
ATOM   1110 C  CZ2 . TRP A 1 146 ? 6.492   7.013   10.110  1.00 51.61 ? 146 TRP A CZ2 1 
ATOM   1111 C  CZ3 . TRP A 1 146 ? 7.828   5.739   11.682  1.00 51.26 ? 146 TRP A CZ3 1 
ATOM   1112 C  CH2 . TRP A 1 146 ? 6.610   6.325   11.294  1.00 51.50 ? 146 TRP A CH2 1 
ATOM   1113 N  N   . ASN A 1 147 ? 12.385  4.595   5.832   1.00 47.37 ? 147 ASN A N   1 
ATOM   1114 C  CA  . ASN A 1 147 ? 12.350  4.513   4.375   1.00 47.54 ? 147 ASN A CA  1 
ATOM   1115 C  C   . ASN A 1 147 ? 13.306  3.440   3.869   1.00 45.84 ? 147 ASN A C   1 
ATOM   1116 O  O   . ASN A 1 147 ? 13.643  3.406   2.686   1.00 46.53 ? 147 ASN A O   1 
ATOM   1117 C  CB  . ASN A 1 147 ? 12.722  5.866   3.759   1.00 50.61 ? 147 ASN A CB  1 
ATOM   1118 C  CG  . ASN A 1 147 ? 14.088  6.358   4.208   1.00 53.68 ? 147 ASN A CG  1 
ATOM   1119 O  OD1 . ASN A 1 147 ? 15.092  5.653   4.078   1.00 55.31 ? 147 ASN A OD1 1 
ATOM   1120 N  ND2 . ASN A 1 147 ? 14.133  7.580   4.735   1.00 53.98 ? 147 ASN A ND2 1 
ATOM   1121 N  N   . GLY A 1 148 ? 13.732  2.562   4.771   1.00 42.62 ? 148 GLY A N   1 
ATOM   1122 C  CA  . GLY A 1 148 ? 14.662  1.509   4.407   1.00 38.22 ? 148 GLY A CA  1 
ATOM   1123 C  C   . GLY A 1 148 ? 14.082  0.351   3.619   1.00 35.68 ? 148 GLY A C   1 
ATOM   1124 O  O   . GLY A 1 148 ? 12.941  0.395   3.156   1.00 33.35 ? 148 GLY A O   1 
ATOM   1125 N  N   . ASN A 1 149 ? 14.891  -0.693  3.474   1.00 32.92 ? 149 ASN A N   1 
ATOM   1126 C  CA  . ASN A 1 149 ? 14.508  -1.888  2.736   1.00 32.10 ? 149 ASN A CA  1 
ATOM   1127 C  C   . ASN A 1 149 ? 13.583  -2.768  3.565   1.00 29.64 ? 149 ASN A C   1 
ATOM   1128 O  O   . ASN A 1 149 ? 13.829  -2.997  4.751   1.00 27.77 ? 149 ASN A O   1 
ATOM   1129 C  CB  . ASN A 1 149 ? 15.758  -2.684  2.360   1.00 34.90 ? 149 ASN A CB  1 
ATOM   1130 C  CG  . ASN A 1 149 ? 16.751  -1.866  1.559   1.00 38.69 ? 149 ASN A CG  1 
ATOM   1131 O  OD1 . ASN A 1 149 ? 16.494  -1.504  0.411   1.00 39.13 ? 149 ASN A OD1 1 
ATOM   1132 N  ND2 . ASN A 1 149 ? 17.892  -1.562  2.168   1.00 40.76 ? 149 ASN A ND2 1 
ATOM   1133 N  N   . LEU A 1 150 ? 12.518  -3.256  2.938   1.00 26.72 ? 150 LEU A N   1 
ATOM   1134 C  CA  . LEU A 1 150 ? 11.570  -4.122  3.623   1.00 25.03 ? 150 LEU A CA  1 
ATOM   1135 C  C   . LEU A 1 150 ? 12.031  -5.573  3.477   1.00 24.72 ? 150 LEU A C   1 
ATOM   1136 O  O   . LEU A 1 150 ? 12.220  -6.065  2.370   1.00 24.41 ? 150 LEU A O   1 
ATOM   1137 C  CB  . LEU A 1 150 ? 10.163  -3.948  3.034   1.00 22.79 ? 150 LEU A CB  1 
ATOM   1138 C  CG  . LEU A 1 150 ? 9.467   -2.596  3.252   1.00 21.91 ? 150 LEU A CG  1 
ATOM   1139 C  CD1 . LEU A 1 150 ? 8.216   -2.523  2.400   1.00 20.57 ? 150 LEU A CD1 1 
ATOM   1140 C  CD2 . LEU A 1 150 ? 9.128   -2.412  4.735   1.00 19.26 ? 150 LEU A CD2 1 
ATOM   1141 N  N   . ARG A 1 151 ? 12.217  -6.244  4.607   1.00 22.87 ? 151 ARG A N   1 
ATOM   1142 C  CA  . ARG A 1 151 ? 12.654  -7.637  4.619   1.00 24.70 ? 151 ARG A CA  1 
ATOM   1143 C  C   . ARG A 1 151 ? 11.605  -8.469  5.339   1.00 23.12 ? 151 ARG A C   1 
ATOM   1144 O  O   . ARG A 1 151 ? 10.816  -7.937  6.121   1.00 20.33 ? 151 ARG A O   1 
ATOM   1145 C  CB  . ARG A 1 151 ? 13.988  -7.758  5.355   1.00 27.43 ? 151 ARG A CB  1 
ATOM   1146 C  CG  . ARG A 1 151 ? 15.084  -6.853  4.810   1.00 33.82 ? 151 ARG A CG  1 
ATOM   1147 C  CD  . ARG A 1 151 ? 15.516  -7.279  3.420   1.00 39.54 ? 151 ARG A CD  1 
ATOM   1148 N  NE  . ARG A 1 151 ? 15.968  -8.670  3.394   1.00 45.37 ? 151 ARG A NE  1 
ATOM   1149 C  CZ  . ARG A 1 151 ? 16.544  -9.252  2.346   1.00 46.75 ? 151 ARG A CZ  1 
ATOM   1150 N  NH1 . ARG A 1 151 ? 16.747  -8.564  1.231   1.00 47.77 ? 151 ARG A NH1 1 
ATOM   1151 N  NH2 . ARG A 1 151 ? 16.915  -10.525 2.412   1.00 49.25 ? 151 ARG A NH2 1 
ATOM   1152 N  N   . ILE A 1 152 ? 11.598  -9.774  5.093   1.00 23.01 ? 152 ILE A N   1 
ATOM   1153 C  CA  . ILE A 1 152 ? 10.621  -10.638 5.741   1.00 24.34 ? 152 ILE A CA  1 
ATOM   1154 C  C   . ILE A 1 152 ? 10.843  -10.680 7.253   1.00 23.81 ? 152 ILE A C   1 
ATOM   1155 O  O   . ILE A 1 152 ? 11.980  -10.760 7.732   1.00 21.78 ? 152 ILE A O   1 
ATOM   1156 C  CB  . ILE A 1 152 ? 10.665  -12.074 5.166   1.00 27.56 ? 152 ILE A CB  1 
ATOM   1157 C  CG1 . ILE A 1 152 ? 9.456   -12.872 5.664   1.00 29.86 ? 152 ILE A CG1 1 
ATOM   1158 C  CG2 . ILE A 1 152 ? 11.962  -12.765 5.569   1.00 29.98 ? 152 ILE A CG2 1 
ATOM   1159 C  CD1 . ILE A 1 152 ? 9.302   -14.232 4.995   1.00 33.15 ? 152 ILE A CD1 1 
ATOM   1160 N  N   . ASP A 1 153 ? 9.745   -10.597 8.001   1.00 20.58 ? 153 ASP A N   1 
ATOM   1161 C  CA  . ASP A 1 153 ? 9.802   -10.633 9.457   1.00 21.51 ? 153 ASP A CA  1 
ATOM   1162 C  C   . ASP A 1 153 ? 9.703   -12.089 9.907   1.00 22.44 ? 153 ASP A C   1 
ATOM   1163 O  O   . ASP A 1 153 ? 8.643   -12.709 9.794   1.00 20.59 ? 153 ASP A O   1 
ATOM   1164 C  CB  . ASP A 1 153 ? 8.637   -9.817  10.039  1.00 21.57 ? 153 ASP A CB  1 
ATOM   1165 C  CG  . ASP A 1 153 ? 8.678   -9.716  11.558  1.00 23.66 ? 153 ASP A CG  1 
ATOM   1166 O  OD1 . ASP A 1 153 ? 9.512   -10.391 12.191  1.00 20.92 ? 153 ASP A OD1 1 
ATOM   1167 O  OD2 . ASP A 1 153 ? 7.858   -8.958  12.118  1.00 23.50 ? 153 ASP A OD2 1 
ATOM   1168 N  N   . GLU A 1 154 ? 10.801  -12.644 10.409  1.00 22.34 ? 154 GLU A N   1 
ATOM   1169 C  CA  . GLU A 1 154 ? 10.775  -14.023 10.867  1.00 24.55 ? 154 GLU A CA  1 
ATOM   1170 C  C   . GLU A 1 154 ? 11.165  -14.201 12.333  1.00 23.17 ? 154 GLU A C   1 
ATOM   1171 O  O   . GLU A 1 154 ? 11.709  -15.228 12.723  1.00 23.11 ? 154 GLU A O   1 
ATOM   1172 C  CB  . GLU A 1 154 ? 11.634  -14.906 9.955   1.00 28.20 ? 154 GLU A CB  1 
ATOM   1173 C  CG  . GLU A 1 154 ? 12.974  -14.317 9.571   1.00 33.72 ? 154 GLU A CG  1 
ATOM   1174 C  CD  . GLU A 1 154 ? 13.596  -15.029 8.375   1.00 37.24 ? 154 GLU A CD  1 
ATOM   1175 O  OE1 . GLU A 1 154 ? 14.753  -14.714 8.037   1.00 39.05 ? 154 GLU A OE1 1 
ATOM   1176 O  OE2 . GLU A 1 154 ? 12.926  -15.895 7.771   1.00 38.77 ? 154 GLU A OE2 1 
ATOM   1177 N  N   . GLY A 1 155 ? 10.886  -13.182 13.139  1.00 20.84 ? 155 GLY A N   1 
ATOM   1178 C  CA  . GLY A 1 155 ? 11.161  -13.277 14.560  1.00 20.10 ? 155 GLY A CA  1 
ATOM   1179 C  C   . GLY A 1 155 ? 12.499  -12.829 15.113  1.00 20.29 ? 155 GLY A C   1 
ATOM   1180 O  O   . GLY A 1 155 ? 12.713  -12.961 16.310  1.00 17.43 ? 155 GLY A O   1 
ATOM   1181 N  N   . HIS A 1 156 ? 13.391  -12.302 14.277  1.00 19.60 ? 156 HIS A N   1 
ATOM   1182 C  CA  . HIS A 1 156 ? 14.694  -11.845 14.768  1.00 22.28 ? 156 HIS A CA  1 
ATOM   1183 C  C   . HIS A 1 156 ? 14.584  -10.454 15.373  1.00 22.25 ? 156 HIS A C   1 
ATOM   1184 O  O   . HIS A 1 156 ? 14.131  -9.520  14.717  1.00 22.87 ? 156 HIS A O   1 
ATOM   1185 C  CB  . HIS A 1 156 ? 15.725  -11.827 13.638  1.00 24.30 ? 156 HIS A CB  1 
ATOM   1186 C  CG  . HIS A 1 156 ? 16.098  -13.189 13.146  1.00 26.98 ? 156 HIS A CG  1 
ATOM   1187 N  ND1 . HIS A 1 156 ? 15.204  -14.018 12.500  1.00 29.31 ? 156 HIS A ND1 1 
ATOM   1188 C  CD2 . HIS A 1 156 ? 17.257  -13.881 13.233  1.00 27.57 ? 156 HIS A CD2 1 
ATOM   1189 C  CE1 . HIS A 1 156 ? 15.798  -15.161 12.212  1.00 28.71 ? 156 HIS A CE1 1 
ATOM   1190 N  NE2 . HIS A 1 156 ? 17.043  -15.105 12.645  1.00 30.34 ? 156 HIS A NE2 1 
ATOM   1191 N  N   . HIS A 1 157 ? 15.022  -10.314 16.621  1.00 21.30 ? 157 HIS A N   1 
ATOM   1192 C  CA  . HIS A 1 157 ? 14.941  -9.033  17.313  1.00 20.72 ? 157 HIS A CA  1 
ATOM   1193 C  C   . HIS A 1 157 ? 15.804  -9.114  18.576  1.00 19.33 ? 157 HIS A C   1 
ATOM   1194 O  O   . HIS A 1 157 ? 16.254  -10.194 18.946  1.00 17.24 ? 157 HIS A O   1 
ATOM   1195 C  CB  . HIS A 1 157 ? 13.474  -8.784  17.690  1.00 21.03 ? 157 HIS A CB  1 
ATOM   1196 C  CG  . HIS A 1 157 ? 13.183  -7.398  18.174  1.00 19.87 ? 157 HIS A CG  1 
ATOM   1197 N  ND1 . HIS A 1 157 ? 12.773  -7.133  19.463  1.00 23.07 ? 157 HIS A ND1 1 
ATOM   1198 C  CD2 . HIS A 1 157 ? 13.178  -6.209  17.526  1.00 18.39 ? 157 HIS A CD2 1 
ATOM   1199 C  CE1 . HIS A 1 157 ? 12.522  -5.842  19.587  1.00 18.66 ? 157 HIS A CE1 1 
ATOM   1200 N  NE2 . HIS A 1 157 ? 12.761  -5.259  18.426  1.00 20.10 ? 157 HIS A NE2 1 
ATOM   1201 N  N   . HIS A 1 158 ? 16.046  -7.975  19.220  1.00 18.11 ? 158 HIS A N   1 
ATOM   1202 C  CA  . HIS A 1 158 ? 16.812  -7.956  20.461  1.00 19.35 ? 158 HIS A CA  1 
ATOM   1203 C  C   . HIS A 1 158 ? 15.827  -8.287  21.591  1.00 19.76 ? 158 HIS A C   1 
ATOM   1204 O  O   . HIS A 1 158 ? 15.552  -7.447  22.449  1.00 18.31 ? 158 HIS A O   1 
ATOM   1205 C  CB  . HIS A 1 158 ? 17.421  -6.564  20.711  1.00 19.54 ? 158 HIS A CB  1 
ATOM   1206 C  CG  . HIS A 1 158 ? 18.559  -6.213  19.798  1.00 20.38 ? 158 HIS A CG  1 
ATOM   1207 N  ND1 . HIS A 1 158 ? 19.830  -6.726  19.955  1.00 22.48 ? 158 HIS A ND1 1 
ATOM   1208 C  CD2 . HIS A 1 158 ? 18.622  -5.377  18.734  1.00 20.60 ? 158 HIS A CD2 1 
ATOM   1209 C  CE1 . HIS A 1 158 ? 20.626  -6.219  19.029  1.00 19.73 ? 158 HIS A CE1 1 
ATOM   1210 N  NE2 . HIS A 1 158 ? 19.918  -5.399  18.274  1.00 24.88 ? 158 HIS A NE2 1 
ATOM   1211 N  N   . HIS A 1 159 ? 15.289  -9.506  21.588  1.00 19.60 ? 159 HIS A N   1 
ATOM   1212 C  CA  . HIS A 1 159 ? 14.324  -9.920  22.613  1.00 20.46 ? 159 HIS A CA  1 
ATOM   1213 C  C   . HIS A 1 159 ? 14.836  -9.798  24.049  1.00 21.49 ? 159 HIS A C   1 
ATOM   1214 O  O   . HIS A 1 159 ? 14.047  -9.663  24.988  1.00 19.69 ? 159 HIS A O   1 
ATOM   1215 C  CB  . HIS A 1 159 ? 13.876  -11.370 22.395  1.00 20.64 ? 159 HIS A CB  1 
ATOM   1216 C  CG  . HIS A 1 159 ? 13.180  -11.607 21.093  1.00 22.12 ? 159 HIS A CG  1 
ATOM   1217 N  ND1 . HIS A 1 159 ? 13.830  -12.091 19.977  1.00 22.24 ? 159 HIS A ND1 1 
ATOM   1218 C  CD2 . HIS A 1 159 ? 11.884  -11.454 20.735  1.00 20.38 ? 159 HIS A CD2 1 
ATOM   1219 C  CE1 . HIS A 1 159 ? 12.963  -12.230 18.990  1.00 21.17 ? 159 HIS A CE1 1 
ATOM   1220 N  NE2 . HIS A 1 159 ? 11.776  -11.850 19.424  1.00 19.50 ? 159 HIS A NE2 1 
ATOM   1221 N  N   . HIS A 1 160 ? 16.150  -9.865  24.227  1.00 20.93 ? 160 HIS A N   1 
ATOM   1222 C  CA  . HIS A 1 160 ? 16.731  -9.780  25.568  1.00 21.33 ? 160 HIS A CA  1 
ATOM   1223 C  C   . HIS A 1 160 ? 16.824  -8.379  26.174  1.00 21.79 ? 160 HIS A C   1 
ATOM   1224 O  O   . HIS A 1 160 ? 17.280  -8.227  27.300  1.00 20.43 ? 160 HIS A O   1 
ATOM   1225 C  CB  . HIS A 1 160 ? 18.116  -10.442 25.570  1.00 21.02 ? 160 HIS A CB  1 
ATOM   1226 C  CG  . HIS A 1 160 ? 19.009  -9.966  24.468  1.00 19.52 ? 160 HIS A CG  1 
ATOM   1227 N  ND1 . HIS A 1 160 ? 20.194  -9.303  24.700  1.00 21.99 ? 160 HIS A ND1 1 
ATOM   1228 C  CD2 . HIS A 1 160 ? 18.871  -10.033 23.122  1.00 16.93 ? 160 HIS A CD2 1 
ATOM   1229 C  CE1 . HIS A 1 160 ? 20.748  -8.979  23.544  1.00 17.25 ? 160 HIS A CE1 1 
ATOM   1230 N  NE2 . HIS A 1 160 ? 19.964  -9.409  22.572  1.00 21.96 ? 160 HIS A NE2 1 
ATOM   1231 N  N   . HIS A 1 161 ? 16.356  -7.360  25.468  1.00 20.68 ? 161 HIS A N   1 
ATOM   1232 C  CA  . HIS A 1 161 ? 16.466  -6.010  26.002  1.00 21.41 ? 161 HIS A CA  1 
ATOM   1233 C  C   . HIS A 1 161 ? 15.271  -5.639  26.816  1.00 21.29 ? 161 HIS A C   1 
ATOM   1234 O  O   . HIS A 1 161 ? 15.256  -4.574  27.389  1.00 22.23 ? 161 HIS A O   1 
ATOM   1235 C  CB  . HIS A 1 161 ? 16.694  -5.025  24.859  1.00 20.11 ? 161 HIS A CB  1 
ATOM   1236 C  CG  . HIS A 1 161 ? 18.042  -5.141  24.201  1.00 23.20 ? 161 HIS A CG  1 
ATOM   1237 N  ND1 . HIS A 1 161 ? 18.416  -4.387  23.112  1.00 21.86 ? 161 HIS A ND1 1 
ATOM   1238 C  CD2 . HIS A 1 161 ? 19.084  -5.968  24.455  1.00 22.64 ? 161 HIS A CD2 1 
ATOM   1239 C  CE1 . HIS A 1 161 ? 19.628  -4.745  22.716  1.00 25.08 ? 161 HIS A CE1 1 
ATOM   1240 N  NE2 . HIS A 1 161 ? 20.053  -5.703  23.519  1.00 23.40 ? 161 HIS A NE2 1 
HETATM 1241 S  S   . SO4 B 2 .   ? -1.885  -6.918  -21.045 1.00 50.29 ? 200 SO4 A S   1 
HETATM 1242 O  O1  . SO4 B 2 .   ? -0.946  -8.051  -20.939 1.00 47.85 ? 200 SO4 A O1  1 
HETATM 1243 O  O2  . SO4 B 2 .   ? -1.154  -5.741  -21.555 1.00 46.78 ? 200 SO4 A O2  1 
HETATM 1244 O  O3  . SO4 B 2 .   ? -2.963  -7.261  -21.991 1.00 49.24 ? 200 SO4 A O3  1 
HETATM 1245 O  O4  . SO4 B 2 .   ? -2.466  -6.610  -19.723 1.00 46.30 ? 200 SO4 A O4  1 
HETATM 1246 S  S   . SO4 C 2 .   ? -3.025  10.873  3.231   1.00 46.68 ? 201 SO4 A S   1 
HETATM 1247 O  O1  . SO4 C 2 .   ? -2.289  9.764   3.861   1.00 46.81 ? 201 SO4 A O1  1 
HETATM 1248 O  O2  . SO4 C 2 .   ? -2.088  11.989  2.999   1.00 48.86 ? 201 SO4 A O2  1 
HETATM 1249 O  O3  . SO4 C 2 .   ? -3.562  10.411  1.940   1.00 50.63 ? 201 SO4 A O3  1 
HETATM 1250 O  O4  . SO4 C 2 .   ? -4.130  11.326  4.096   1.00 45.47 ? 201 SO4 A O4  1 
HETATM 1251 O  O   . HOH D 3 .   ? 5.017   -6.487  8.802   1.00 13.54 ? 202 HOH A O   1 
HETATM 1252 O  O   . HOH D 3 .   ? -8.387  -4.216  8.276   1.00 15.74 ? 203 HOH A O   1 
HETATM 1253 O  O   . HOH D 3 .   ? -4.770  -0.426  -7.210  1.00 12.06 ? 204 HOH A O   1 
HETATM 1254 O  O   . HOH D 3 .   ? -9.287  5.038   16.778  1.00 12.85 ? 205 HOH A O   1 
HETATM 1255 O  O   . HOH D 3 .   ? -5.767  -7.190  -6.809  1.00 21.09 ? 206 HOH A O   1 
HETATM 1256 O  O   . HOH D 3 .   ? 0.117   -1.782  22.013  1.00 18.67 ? 207 HOH A O   1 
HETATM 1257 O  O   . HOH D 3 .   ? 2.861   2.036   -3.883  1.00 15.34 ? 208 HOH A O   1 
HETATM 1258 O  O   . HOH D 3 .   ? 2.510   8.169   -9.675  1.00 22.07 ? 209 HOH A O   1 
HETATM 1259 O  O   . HOH D 3 .   ? -13.549 8.180   12.345  1.00 18.11 ? 210 HOH A O   1 
HETATM 1260 O  O   . HOH D 3 .   ? -5.221  2.955   -18.141 1.00 19.39 ? 211 HOH A O   1 
HETATM 1261 O  O   . HOH D 3 .   ? 4.671   9.764   -10.287 1.00 20.05 ? 212 HOH A O   1 
HETATM 1262 O  O   . HOH D 3 .   ? 12.409  0.260   -4.452  1.00 24.38 ? 213 HOH A O   1 
HETATM 1263 O  O   . HOH D 3 .   ? -1.199  -8.283  -14.516 1.00 25.45 ? 214 HOH A O   1 
HETATM 1264 O  O   . HOH D 3 .   ? -13.962 2.184   -3.195  1.00 22.73 ? 215 HOH A O   1 
HETATM 1265 O  O   . HOH D 3 .   ? 0.195   -12.101 0.963   1.00 27.58 ? 216 HOH A O   1 
HETATM 1266 O  O   . HOH D 3 .   ? 13.270  -11.520 11.491  1.00 25.34 ? 217 HOH A O   1 
HETATM 1267 O  O   . HOH D 3 .   ? 6.724   4.033   -1.486  1.00 25.87 ? 218 HOH A O   1 
HETATM 1268 O  O   . HOH D 3 .   ? -7.973  11.611  12.178  1.00 35.75 ? 219 HOH A O   1 
HETATM 1269 O  O   . HOH D 3 .   ? -3.273  7.507   9.639   1.00 31.08 ? 220 HOH A O   1 
HETATM 1270 O  O   . HOH D 3 .   ? -6.673  5.129   3.877   1.00 23.49 ? 221 HOH A O   1 
HETATM 1271 O  O   . HOH D 3 .   ? -15.208 -5.767  -10.435 1.00 22.81 ? 222 HOH A O   1 
HETATM 1272 O  O   . HOH D 3 .   ? -19.181 -1.817  -5.393  1.00 23.02 ? 223 HOH A O   1 
HETATM 1273 O  O   . HOH D 3 .   ? 4.577   1.708   17.850  1.00 24.10 ? 224 HOH A O   1 
HETATM 1274 O  O   . HOH D 3 .   ? -13.547 -6.039  -3.985  1.00 28.52 ? 225 HOH A O   1 
HETATM 1275 O  O   . HOH D 3 .   ? 10.416  1.502   2.439   1.00 27.54 ? 226 HOH A O   1 
HETATM 1276 O  O   . HOH D 3 .   ? -0.095  4.152   1.361   1.00 22.63 ? 227 HOH A O   1 
HETATM 1277 O  O   . HOH D 3 .   ? 11.701  -17.748 13.392  1.00 23.69 ? 228 HOH A O   1 
HETATM 1278 O  O   . HOH D 3 .   ? 10.709  5.959   -10.721 1.00 29.06 ? 229 HOH A O   1 
HETATM 1279 O  O   . HOH D 3 .   ? 15.935  -5.139  17.916  1.00 36.41 ? 230 HOH A O   1 
HETATM 1280 O  O   . HOH D 3 .   ? 6.296   -12.865 4.741   1.00 26.00 ? 231 HOH A O   1 
HETATM 1281 O  O   . HOH D 3 .   ? 10.775  -9.076  21.888  1.00 26.68 ? 232 HOH A O   1 
HETATM 1282 O  O   . HOH D 3 .   ? -6.756  10.734  5.980   1.00 31.91 ? 233 HOH A O   1 
HETATM 1283 O  O   . HOH D 3 .   ? 10.858  0.858   -6.574  1.00 22.66 ? 234 HOH A O   1 
HETATM 1284 O  O   . HOH D 3 .   ? 12.214  -8.814  13.049  1.00 31.52 ? 235 HOH A O   1 
HETATM 1285 O  O   . HOH D 3 .   ? 9.417   6.835   -3.963  1.00 33.01 ? 236 HOH A O   1 
HETATM 1286 O  O   . HOH D 3 .   ? -15.503 10.025  0.880   1.00 42.52 ? 237 HOH A O   1 
HETATM 1287 O  O   . HOH D 3 .   ? 12.082  -2.291  0.211   1.00 24.05 ? 238 HOH A O   1 
HETATM 1288 O  O   . HOH D 3 .   ? -4.197  7.081   -2.979  1.00 25.81 ? 239 HOH A O   1 
HETATM 1289 O  O   . HOH D 3 .   ? 15.739  -2.200  7.235   1.00 32.74 ? 240 HOH A O   1 
HETATM 1290 O  O   . HOH D 3 .   ? 12.705  -4.623  13.304  1.00 35.32 ? 241 HOH A O   1 
HETATM 1291 O  O   . HOH D 3 .   ? -3.931  -9.338  -10.120 1.00 33.88 ? 242 HOH A O   1 
HETATM 1292 O  O   . HOH D 3 .   ? 16.641  -2.459  22.055  1.00 33.77 ? 243 HOH A O   1 
HETATM 1293 O  O   . HOH D 3 .   ? -22.495 2.143   -6.782  1.00 38.60 ? 244 HOH A O   1 
HETATM 1294 O  O   . HOH D 3 .   ? -0.373  13.409  -13.898 1.00 35.73 ? 245 HOH A O   1 
HETATM 1295 O  O   . HOH D 3 .   ? 7.905   -8.069  -6.599  1.00 27.35 ? 246 HOH A O   1 
HETATM 1296 O  O   . HOH D 3 .   ? 5.648   8.145   -7.152  1.00 29.37 ? 247 HOH A O   1 
HETATM 1297 O  O   . HOH D 3 .   ? 8.633   -5.427  -9.662  1.00 43.06 ? 248 HOH A O   1 
HETATM 1298 O  O   . HOH D 3 .   ? 6.351   4.988   22.608  1.00 40.70 ? 249 HOH A O   1 
HETATM 1299 O  O   . HOH D 3 .   ? 17.749  -6.632  29.461  1.00 30.33 ? 250 HOH A O   1 
HETATM 1300 O  O   . HOH D 3 .   ? -0.948  8.607   -16.676 1.00 34.03 ? 251 HOH A O   1 
HETATM 1301 O  O   . HOH D 3 .   ? -0.419  5.416   22.931  1.00 31.52 ? 252 HOH A O   1 
HETATM 1302 O  O   . HOH D 3 .   ? 3.782   -15.574 4.328   1.00 36.97 ? 253 HOH A O   1 
HETATM 1303 O  O   . HOH D 3 .   ? -19.695 -0.413  -13.066 1.00 49.24 ? 254 HOH A O   1 
HETATM 1304 O  O   . HOH D 3 .   ? 14.708  6.192   10.126  1.00 33.05 ? 255 HOH A O   1 
HETATM 1305 O  O   . HOH D 3 .   ? -10.803 12.205  3.154   1.00 28.92 ? 256 HOH A O   1 
HETATM 1306 O  O   . HOH D 3 .   ? 4.186   3.099   -17.384 1.00 45.12 ? 257 HOH A O   1 
HETATM 1307 O  O   . HOH D 3 .   ? -8.148  14.494  10.101  1.00 43.83 ? 258 HOH A O   1 
HETATM 1308 O  O   . HOH D 3 .   ? 10.257  18.743  -3.881  1.00 37.12 ? 259 HOH A O   1 
HETATM 1309 O  O   . HOH D 3 .   ? -11.436 11.302  13.583  1.00 38.96 ? 260 HOH A O   1 
HETATM 1310 O  O   . HOH D 3 .   ? -12.376 -8.566  -1.649  1.00 42.60 ? 261 HOH A O   1 
HETATM 1311 O  O   . HOH D 3 .   ? -16.788 -3.414  -12.590 1.00 34.46 ? 262 HOH A O   1 
HETATM 1312 O  O   . HOH D 3 .   ? -14.878 -9.477  -18.428 1.00 47.62 ? 263 HOH A O   1 
HETATM 1313 O  O   . HOH D 3 .   ? 0.314   4.238   -1.356  1.00 39.81 ? 264 HOH A O   1 
HETATM 1314 O  O   . HOH D 3 .   ? -4.214  0.612   30.416  1.00 45.96 ? 265 HOH A O   1 
HETATM 1315 O  O   . HOH D 3 .   ? 5.844   17.804  -5.958  1.00 37.45 ? 266 HOH A O   1 
HETATM 1316 O  O   . HOH D 3 .   ? -2.783  -7.929  -17.650 1.00 34.46 ? 267 HOH A O   1 
HETATM 1317 O  O   . HOH D 3 .   ? 11.994  0.031   -15.833 1.00 35.69 ? 268 HOH A O   1 
HETATM 1318 O  O   . HOH D 3 .   ? -13.726 13.558  0.316   1.00 45.38 ? 269 HOH A O   1 
HETATM 1319 O  O   . HOH D 3 .   ? 15.222  1.045   13.775  1.00 41.13 ? 270 HOH A O   1 
HETATM 1320 O  O   . HOH D 3 .   ? -0.730  7.618   -1.315  1.00 45.83 ? 271 HOH A O   1 
HETATM 1321 O  O   . HOH D 3 .   ? -6.764  6.205   -17.171 1.00 48.44 ? 272 HOH A O   1 
HETATM 1322 O  O   . HOH D 3 .   ? 13.405  -10.707 3.086   1.00 41.27 ? 273 HOH A O   1 
HETATM 1323 O  O   . HOH D 3 .   ? 13.465  9.254   -8.243  1.00 45.12 ? 274 HOH A O   1 
HETATM 1324 O  O   . HOH D 3 .   ? 4.602   9.449   7.060   1.00 46.97 ? 275 HOH A O   1 
HETATM 1325 O  O   . HOH D 3 .   ? 0.138   6.274   -4.170  1.00 35.48 ? 276 HOH A O   1 
HETATM 1326 O  O   . HOH D 3 .   ? -18.268 5.975   -11.201 1.00 44.74 ? 277 HOH A O   1 
HETATM 1327 O  O   . HOH D 3 .   ? 2.528   -1.303  29.711  1.00 48.43 ? 278 HOH A O   1 
HETATM 1328 O  O   . HOH D 3 .   ? 8.179   -5.074  -18.122 1.00 59.91 ? 279 HOH A O   1 
HETATM 1329 O  O   . HOH D 3 .   ? -23.970 7.496   -6.629  1.00 61.07 ? 280 HOH A O   1 
HETATM 1330 O  O   . HOH D 3 .   ? 15.248  1.928   20.789  1.00 55.38 ? 281 HOH A O   1 
HETATM 1331 O  O   . HOH D 3 .   ? 10.332  10.133  16.046  1.00 48.21 ? 282 HOH A O   1 
HETATM 1332 O  O   . HOH D 3 .   ? -14.187 -4.425  -14.950 1.00 38.72 ? 283 HOH A O   1 
HETATM 1333 O  O   . HOH D 3 .   ? 5.606   -7.696  11.436  1.00 15.34 ? 284 HOH A O   1 
HETATM 1334 O  O   . HOH D 3 .   ? -7.868  -9.349  -6.168  1.00 23.67 ? 285 HOH A O   1 
HETATM 1335 O  O   . HOH D 3 .   ? 15.510  -11.811 9.910   1.00 33.39 ? 286 HOH A O   1 
HETATM 1336 O  O   . HOH D 3 .   ? 3.988   3.975   -2.305  1.00 29.57 ? 287 HOH A O   1 
HETATM 1337 O  O   . HOH D 3 .   ? 6.304   -6.501  -11.809 1.00 35.17 ? 288 HOH A O   1 
HETATM 1338 O  O   . HOH D 3 .   ? 4.103   3.888   24.203  1.00 36.66 ? 289 HOH A O   1 
HETATM 1339 O  O   . HOH D 3 .   ? -4.754  9.549   -7.101  1.00 38.75 ? 290 HOH A O   1 
HETATM 1340 O  O   . HOH D 3 .   ? -12.153 -8.773  -4.242  1.00 32.78 ? 291 HOH A O   1 
HETATM 1341 O  O   . HOH D 3 .   ? 14.208  -6.215  14.862  1.00 42.92 ? 292 HOH A O   1 
HETATM 1342 O  O   . HOH D 3 .   ? 1.475   8.933   -7.192  1.00 30.22 ? 293 HOH A O   1 
HETATM 1343 O  O   . HOH D 3 .   ? 12.090  7.295   -12.491 1.00 41.98 ? 294 HOH A O   1 
HETATM 1344 O  O   . HOH D 3 .   ? 0.371   6.631   3.031   1.00 36.11 ? 295 HOH A O   1 
HETATM 1345 O  O   . HOH D 3 .   ? -15.780 11.806  -1.673  1.00 35.97 ? 296 HOH A O   1 
HETATM 1346 O  O   . HOH D 3 .   ? 16.070  -5.138  30.895  1.00 50.99 ? 297 HOH A O   1 
HETATM 1347 O  O   . HOH D 3 .   ? 12.703  -6.578  24.218  1.00 45.53 ? 298 HOH A O   1 
HETATM 1348 O  O   . HOH D 3 .   ? 3.481   1.285   30.287  1.00 44.07 ? 299 HOH A O   1 
HETATM 1349 O  O   . HOH D 3 .   ? 15.548  -4.686  -8.011  1.00 39.89 ? 300 HOH A O   1 
HETATM 1350 O  O   . HOH D 3 .   ? 14.361  -5.143  7.527   1.00 39.63 ? 301 HOH A O   1 
HETATM 1351 O  O   . HOH D 3 .   ? 1.950   5.756   24.441  1.00 38.93 ? 302 HOH A O   1 
HETATM 1352 O  O   . HOH D 3 .   ? -15.205 7.514   14.798  1.00 28.83 ? 303 HOH A O   1 
HETATM 1353 O  O   . HOH D 3 .   ? 9.394   3.935   2.013   1.00 40.38 ? 304 HOH A O   1 
HETATM 1354 O  O   . HOH D 3 .   ? 10.828  -9.134  24.592  1.00 38.58 ? 305 HOH A O   1 
HETATM 1355 O  O   . HOH D 3 .   ? 10.308  -0.716  -17.895 1.00 48.03 ? 306 HOH A O   1 
HETATM 1356 O  O   . HOH D 3 .   ? 13.138  0.233   21.633  1.00 38.57 ? 307 HOH A O   1 
HETATM 1357 O  O   . HOH D 3 .   ? 16.234  -3.830  15.636  1.00 51.95 ? 308 HOH A O   1 
HETATM 1358 O  O   . HOH D 3 .   ? -24.819 5.920   -4.776  1.00 44.05 ? 309 HOH A O   1 
HETATM 1359 O  O   . HOH D 3 .   ? 0.125   -15.007 2.044   1.00 41.75 ? 310 HOH A O   1 
HETATM 1360 O  O   . HOH D 3 .   ? -3.158  7.511   -17.441 1.00 37.33 ? 311 HOH A O   1 
HETATM 1361 O  O   . HOH D 3 .   ? -2.858  2.814   31.196  1.00 43.92 ? 312 HOH A O   1 
HETATM 1362 O  O   . HOH D 3 .   ? -9.989  -12.681 -17.224 1.00 39.37 ? 313 HOH A O   1 
HETATM 1363 O  O   . HOH D 3 .   ? 11.922  -8.330  0.997   1.00 44.34 ? 314 HOH A O   1 
HETATM 1364 O  O   . HOH D 3 .   ? 11.420  8.199   -6.940  1.00 46.14 ? 315 HOH A O   1 
HETATM 1365 O  O   . HOH D 3 .   ? -11.313 2.367   -16.528 1.00 47.22 ? 316 HOH A O   1 
HETATM 1366 O  O   . HOH D 3 .   ? -3.455  -1.934  31.849  1.00 42.04 ? 317 HOH A O   1 
HETATM 1367 O  O   . HOH D 3 .   ? 16.293  -7.884  12.955  1.00 45.94 ? 318 HOH A O   1 
HETATM 1368 O  O   . HOH D 3 .   ? -11.995 -3.696  -18.481 1.00 43.00 ? 319 HOH A O   1 
HETATM 1369 O  O   . HOH D 3 .   ? 15.568  7.004   7.008   1.00 49.36 ? 320 HOH A O   1 
HETATM 1370 O  O   . HOH D 3 .   ? 0.413   8.633   -18.795 1.00 38.04 ? 321 HOH A O   1 
HETATM 1371 O  O   . HOH D 3 .   ? 14.735  -1.948  23.852  1.00 44.93 ? 322 HOH A O   1 
HETATM 1372 O  O   . HOH D 3 .   ? 7.393   -0.956  -18.079 1.00 40.74 ? 323 HOH A O   1 
HETATM 1373 O  O   . HOH D 3 .   ? -14.179 10.256  -5.867  1.00 34.05 ? 324 HOH A O   1 
HETATM 1374 O  O   . HOH D 3 .   ? 14.280  -7.061  10.724  1.00 44.65 ? 325 HOH A O   1 
HETATM 1375 O  O   . HOH D 3 .   ? 7.259   6.524   -1.861  1.00 37.54 ? 326 HOH A O   1 
HETATM 1376 O  O   . HOH D 3 .   ? 4.729   4.383   2.518   1.00 52.75 ? 327 HOH A O   1 
HETATM 1377 O  O   . HOH D 3 .   ? 4.641   -5.991  -19.304 1.00 38.38 ? 328 HOH A O   1 
HETATM 1378 O  O   . HOH D 3 .   ? 17.865  -10.387 11.096  1.00 45.18 ? 329 HOH A O   1 
HETATM 1379 O  O   . HOH D 3 .   ? 14.705  -7.127  -6.848  1.00 52.28 ? 330 HOH A O   1 
HETATM 1380 O  O   . HOH D 3 .   ? -3.196  -11.386 -5.430  1.00 45.05 ? 331 HOH A O   1 
HETATM 1381 O  O   . HOH D 3 .   ? 2.820   1.651   25.502  1.00 48.68 ? 332 HOH A O   1 
HETATM 1382 O  O   . HOH D 3 .   ? -12.979 -12.752 -17.469 1.00 47.40 ? 333 HOH A O   1 
HETATM 1383 O  O   . HOH D 3 .   ? -7.369  11.773  -8.416  1.00 51.20 ? 334 HOH A O   1 
HETATM 1384 O  O   . HOH D 3 .   ? 11.965  -4.683  -10.104 1.00 52.49 ? 335 HOH A O   1 
HETATM 1385 O  O   . HOH D 3 .   ? -14.730 13.746  -11.462 1.00 51.37 ? 336 HOH A O   1 
HETATM 1386 O  O   . HOH D 3 .   ? 17.735  -3.118  27.465  1.00 47.46 ? 337 HOH A O   1 
HETATM 1387 O  O   . HOH D 3 .   ? 1.653   -2.623  23.932  1.00 57.46 ? 338 HOH A O   1 
HETATM 1388 O  O   . HOH D 3 .   ? -19.121 -4.083  -6.546  1.00 40.59 ? 339 HOH A O   1 
HETATM 1389 O  O   . HOH D 3 .   ? -20.841 -1.756  -3.446  1.00 37.76 ? 340 HOH A O   1 
HETATM 1390 O  O   . HOH D 3 .   ? -17.701 10.667  2.004   1.00 41.92 ? 341 HOH A O   1 
HETATM 1391 O  O   . HOH D 3 .   ? 13.274  -9.190  27.360  1.00 36.94 ? 342 HOH A O   1 
HETATM 1392 O  O   . HOH D 3 .   ? 14.292  -1.404  -15.271 1.00 41.85 ? 343 HOH A O   1 
HETATM 1393 O  O   . HOH D 3 .   ? -2.709  14.407  -7.425  1.00 44.46 ? 344 HOH A O   1 
# 
